data_7JLA
# 
_entry.id   7JLA 
# 
_audit_conform.dict_name       mmcif_pdbx.dic 
_audit_conform.dict_version    5.380 
_audit_conform.dict_location   http://mmcif.pdb.org/dictionaries/ascii/mmcif_pdbx.dic 
# 
loop_
_database_2.database_id 
_database_2.database_code 
_database_2.pdbx_database_accession 
_database_2.pdbx_DOI 
PDB   7JLA         pdb_00007jla 10.2210/pdb7jla/pdb 
WWPDB D_1000250905 ?            ?                   
# 
_pdbx_database_status.status_code                     REL 
_pdbx_database_status.status_code_sf                  REL 
_pdbx_database_status.status_code_mr                  ? 
_pdbx_database_status.entry_id                        7JLA 
_pdbx_database_status.recvd_initial_deposition_date   2020-07-29 
_pdbx_database_status.SG_entry                        N 
_pdbx_database_status.deposit_site                    RCSB 
_pdbx_database_status.process_site                    RCSB 
_pdbx_database_status.status_code_cs                  ? 
_pdbx_database_status.status_code_nmr_data            ? 
_pdbx_database_status.methods_development_category    ? 
_pdbx_database_status.pdb_format_compatible           Y 
# 
loop_
_audit_author.name 
_audit_author.pdbx_ordinal 
_audit_author.identifier_ORCID 
'Simmons, C.R.'      1 0000-0002-2290-6132 
'MacCulloch, T.'     2 0000-0001-5875-3361 
'Stephanopoulos, N.' 3 0000-0001-7859-410X 
'Yan, H.'            4 0000-0001-7397-9852 
# 
_citation.abstract                  ? 
_citation.abstract_id_CAS           ? 
_citation.book_id_ISBN              ? 
_citation.book_publisher            ? 
_citation.book_publisher_city       ? 
_citation.book_title                ? 
_citation.coordinate_linkage        ? 
_citation.country                   UK 
_citation.database_id_Medline       ? 
_citation.details                   ? 
_citation.id                        primary 
_citation.journal_abbrev            'Nat Commun' 
_citation.journal_id_ASTM           ? 
_citation.journal_id_CSD            ? 
_citation.journal_id_ISSN           2041-1723 
_citation.journal_full              ? 
_citation.journal_issue             ? 
_citation.journal_volume            13 
_citation.language                  ? 
_citation.page_first                3112 
_citation.page_last                 3112 
_citation.title                     'The influence of Holliday junction sequence and dynamics on DNA crystal self-assembly.' 
_citation.year                      2022 
_citation.database_id_CSD           ? 
_citation.pdbx_database_id_DOI      10.1038/s41467-022-30779-6 
_citation.pdbx_database_id_PubMed   35662248 
_citation.unpublished_flag          ? 
# 
loop_
_citation_author.citation_id 
_citation_author.name 
_citation_author.ordinal 
_citation_author.identifier_ORCID 
primary 'Simmons, C.R.'      1  ?                   
primary 'MacCulloch, T.'     2  ?                   
primary 'Krepl, M.'          3  0000-0002-9833-4281 
primary 'Matthies, M.'       4  ?                   
primary 'Buchberger, A.'     5  ?                   
primary 'Crawford, I.'       6  ?                   
primary 'Sponer, J.'         7  0000-0001-6558-6186 
primary 'Sulc, P.'           8  0000-0003-1565-6769 
primary 'Stephanopoulos, N.' 9  0000-0001-7859-410X 
primary 'Yan, H.'            10 0000-0001-7397-9852 
# 
_cell.angle_alpha                  90.000 
_cell.angle_alpha_esd              ? 
_cell.angle_beta                   90.000 
_cell.angle_beta_esd               ? 
_cell.angle_gamma                  120.000 
_cell.angle_gamma_esd              ? 
_cell.entry_id                     7JLA 
_cell.details                      ? 
_cell.formula_units_Z              ? 
_cell.length_a                     113.310 
_cell.length_a_esd                 ? 
_cell.length_b                     113.310 
_cell.length_b_esd                 ? 
_cell.length_c                     51.478 
_cell.length_c_esd                 ? 
_cell.volume                       ? 
_cell.volume_esd                   ? 
_cell.Z_PDB                        9 
_cell.reciprocal_angle_alpha       ? 
_cell.reciprocal_angle_beta        ? 
_cell.reciprocal_angle_gamma       ? 
_cell.reciprocal_angle_alpha_esd   ? 
_cell.reciprocal_angle_beta_esd    ? 
_cell.reciprocal_angle_gamma_esd   ? 
_cell.reciprocal_length_a          ? 
_cell.reciprocal_length_b          ? 
_cell.reciprocal_length_c          ? 
_cell.reciprocal_length_a_esd      ? 
_cell.reciprocal_length_b_esd      ? 
_cell.reciprocal_length_c_esd      ? 
_cell.pdbx_unique_axis             ? 
# 
_symmetry.entry_id                         7JLA 
_symmetry.cell_setting                     ? 
_symmetry.Int_Tables_number                146 
_symmetry.space_group_name_Hall            ? 
_symmetry.space_group_name_H-M             'H 3' 
_symmetry.pdbx_full_space_group_name_H-M   ? 
# 
loop_
_entity.id 
_entity.type 
_entity.src_method 
_entity.pdbx_description 
_entity.formula_weight 
_entity.pdbx_number_of_molecules 
_entity.pdbx_ec 
_entity.pdbx_mutation 
_entity.pdbx_fragment 
_entity.details 
1 polymer     syn 
;DNA (5'-D(*GP*AP*AP*CP*GP*AP*CP*AP*GP*TP*GP*AP*CP*GP*CP*CP*GP*AP*CP*TP*C)-3')
;
6442.175 1 ? ? ? ? 
2 polymer     syn 
;DNA (5'-D(*TP*CP*GP*AP*GP*TP*CP*G)-3')
;
2442.616 1 ? ? ? ? 
3 polymer     syn 
;DNA (5'-D(P*CP*TP*GP*TP*CP*GP*T)-3')
;
2104.396 1 ? ? ? ? 
4 polymer     syn 
;DNA (5'-D(P*GP*CP*GP*TP*CP*A)-3')
;
1809.218 1 ? ? ? ? 
5 non-polymer syn 'CACODYLATE ION'                                                                136.989  2 ? ? ? ? 
# 
loop_
_entity_poly.entity_id 
_entity_poly.type 
_entity_poly.nstd_linkage 
_entity_poly.nstd_monomer 
_entity_poly.pdbx_seq_one_letter_code 
_entity_poly.pdbx_seq_one_letter_code_can 
_entity_poly.pdbx_strand_id 
_entity_poly.pdbx_target_identifier 
1 polydeoxyribonucleotide no no 
;(DG)(DA)(DA)(DC)(DG)(DA)(DC)(DA)(DG)(DT)(DG)(DA)(DC)(DG)(DC)(DC)(DG)(DA)(DC)(DT)
(DC)
;
GAACGACAGTGACGCCGACTC B ? 
2 polydeoxyribonucleotide no no '(DT)(DC)(DG)(DA)(DG)(DT)(DC)(DG)'                                                      TCGAGTCG C 
? 
3 polydeoxyribonucleotide no no '(DC)(DT)(DG)(DT)(DC)(DG)(DT)'                                                          CTGTCGT D 
? 
4 polydeoxyribonucleotide no no '(DG)(DC)(DG)(DT)(DC)(DA)'                                                              GCGTCA A ? 
# 
loop_
_entity_poly_seq.entity_id 
_entity_poly_seq.num 
_entity_poly_seq.mon_id 
_entity_poly_seq.hetero 
1 1  DG n 
1 2  DA n 
1 3  DA n 
1 4  DC n 
1 5  DG n 
1 6  DA n 
1 7  DC n 
1 8  DA n 
1 9  DG n 
1 10 DT n 
1 11 DG n 
1 12 DA n 
1 13 DC n 
1 14 DG n 
1 15 DC n 
1 16 DC n 
1 17 DG n 
1 18 DA n 
1 19 DC n 
1 20 DT n 
1 21 DC n 
2 1  DT n 
2 2  DC n 
2 3  DG n 
2 4  DA n 
2 5  DG n 
2 6  DT n 
2 7  DC n 
2 8  DG n 
3 1  DC n 
3 2  DT n 
3 3  DG n 
3 4  DT n 
3 5  DC n 
3 6  DG n 
3 7  DT n 
4 1  DG n 
4 2  DC n 
4 3  DG n 
4 4  DT n 
4 5  DC n 
4 6  DA n 
# 
loop_
_pdbx_entity_src_syn.entity_id 
_pdbx_entity_src_syn.pdbx_src_id 
_pdbx_entity_src_syn.pdbx_alt_source_flag 
_pdbx_entity_src_syn.pdbx_beg_seq_num 
_pdbx_entity_src_syn.pdbx_end_seq_num 
_pdbx_entity_src_syn.organism_scientific 
_pdbx_entity_src_syn.organism_common_name 
_pdbx_entity_src_syn.ncbi_taxonomy_id 
_pdbx_entity_src_syn.details 
1 1 sample 1 21 'synthetic construct' ? 32630 ? 
2 1 sample 1 8  'synthetic construct' ? 32630 ? 
3 1 sample 1 7  'synthetic construct' ? 32630 ? 
4 1 sample 1 6  'synthetic construct' ? 32630 ? 
# 
loop_
_struct_ref.id 
_struct_ref.db_name 
_struct_ref.db_code 
_struct_ref.pdbx_db_accession 
_struct_ref.pdbx_db_isoform 
_struct_ref.entity_id 
_struct_ref.pdbx_seq_one_letter_code 
_struct_ref.pdbx_align_begin 
1 PDB 7JLA 7JLA ? 1 ? 1 
2 PDB 7JLA 7JLA ? 2 ? 1 
3 PDB 7JLA 7JLA ? 3 ? 1 
4 PDB 7JLA 7JLA ? 4 ? 1 
# 
loop_
_struct_ref_seq.align_id 
_struct_ref_seq.ref_id 
_struct_ref_seq.pdbx_PDB_id_code 
_struct_ref_seq.pdbx_strand_id 
_struct_ref_seq.seq_align_beg 
_struct_ref_seq.pdbx_seq_align_beg_ins_code 
_struct_ref_seq.seq_align_end 
_struct_ref_seq.pdbx_seq_align_end_ins_code 
_struct_ref_seq.pdbx_db_accession 
_struct_ref_seq.db_align_beg 
_struct_ref_seq.pdbx_db_align_beg_ins_code 
_struct_ref_seq.db_align_end 
_struct_ref_seq.pdbx_db_align_end_ins_code 
_struct_ref_seq.pdbx_auth_seq_align_beg 
_struct_ref_seq.pdbx_auth_seq_align_end 
1 1 7JLA B 1 ? 21 ? 7JLA 7  ? 27 ? 7  27 
2 2 7JLA C 1 ? 8  ? 7JLA 28 ? 35 ? 28 35 
3 3 7JLA D 1 ? 7  ? 7JLA 36 ? 42 ? 36 42 
4 4 7JLA A 1 ? 6  ? 7JLA 1  ? 6  ? 1  6  
# 
loop_
_chem_comp.id 
_chem_comp.type 
_chem_comp.mon_nstd_flag 
_chem_comp.name 
_chem_comp.pdbx_synonyms 
_chem_comp.formula 
_chem_comp.formula_weight 
CAC non-polymer   . 'CACODYLATE ION'                     dimethylarsinate 'C2 H6 As O2 -1'  136.989 
DA  'DNA linking' y "2'-DEOXYADENOSINE-5'-MONOPHOSPHATE" ?                'C10 H14 N5 O6 P' 331.222 
DC  'DNA linking' y "2'-DEOXYCYTIDINE-5'-MONOPHOSPHATE"  ?                'C9 H14 N3 O7 P'  307.197 
DG  'DNA linking' y "2'-DEOXYGUANOSINE-5'-MONOPHOSPHATE" ?                'C10 H14 N5 O7 P' 347.221 
DT  'DNA linking' y "THYMIDINE-5'-MONOPHOSPHATE"         ?                'C10 H15 N2 O8 P' 322.208 
# 
_exptl.absorpt_coefficient_mu     ? 
_exptl.absorpt_correction_T_max   ? 
_exptl.absorpt_correction_T_min   ? 
_exptl.absorpt_correction_type    ? 
_exptl.absorpt_process_details    ? 
_exptl.entry_id                   7JLA 
_exptl.crystals_number            1 
_exptl.details                    ? 
_exptl.method                     'X-RAY DIFFRACTION' 
_exptl.method_details             ? 
# 
_exptl_crystal.colour                      ? 
_exptl_crystal.density_diffrn              ? 
_exptl_crystal.density_Matthews            4.97 
_exptl_crystal.density_method              ? 
_exptl_crystal.density_percent_sol         75.25 
_exptl_crystal.description                 ? 
_exptl_crystal.F_000                       ? 
_exptl_crystal.id                          1 
_exptl_crystal.preparation                 ? 
_exptl_crystal.size_max                    ? 
_exptl_crystal.size_mid                    ? 
_exptl_crystal.size_min                    ? 
_exptl_crystal.size_rad                    ? 
_exptl_crystal.colour_lustre               ? 
_exptl_crystal.colour_modifier             ? 
_exptl_crystal.colour_primary              ? 
_exptl_crystal.density_meas                ? 
_exptl_crystal.density_meas_esd            ? 
_exptl_crystal.density_meas_gt             ? 
_exptl_crystal.density_meas_lt             ? 
_exptl_crystal.density_meas_temp           ? 
_exptl_crystal.density_meas_temp_esd       ? 
_exptl_crystal.density_meas_temp_gt        ? 
_exptl_crystal.density_meas_temp_lt        ? 
_exptl_crystal.pdbx_crystal_image_url      ? 
_exptl_crystal.pdbx_crystal_image_format   ? 
_exptl_crystal.pdbx_mosaicity              ? 
_exptl_crystal.pdbx_mosaicity_esd          ? 
# 
_exptl_crystal_grow.apparatus       ? 
_exptl_crystal_grow.atmosphere      ? 
_exptl_crystal_grow.crystal_id      1 
_exptl_crystal_grow.details         ? 
_exptl_crystal_grow.method          'VAPOR DIFFUSION, SITTING DROP' 
_exptl_crystal_grow.method_ref      ? 
_exptl_crystal_grow.pH              ? 
_exptl_crystal_grow.pressure        ? 
_exptl_crystal_grow.pressure_esd    ? 
_exptl_crystal_grow.seeding         ? 
_exptl_crystal_grow.seeding_ref     ? 
_exptl_crystal_grow.temp            298 
_exptl_crystal_grow.temp_details    'temperature gradient generated from 60 to 25 C at 0.3 degrees per hour' 
_exptl_crystal_grow.temp_esd        ? 
_exptl_crystal_grow.time            ? 
_exptl_crystal_grow.pdbx_details    
;0.5 mL of 0.05 M Cacodylate pH 7.0 with 18 mM MgCl2, 2.25 mM spermine, 0.9 mM CoH18N6, and 4.5% MPD was added to the reservoir with 2 uL added to the drop containing 4 uL of DNA stock
;
_exptl_crystal_grow.pdbx_pH_range   ? 
# 
_diffrn.ambient_environment              ? 
_diffrn.ambient_temp                     100 
_diffrn.ambient_temp_details             ? 
_diffrn.ambient_temp_esd                 ? 
_diffrn.crystal_id                       1 
_diffrn.crystal_support                  ? 
_diffrn.crystal_treatment                ? 
_diffrn.details                          ? 
_diffrn.id                               1 
_diffrn.ambient_pressure                 ? 
_diffrn.ambient_pressure_esd             ? 
_diffrn.ambient_pressure_gt              ? 
_diffrn.ambient_pressure_lt              ? 
_diffrn.ambient_temp_gt                  ? 
_diffrn.ambient_temp_lt                  ? 
_diffrn.pdbx_serial_crystal_experiment   N 
# 
_diffrn_detector.details                      ? 
_diffrn_detector.detector                     PIXEL 
_diffrn_detector.diffrn_id                    1 
_diffrn_detector.type                         'DECTRIS EIGER X 9M' 
_diffrn_detector.area_resol_mean              ? 
_diffrn_detector.dtime                        ? 
_diffrn_detector.pdbx_frames_total            ? 
_diffrn_detector.pdbx_collection_time_total   ? 
_diffrn_detector.pdbx_collection_date         2019-06-15 
_diffrn_detector.pdbx_frequency               ? 
# 
_diffrn_radiation.collimation                      ? 
_diffrn_radiation.diffrn_id                        1 
_diffrn_radiation.filter_edge                      ? 
_diffrn_radiation.inhomogeneity                    ? 
_diffrn_radiation.monochromator                    ? 
_diffrn_radiation.polarisn_norm                    ? 
_diffrn_radiation.polarisn_ratio                   ? 
_diffrn_radiation.probe                            ? 
_diffrn_radiation.type                             ? 
_diffrn_radiation.xray_symbol                      ? 
_diffrn_radiation.wavelength_id                    1 
_diffrn_radiation.pdbx_monochromatic_or_laue_m_l   M 
_diffrn_radiation.pdbx_wavelength_list             ? 
_diffrn_radiation.pdbx_wavelength                  ? 
_diffrn_radiation.pdbx_diffrn_protocol             'SINGLE WAVELENGTH' 
_diffrn_radiation.pdbx_analyzer                    ? 
_diffrn_radiation.pdbx_scattering_type             x-ray 
# 
_diffrn_radiation_wavelength.id           1 
_diffrn_radiation_wavelength.wavelength   1 
_diffrn_radiation_wavelength.wt           1.0 
# 
_diffrn_source.current                     ? 
_diffrn_source.details                     ? 
_diffrn_source.diffrn_id                   1 
_diffrn_source.power                       ? 
_diffrn_source.size                        ? 
_diffrn_source.source                      SYNCHROTRON 
_diffrn_source.target                      ? 
_diffrn_source.type                        'NSLS-II BEAMLINE 17-ID-2' 
_diffrn_source.voltage                     ? 
_diffrn_source.take-off_angle              ? 
_diffrn_source.pdbx_wavelength_list        1 
_diffrn_source.pdbx_wavelength             ? 
_diffrn_source.pdbx_synchrotron_beamline   17-ID-2 
_diffrn_source.pdbx_synchrotron_site       NSLS-II 
# 
_reflns.B_iso_Wilson_estimate            56.370 
_reflns.entry_id                         7JLA 
_reflns.data_reduction_details           ? 
_reflns.data_reduction_method            ? 
_reflns.d_resolution_high                2.987 
_reflns.d_resolution_low                 50.000 
_reflns.details                          ? 
_reflns.limit_h_max                      ? 
_reflns.limit_h_min                      ? 
_reflns.limit_k_max                      ? 
_reflns.limit_k_min                      ? 
_reflns.limit_l_max                      ? 
_reflns.limit_l_min                      ? 
_reflns.number_all                       ? 
_reflns.number_obs                       4978 
_reflns.observed_criterion               ? 
_reflns.observed_criterion_F_max         ? 
_reflns.observed_criterion_F_min         ? 
_reflns.observed_criterion_I_max         ? 
_reflns.observed_criterion_I_min         ? 
_reflns.observed_criterion_sigma_F       ? 
_reflns.observed_criterion_sigma_I       ? 
_reflns.percent_possible_obs             99.500 
_reflns.R_free_details                   ? 
_reflns.Rmerge_F_all                     ? 
_reflns.Rmerge_F_obs                     ? 
_reflns.Friedel_coverage                 ? 
_reflns.number_gt                        ? 
_reflns.threshold_expression             ? 
_reflns.pdbx_redundancy                  9.700 
_reflns.pdbx_Rmerge_I_obs                0.086 
_reflns.pdbx_Rmerge_I_all                ? 
_reflns.pdbx_Rsym_value                  ? 
_reflns.pdbx_netI_over_av_sigmaI         ? 
_reflns.pdbx_netI_over_sigmaI            7.000 
_reflns.pdbx_res_netI_over_av_sigmaI_2   ? 
_reflns.pdbx_res_netI_over_sigmaI_2      ? 
_reflns.pdbx_chi_squared                 1.367 
_reflns.pdbx_scaling_rejects             ? 
_reflns.pdbx_d_res_high_opt              ? 
_reflns.pdbx_d_res_low_opt               ? 
_reflns.pdbx_d_res_opt_method            ? 
_reflns.phase_calculation_details        ? 
_reflns.pdbx_Rrim_I_all                  0.090 
_reflns.pdbx_Rpim_I_all                  0.029 
_reflns.pdbx_d_opt                       ? 
_reflns.pdbx_number_measured_all         ? 
_reflns.pdbx_diffrn_id                   1 
_reflns.pdbx_ordinal                     1 
_reflns.pdbx_CC_half                     1 
_reflns.pdbx_CC_star                     ? 
_reflns.pdbx_R_split                     ? 
# 
loop_
_reflns_shell.d_res_high 
_reflns_shell.d_res_low 
_reflns_shell.meanI_over_sigI_all 
_reflns_shell.meanI_over_sigI_obs 
_reflns_shell.number_measured_all 
_reflns_shell.number_measured_obs 
_reflns_shell.number_possible 
_reflns_shell.number_unique_all 
_reflns_shell.number_unique_obs 
_reflns_shell.percent_possible_all 
_reflns_shell.percent_possible_obs 
_reflns_shell.Rmerge_F_all 
_reflns_shell.Rmerge_F_obs 
_reflns_shell.Rmerge_I_all 
_reflns_shell.Rmerge_I_obs 
_reflns_shell.meanI_over_sigI_gt 
_reflns_shell.meanI_over_uI_all 
_reflns_shell.meanI_over_uI_gt 
_reflns_shell.number_measured_gt 
_reflns_shell.number_unique_gt 
_reflns_shell.percent_possible_gt 
_reflns_shell.Rmerge_F_gt 
_reflns_shell.Rmerge_I_gt 
_reflns_shell.pdbx_redundancy 
_reflns_shell.pdbx_Rsym_value 
_reflns_shell.pdbx_chi_squared 
_reflns_shell.pdbx_netI_over_sigmaI_all 
_reflns_shell.pdbx_netI_over_sigmaI_obs 
_reflns_shell.pdbx_Rrim_I_all 
_reflns_shell.pdbx_Rpim_I_all 
_reflns_shell.pdbx_rejects 
_reflns_shell.pdbx_ordinal 
_reflns_shell.pdbx_diffrn_id 
_reflns_shell.pdbx_CC_half 
_reflns_shell.pdbx_CC_star 
_reflns_shell.pdbx_R_split 
3.000 3.050  ? ? ? ? ? ? 231 92.800  ? ? ? ? 0.663 ? ? ? ? ? ? ? ? 7.500  ? 0.358 ? ? 0.706 0.236 ? 1  1 0.825 ? ? 
3.050 3.110  ? ? ? ? ? ? 253 98.100  ? ? ? ? 0.354 ? ? ? ? ? ? ? ? 7.400  ? 0.409 ? ? 0.378 0.130 ? 2  1 0.977 ? ? 
3.110 3.170  ? ? ? ? ? ? 236 99.600  ? ? ? ? 0.201 ? ? ? ? ? ? ? ? 7.600  ? 0.516 ? ? 0.214 0.074 ? 3  1 0.995 ? ? 
3.170 3.230  ? ? ? ? ? ? 273 100.000 ? ? ? ? 0.105 ? ? ? ? ? ? ? ? 8.200  ? 0.682 ? ? 0.112 0.038 ? 4  1 0.996 ? ? 
3.230 3.300  ? ? ? ? ? ? 231 100.000 ? ? ? ? 0.158 ? ? ? ? ? ? ? ? 9.400  ? 0.681 ? ? 0.167 0.053 ? 5  1 0.997 ? ? 
3.300 3.380  ? ? ? ? ? ? 269 100.000 ? ? ? ? 0.113 ? ? ? ? ? ? ? ? 9.200  ? 0.738 ? ? 0.120 0.040 ? 6  1 0.996 ? ? 
3.380 3.460  ? ? ? ? ? ? 232 100.000 ? ? ? ? 0.109 ? ? ? ? ? ? ? ? 9.000  ? 0.764 ? ? 0.116 0.040 ? 7  1 0.998 ? ? 
3.460 3.560  ? ? ? ? ? ? 244 100.000 ? ? ? ? 0.105 ? ? ? ? ? ? ? ? 10.200 ? 0.758 ? ? 0.111 0.035 ? 8  1 0.998 ? ? 
3.560 3.660  ? ? ? ? ? ? 264 100.000 ? ? ? ? 0.137 ? ? ? ? ? ? ? ? 10.300 ? 0.763 ? ? 0.144 0.045 ? 9  1 0.997 ? ? 
3.660 3.780  ? ? ? ? ? ? 249 100.000 ? ? ? ? 0.180 ? ? ? ? ? ? ? ? 10.100 ? 1.158 ? ? 0.190 0.059 ? 10 1 0.989 ? ? 
3.780 3.910  ? ? ? ? ? ? 253 100.000 ? ? ? ? 0.159 ? ? ? ? ? ? ? ? 10.800 ? 0.871 ? ? 0.167 0.051 ? 11 1 0.993 ? ? 
3.910 4.070  ? ? ? ? ? ? 239 100.000 ? ? ? ? 0.122 ? ? ? ? ? ? ? ? 10.700 ? 1.132 ? ? 0.129 0.039 ? 12 1 0.993 ? ? 
4.070 4.260  ? ? ? ? ? ? 257 100.000 ? ? ? ? 0.110 ? ? ? ? ? ? ? ? 10.600 ? 1.181 ? ? 0.115 0.036 ? 13 1 0.995 ? ? 
4.260 4.480  ? ? ? ? ? ? 248 100.000 ? ? ? ? 0.114 ? ? ? ? ? ? ? ? 10.400 ? 1.239 ? ? 0.120 0.037 ? 14 1 0.994 ? ? 
4.480 4.760  ? ? ? ? ? ? 250 100.000 ? ? ? ? 0.104 ? ? ? ? ? ? ? ? 10.700 ? 1.059 ? ? 0.110 0.034 ? 15 1 0.996 ? ? 
4.760 5.130  ? ? ? ? ? ? 245 100.000 ? ? ? ? 0.091 ? ? ? ? ? ? ? ? 10.300 ? 2.542 ? ? 0.096 0.030 ? 16 1 0.993 ? ? 
5.130 5.640  ? ? ? ? ? ? 263 100.000 ? ? ? ? 0.070 ? ? ? ? ? ? ? ? 9.700  ? 2.192 ? ? 0.075 0.024 ? 17 1 0.996 ? ? 
5.640 6.460  ? ? ? ? ? ? 237 100.000 ? ? ? ? 0.071 ? ? ? ? ? ? ? ? 9.500  ? 1.727 ? ? 0.076 0.025 ? 18 1 0.992 ? ? 
6.460 8.130  ? ? ? ? ? ? 256 100.000 ? ? ? ? 0.058 ? ? ? ? ? ? ? ? 10.300 ? 2.022 ? ? 0.061 0.019 ? 19 1 0.998 ? ? 
8.130 50.000 ? ? ? ? ? ? 248 100.000 ? ? ? ? 0.063 ? ? ? ? ? ? ? ? 11.300 ? 5.014 ? ? 0.066 0.021 ? 20 1 0.995 ? ? 
# 
_refine.aniso_B[1][1]                            ? 
_refine.aniso_B[1][2]                            ? 
_refine.aniso_B[1][3]                            ? 
_refine.aniso_B[2][2]                            ? 
_refine.aniso_B[2][3]                            ? 
_refine.aniso_B[3][3]                            ? 
_refine.B_iso_max                                143.940 
_refine.B_iso_mean                               78.6164 
_refine.B_iso_min                                22.380 
_refine.correlation_coeff_Fo_to_Fc               ? 
_refine.correlation_coeff_Fo_to_Fc_free          ? 
_refine.details                                  ? 
_refine.diff_density_max                         ? 
_refine.diff_density_max_esd                     ? 
_refine.diff_density_min                         ? 
_refine.diff_density_min_esd                     ? 
_refine.diff_density_rms                         ? 
_refine.diff_density_rms_esd                     ? 
_refine.entry_id                                 7JLA 
_refine.pdbx_refine_id                           'X-RAY DIFFRACTION' 
_refine.ls_abs_structure_details                 ? 
_refine.ls_abs_structure_Flack                   ? 
_refine.ls_abs_structure_Flack_esd               ? 
_refine.ls_abs_structure_Rogers                  ? 
_refine.ls_abs_structure_Rogers_esd              ? 
_refine.ls_d_res_high                            3.00 
_refine.ls_d_res_low                             35.5160 
_refine.ls_extinction_coef                       ? 
_refine.ls_extinction_coef_esd                   ? 
_refine.ls_extinction_expression                 ? 
_refine.ls_extinction_method                     ? 
_refine.ls_goodness_of_fit_all                   ? 
_refine.ls_goodness_of_fit_all_esd               ? 
_refine.ls_goodness_of_fit_obs                   ? 
_refine.ls_goodness_of_fit_obs_esd               ? 
_refine.ls_hydrogen_treatment                    ? 
_refine.ls_matrix_type                           ? 
_refine.ls_number_constraints                    ? 
_refine.ls_number_parameters                     ? 
_refine.ls_number_reflns_all                     ? 
_refine.ls_number_reflns_obs                     4876 
_refine.ls_number_reflns_R_free                  244 
_refine.ls_number_reflns_R_work                  4632 
_refine.ls_number_restraints                     ? 
_refine.ls_percent_reflns_obs                    97.4200 
_refine.ls_percent_reflns_R_free                 5.0000 
_refine.ls_R_factor_all                          ? 
_refine.ls_R_factor_obs                          0.2200 
_refine.ls_R_factor_R_free                       0.2536 
_refine.ls_R_factor_R_free_error                 ? 
_refine.ls_R_factor_R_free_error_details         ? 
_refine.ls_R_factor_R_work                       0.2180 
_refine.ls_R_Fsqd_factor_obs                     ? 
_refine.ls_R_I_factor_obs                        ? 
_refine.ls_redundancy_reflns_all                 ? 
_refine.ls_redundancy_reflns_obs                 ? 
_refine.ls_restrained_S_all                      ? 
_refine.ls_restrained_S_obs                      ? 
_refine.ls_shift_over_esd_max                    ? 
_refine.ls_shift_over_esd_mean                   ? 
_refine.ls_structure_factor_coef                 ? 
_refine.ls_weighting_details                     ? 
_refine.ls_weighting_scheme                      ? 
_refine.ls_wR_factor_all                         ? 
_refine.ls_wR_factor_obs                         ? 
_refine.ls_wR_factor_R_free                      ? 
_refine.ls_wR_factor_R_work                      ? 
_refine.occupancy_max                            ? 
_refine.occupancy_min                            ? 
_refine.solvent_model_details                    'FLAT BULK SOLVENT MODEL' 
_refine.solvent_model_param_bsol                 ? 
_refine.solvent_model_param_ksol                 ? 
_refine.pdbx_R_complete                          ? 
_refine.ls_R_factor_gt                           ? 
_refine.ls_goodness_of_fit_gt                    ? 
_refine.ls_goodness_of_fit_ref                   ? 
_refine.ls_shift_over_su_max                     ? 
_refine.ls_shift_over_su_max_lt                  ? 
_refine.ls_shift_over_su_mean                    ? 
_refine.ls_shift_over_su_mean_lt                 ? 
_refine.pdbx_ls_sigma_I                          ? 
_refine.pdbx_ls_sigma_F                          2.010 
_refine.pdbx_ls_sigma_Fsqd                       ? 
_refine.pdbx_data_cutoff_high_absF               ? 
_refine.pdbx_data_cutoff_high_rms_absF           ? 
_refine.pdbx_data_cutoff_low_absF                ? 
_refine.pdbx_isotropic_thermal_model             ? 
_refine.pdbx_ls_cross_valid_method               THROUGHOUT 
_refine.pdbx_method_to_determine_struct          'MOLECULAR REPLACEMENT' 
_refine.pdbx_starting_model                      5VY6 
_refine.pdbx_stereochemistry_target_values       ML 
_refine.pdbx_R_Free_selection_details            ? 
_refine.pdbx_stereochem_target_val_spec_case     ? 
_refine.pdbx_overall_ESU_R                       ? 
_refine.pdbx_overall_ESU_R_Free                  ? 
_refine.pdbx_solvent_vdw_probe_radii             1.1100 
_refine.pdbx_solvent_ion_probe_radii             ? 
_refine.pdbx_solvent_shrinkage_radii             0.9000 
_refine.pdbx_real_space_R                        ? 
_refine.pdbx_density_correlation                 ? 
_refine.pdbx_pd_number_of_powder_patterns        ? 
_refine.pdbx_pd_number_of_points                 ? 
_refine.pdbx_pd_meas_number_of_points            ? 
_refine.pdbx_pd_proc_ls_prof_R_factor            ? 
_refine.pdbx_pd_proc_ls_prof_wR_factor           ? 
_refine.pdbx_pd_Marquardt_correlation_coeff      ? 
_refine.pdbx_pd_Fsqrd_R_factor                   ? 
_refine.pdbx_pd_ls_matrix_band_width             ? 
_refine.pdbx_overall_phase_error                 27.3900 
_refine.pdbx_overall_SU_R_free_Cruickshank_DPI   ? 
_refine.pdbx_overall_SU_R_free_Blow_DPI          ? 
_refine.pdbx_overall_SU_R_Blow_DPI               ? 
_refine.pdbx_TLS_residual_ADP_flag               ? 
_refine.pdbx_diffrn_id                           1 
_refine.overall_SU_B                             ? 
_refine.overall_SU_ML                            0.3900 
_refine.overall_SU_R_Cruickshank_DPI             ? 
_refine.overall_SU_R_free                        ? 
_refine.overall_FOM_free_R_set                   ? 
_refine.overall_FOM_work_R_set                   ? 
_refine.pdbx_average_fsc_overall                 ? 
_refine.pdbx_average_fsc_work                    ? 
_refine.pdbx_average_fsc_free                    ? 
# 
_refine_hist.pdbx_refine_id                   'X-RAY DIFFRACTION' 
_refine_hist.cycle_id                         final 
_refine_hist.details                          ? 
_refine_hist.d_res_high                       3.00 
_refine_hist.d_res_low                        35.5160 
_refine_hist.number_atoms_solvent             0 
_refine_hist.number_atoms_total               857 
_refine_hist.number_reflns_all                ? 
_refine_hist.number_reflns_obs                ? 
_refine_hist.number_reflns_R_free             ? 
_refine_hist.number_reflns_R_work             ? 
_refine_hist.R_factor_all                     ? 
_refine_hist.R_factor_obs                     ? 
_refine_hist.R_factor_R_free                  ? 
_refine_hist.R_factor_R_work                  ? 
_refine_hist.pdbx_number_residues_total       42 
_refine_hist.pdbx_B_iso_mean_ligand           124.22 
_refine_hist.pdbx_B_iso_mean_solvent          ? 
_refine_hist.pdbx_number_atoms_protein        0 
_refine_hist.pdbx_number_atoms_nucleic_acid   855 
_refine_hist.pdbx_number_atoms_ligand         2 
_refine_hist.pdbx_number_atoms_lipid          ? 
_refine_hist.pdbx_number_atoms_carb           ? 
_refine_hist.pdbx_pseudo_atom_details         ? 
# 
loop_
_refine_ls_restr.pdbx_refine_id 
_refine_ls_restr.criterion 
_refine_ls_restr.dev_ideal 
_refine_ls_restr.dev_ideal_target 
_refine_ls_restr.number 
_refine_ls_restr.rejects 
_refine_ls_restr.type 
_refine_ls_restr.weight 
_refine_ls_restr.pdbx_restraint_function 
'X-RAY DIFFRACTION' ? 0.005  ? 956  ? f_bond_d           ? ? 
'X-RAY DIFFRACTION' ? 0.737  ? 1467 ? f_angle_d          ? ? 
'X-RAY DIFFRACTION' ? 0.045  ? 166  ? f_chiral_restr     ? ? 
'X-RAY DIFFRACTION' ? 0.005  ? 42   ? f_plane_restr      ? ? 
'X-RAY DIFFRACTION' ? 33.836 ? 406  ? f_dihedral_angle_d ? ? 
# 
loop_
_refine_ls_shell.pdbx_refine_id 
_refine_ls_shell.d_res_high 
_refine_ls_shell.d_res_low 
_refine_ls_shell.number_reflns_all 
_refine_ls_shell.number_reflns_obs 
_refine_ls_shell.number_reflns_R_free 
_refine_ls_shell.number_reflns_R_work 
_refine_ls_shell.percent_reflns_obs 
_refine_ls_shell.percent_reflns_R_free 
_refine_ls_shell.R_factor_all 
_refine_ls_shell.R_factor_obs 
_refine_ls_shell.R_factor_R_free 
_refine_ls_shell.R_factor_R_free_error 
_refine_ls_shell.R_factor_R_work 
_refine_ls_shell.redundancy_reflns_all 
_refine_ls_shell.redundancy_reflns_obs 
_refine_ls_shell.wR_factor_all 
_refine_ls_shell.wR_factor_obs 
_refine_ls_shell.wR_factor_R_free 
_refine_ls_shell.wR_factor_R_work 
_refine_ls_shell.pdbx_R_complete 
_refine_ls_shell.pdbx_total_number_of_bins_used 
_refine_ls_shell.pdbx_phase_error 
_refine_ls_shell.pdbx_fsc_work 
_refine_ls_shell.pdbx_fsc_free 
'X-RAY DIFFRACTION' 3.00   3.7629 . . 118 2265 95.0000  . . . 0.3309 0.0000 0.2721 . . . . . . . . . . . 
'X-RAY DIFFRACTION' 3.7629 35.516 . . 126 2367 100.0000 . . . 0.2284 0.0000 0.1977 . . . . . . . . . . . 
# 
_struct.entry_id                     7JLA 
_struct.title                        
;Self-assembly of a 3D DNA crystal lattice (4x6 scramble duplex version) containing the J16 immobile Holliday junction with R3 symmetry
;
_struct.pdbx_model_details           ? 
_struct.pdbx_formula_weight          ? 
_struct.pdbx_formula_weight_method   ? 
_struct.pdbx_model_type_details      ? 
_struct.pdbx_CASP_flag               N 
# 
_struct_keywords.entry_id        7JLA 
_struct_keywords.text            
'Structural DNA nanotechnology, immobile Holliday junctions, 3D DNA self-assembly, designer DNA crystals, DNA' 
_struct_keywords.pdbx_keywords   DNA 
# 
loop_
_struct_asym.id 
_struct_asym.pdbx_blank_PDB_chainid_flag 
_struct_asym.pdbx_modified 
_struct_asym.entity_id 
_struct_asym.details 
A N N 1 ? 
B N N 2 ? 
C N N 3 ? 
D N N 4 ? 
E N N 5 ? 
F N N 5 ? 
# 
loop_
_struct_conn.id 
_struct_conn.conn_type_id 
_struct_conn.pdbx_leaving_atom_flag 
_struct_conn.pdbx_PDB_id 
_struct_conn.ptnr1_label_asym_id 
_struct_conn.ptnr1_label_comp_id 
_struct_conn.ptnr1_label_seq_id 
_struct_conn.ptnr1_label_atom_id 
_struct_conn.pdbx_ptnr1_label_alt_id 
_struct_conn.pdbx_ptnr1_PDB_ins_code 
_struct_conn.pdbx_ptnr1_standard_comp_id 
_struct_conn.ptnr1_symmetry 
_struct_conn.ptnr2_label_asym_id 
_struct_conn.ptnr2_label_comp_id 
_struct_conn.ptnr2_label_seq_id 
_struct_conn.ptnr2_label_atom_id 
_struct_conn.pdbx_ptnr2_label_alt_id 
_struct_conn.pdbx_ptnr2_PDB_ins_code 
_struct_conn.ptnr1_auth_asym_id 
_struct_conn.ptnr1_auth_comp_id 
_struct_conn.ptnr1_auth_seq_id 
_struct_conn.ptnr2_auth_asym_id 
_struct_conn.ptnr2_auth_comp_id 
_struct_conn.ptnr2_auth_seq_id 
_struct_conn.ptnr2_symmetry 
_struct_conn.pdbx_ptnr3_label_atom_id 
_struct_conn.pdbx_ptnr3_label_seq_id 
_struct_conn.pdbx_ptnr3_label_comp_id 
_struct_conn.pdbx_ptnr3_label_asym_id 
_struct_conn.pdbx_ptnr3_label_alt_id 
_struct_conn.pdbx_ptnr3_PDB_ins_code 
_struct_conn.details 
_struct_conn.pdbx_dist_value 
_struct_conn.pdbx_value_order 
_struct_conn.pdbx_role 
hydrog1  hydrog ? ? A DA 3  N1 ? ? ? 1_555 C DT 7 N3 ? ? B DA 9  D DT 42 1_555 ? ? ? ? ? ? WATSON-CRICK ? ? ? 
hydrog2  hydrog ? ? A DA 3  N6 ? ? ? 1_555 C DT 7 O4 ? ? B DA 9  D DT 42 1_555 ? ? ? ? ? ? WATSON-CRICK ? ? ? 
hydrog3  hydrog ? ? A DC 4  N3 ? ? ? 1_555 C DG 6 N1 ? ? B DC 10 D DG 41 1_555 ? ? ? ? ? ? WATSON-CRICK ? ? ? 
hydrog4  hydrog ? ? A DC 4  N4 ? ? ? 1_555 C DG 6 O6 ? ? B DC 10 D DG 41 1_555 ? ? ? ? ? ? WATSON-CRICK ? ? ? 
hydrog5  hydrog ? ? A DC 4  O2 ? ? ? 1_555 C DG 6 N2 ? ? B DC 10 D DG 41 1_555 ? ? ? ? ? ? WATSON-CRICK ? ? ? 
hydrog6  hydrog ? ? A DG 5  N1 ? ? ? 1_555 C DC 5 N3 ? ? B DG 11 D DC 40 1_555 ? ? ? ? ? ? WATSON-CRICK ? ? ? 
hydrog7  hydrog ? ? A DG 5  N2 ? ? ? 1_555 C DC 5 O2 ? ? B DG 11 D DC 40 1_555 ? ? ? ? ? ? WATSON-CRICK ? ? ? 
hydrog8  hydrog ? ? A DG 5  O6 ? ? ? 1_555 C DC 5 N4 ? ? B DG 11 D DC 40 1_555 ? ? ? ? ? ? WATSON-CRICK ? ? ? 
hydrog9  hydrog ? ? A DA 6  N1 ? ? ? 1_555 C DT 4 N3 ? ? B DA 12 D DT 39 1_555 ? ? ? ? ? ? WATSON-CRICK ? ? ? 
hydrog10 hydrog ? ? A DA 6  N6 ? ? ? 1_555 C DT 4 O4 ? ? B DA 12 D DT 39 1_555 ? ? ? ? ? ? WATSON-CRICK ? ? ? 
hydrog11 hydrog ? ? A DC 7  N3 ? ? ? 1_555 C DG 3 N1 ? ? B DC 13 D DG 38 1_555 ? ? ? ? ? ? WATSON-CRICK ? ? ? 
hydrog12 hydrog ? ? A DC 7  N4 ? ? ? 1_555 C DG 3 O6 ? ? B DC 13 D DG 38 1_555 ? ? ? ? ? ? WATSON-CRICK ? ? ? 
hydrog13 hydrog ? ? A DC 7  O2 ? ? ? 1_555 C DG 3 N2 ? ? B DC 13 D DG 38 1_555 ? ? ? ? ? ? WATSON-CRICK ? ? ? 
hydrog14 hydrog ? ? A DA 8  N1 ? ? ? 1_555 C DT 2 N3 ? ? B DA 14 D DT 37 1_555 ? ? ? ? ? ? WATSON-CRICK ? ? ? 
hydrog15 hydrog ? ? A DA 8  N6 ? ? ? 1_555 C DT 2 O4 ? ? B DA 14 D DT 37 1_555 ? ? ? ? ? ? WATSON-CRICK ? ? ? 
hydrog16 hydrog ? ? A DG 9  N1 ? ? ? 1_555 C DC 1 N3 ? ? B DG 15 D DC 36 1_555 ? ? ? ? ? ? WATSON-CRICK ? ? ? 
hydrog17 hydrog ? ? A DG 9  N2 ? ? ? 1_555 C DC 1 O2 ? ? B DG 15 D DC 36 1_555 ? ? ? ? ? ? WATSON-CRICK ? ? ? 
hydrog18 hydrog ? ? A DG 9  O6 ? ? ? 1_555 C DC 1 N4 ? ? B DG 15 D DC 36 1_555 ? ? ? ? ? ? WATSON-CRICK ? ? ? 
hydrog19 hydrog ? ? A DT 10 N3 ? ? ? 1_555 D DA 6 N1 ? ? B DT 16 A DA 6  1_555 ? ? ? ? ? ? WATSON-CRICK ? ? ? 
hydrog20 hydrog ? ? A DT 10 O4 ? ? ? 1_555 D DA 6 N6 ? ? B DT 16 A DA 6  1_555 ? ? ? ? ? ? WATSON-CRICK ? ? ? 
hydrog21 hydrog ? ? A DG 11 N1 ? ? ? 1_555 D DC 5 N3 ? ? B DG 17 A DC 5  1_555 ? ? ? ? ? ? WATSON-CRICK ? ? ? 
hydrog22 hydrog ? ? A DG 11 N2 ? ? ? 1_555 D DC 5 O2 ? ? B DG 17 A DC 5  1_555 ? ? ? ? ? ? WATSON-CRICK ? ? ? 
hydrog23 hydrog ? ? A DG 11 O6 ? ? ? 1_555 D DC 5 N4 ? ? B DG 17 A DC 5  1_555 ? ? ? ? ? ? WATSON-CRICK ? ? ? 
hydrog24 hydrog ? ? A DA 12 N1 ? ? ? 1_555 D DT 4 N3 ? ? B DA 18 A DT 4  1_555 ? ? ? ? ? ? WATSON-CRICK ? ? ? 
hydrog25 hydrog ? ? A DA 12 N6 ? ? ? 1_555 D DT 4 O4 ? ? B DA 18 A DT 4  1_555 ? ? ? ? ? ? WATSON-CRICK ? ? ? 
hydrog26 hydrog ? ? A DC 13 N3 ? ? ? 1_555 D DG 3 N1 ? ? B DC 19 A DG 3  1_555 ? ? ? ? ? ? WATSON-CRICK ? ? ? 
hydrog27 hydrog ? ? A DC 13 N4 ? ? ? 1_555 D DG 3 O6 ? ? B DC 19 A DG 3  1_555 ? ? ? ? ? ? WATSON-CRICK ? ? ? 
hydrog28 hydrog ? ? A DC 13 O2 ? ? ? 1_555 D DG 3 N2 ? ? B DC 19 A DG 3  1_555 ? ? ? ? ? ? WATSON-CRICK ? ? ? 
hydrog29 hydrog ? ? A DG 14 N1 ? ? ? 1_555 D DC 2 N3 ? ? B DG 20 A DC 2  1_555 ? ? ? ? ? ? WATSON-CRICK ? ? ? 
hydrog30 hydrog ? ? A DG 14 N2 ? ? ? 1_555 D DC 2 O2 ? ? B DG 20 A DC 2  1_555 ? ? ? ? ? ? WATSON-CRICK ? ? ? 
hydrog31 hydrog ? ? A DG 14 O6 ? ? ? 1_555 D DC 2 N4 ? ? B DG 20 A DC 2  1_555 ? ? ? ? ? ? WATSON-CRICK ? ? ? 
hydrog32 hydrog ? ? A DC 15 N3 ? ? ? 1_555 D DG 1 N1 ? ? B DC 21 A DG 1  1_555 ? ? ? ? ? ? WATSON-CRICK ? ? ? 
hydrog33 hydrog ? ? A DC 15 N4 ? ? ? 1_555 D DG 1 O6 ? ? B DC 21 A DG 1  1_555 ? ? ? ? ? ? WATSON-CRICK ? ? ? 
hydrog34 hydrog ? ? A DC 15 O2 ? ? ? 1_555 D DG 1 N2 ? ? B DC 21 A DG 1  1_555 ? ? ? ? ? ? WATSON-CRICK ? ? ? 
hydrog35 hydrog ? ? A DC 16 N3 ? ? ? 1_555 B DG 8 N1 ? ? B DC 22 C DG 35 1_555 ? ? ? ? ? ? WATSON-CRICK ? ? ? 
hydrog36 hydrog ? ? A DC 16 N4 ? ? ? 1_555 B DG 8 O6 ? ? B DC 22 C DG 35 1_555 ? ? ? ? ? ? WATSON-CRICK ? ? ? 
hydrog37 hydrog ? ? A DC 16 O2 ? ? ? 1_555 B DG 8 N2 ? ? B DC 22 C DG 35 1_555 ? ? ? ? ? ? WATSON-CRICK ? ? ? 
hydrog38 hydrog ? ? A DG 17 N1 ? ? ? 1_555 B DC 7 N3 ? ? B DG 23 C DC 34 1_555 ? ? ? ? ? ? WATSON-CRICK ? ? ? 
hydrog39 hydrog ? ? A DG 17 N2 ? ? ? 1_555 B DC 7 O2 ? ? B DG 23 C DC 34 1_555 ? ? ? ? ? ? WATSON-CRICK ? ? ? 
hydrog40 hydrog ? ? A DG 17 O6 ? ? ? 1_555 B DC 7 N4 ? ? B DG 23 C DC 34 1_555 ? ? ? ? ? ? WATSON-CRICK ? ? ? 
hydrog41 hydrog ? ? A DA 18 N1 ? ? ? 1_555 B DT 6 N3 ? ? B DA 24 C DT 33 1_555 ? ? ? ? ? ? WATSON-CRICK ? ? ? 
hydrog42 hydrog ? ? A DA 18 N6 ? ? ? 1_555 B DT 6 O4 ? ? B DA 24 C DT 33 1_555 ? ? ? ? ? ? WATSON-CRICK ? ? ? 
hydrog43 hydrog ? ? A DC 19 N3 ? ? ? 1_555 B DG 5 N1 ? ? B DC 25 C DG 32 1_555 ? ? ? ? ? ? WATSON-CRICK ? ? ? 
hydrog44 hydrog ? ? A DC 19 N4 ? ? ? 1_555 B DG 5 O6 ? ? B DC 25 C DG 32 1_555 ? ? ? ? ? ? WATSON-CRICK ? ? ? 
hydrog45 hydrog ? ? A DC 19 O2 ? ? ? 1_555 B DG 5 N2 ? ? B DC 25 C DG 32 1_555 ? ? ? ? ? ? WATSON-CRICK ? ? ? 
hydrog46 hydrog ? ? A DT 20 N3 ? ? ? 1_555 B DA 4 N1 ? ? B DT 26 C DA 31 1_555 ? ? ? ? ? ? WATSON-CRICK ? ? ? 
hydrog47 hydrog ? ? A DT 20 O4 ? ? ? 1_555 B DA 4 N6 ? ? B DT 26 C DA 31 1_555 ? ? ? ? ? ? WATSON-CRICK ? ? ? 
hydrog48 hydrog ? ? A DC 21 N3 ? ? ? 1_555 B DG 3 N1 ? ? B DC 27 C DG 30 1_555 ? ? ? ? ? ? WATSON-CRICK ? ? ? 
hydrog49 hydrog ? ? A DC 21 N4 ? ? ? 1_555 B DG 3 O6 ? ? B DC 27 C DG 30 1_555 ? ? ? ? ? ? WATSON-CRICK ? ? ? 
hydrog50 hydrog ? ? A DC 21 O2 ? ? ? 1_555 B DG 3 N2 ? ? B DC 27 C DG 30 1_555 ? ? ? ? ? ? WATSON-CRICK ? ? ? 
# 
_struct_conn_type.id          hydrog 
_struct_conn_type.criteria    ? 
_struct_conn_type.reference   ? 
# 
_atom_sites.entry_id                    7JLA 
_atom_sites.Cartn_transf_matrix[1][1]   ? 
_atom_sites.Cartn_transf_matrix[1][2]   ? 
_atom_sites.Cartn_transf_matrix[1][3]   ? 
_atom_sites.Cartn_transf_matrix[2][1]   ? 
_atom_sites.Cartn_transf_matrix[2][2]   ? 
_atom_sites.Cartn_transf_matrix[2][3]   ? 
_atom_sites.Cartn_transf_matrix[3][1]   ? 
_atom_sites.Cartn_transf_matrix[3][2]   ? 
_atom_sites.Cartn_transf_matrix[3][3]   ? 
_atom_sites.Cartn_transf_vector[1]      ? 
_atom_sites.Cartn_transf_vector[2]      ? 
_atom_sites.Cartn_transf_vector[3]      ? 
_atom_sites.fract_transf_matrix[1][1]   -0.00692001 
_atom_sites.fract_transf_matrix[1][2]   0.00307112 
_atom_sites.fract_transf_matrix[1][3]   0.00682065 
_atom_sites.fract_transf_matrix[2][1]   0.00292356 
_atom_sites.fract_transf_matrix[2][2]   0.00533204 
_atom_sites.fract_transf_matrix[2][3]   0.00817794 
_atom_sites.fract_transf_matrix[3][1]   -0.00243054 
_atom_sites.fract_transf_matrix[3][2]   0.01653084 
_atom_sites.fract_transf_matrix[3][3]   -0.00990925 
_atom_sites.fract_transf_vector[1]      -0.014966 
_atom_sites.fract_transf_vector[2]      0.249988 
_atom_sites.fract_transf_vector[3]      0.094520 
_atom_sites.solution_primary            ? 
_atom_sites.solution_secondary          ? 
_atom_sites.solution_hydrogens          ? 
_atom_sites.special_details             ? 
# 
loop_
_atom_type.symbol 
AS 
C  
H  
N  
O  
P  
# 
loop_
_atom_site.group_PDB 
_atom_site.id 
_atom_site.type_symbol 
_atom_site.label_atom_id 
_atom_site.label_alt_id 
_atom_site.label_comp_id 
_atom_site.label_asym_id 
_atom_site.label_entity_id 
_atom_site.label_seq_id 
_atom_site.pdbx_PDB_ins_code 
_atom_site.Cartn_x 
_atom_site.Cartn_y 
_atom_site.Cartn_z 
_atom_site.occupancy 
_atom_site.B_iso_or_equiv 
_atom_site.pdbx_formal_charge 
_atom_site.auth_seq_id 
_atom_site.auth_comp_id 
_atom_site.auth_asym_id 
_atom_site.auth_atom_id 
_atom_site.pdbx_PDB_model_num 
ATOM   1    O  "O5'"  . DG  A 1 1  ? 27.597  -18.247 -9.564  1.00 119.82 ? 7   DG  B "O5'"  1 
ATOM   2    C  "C5'"  . DG  A 1 1  ? 28.985  -18.340 -9.863  1.00 116.83 ? 7   DG  B "C5'"  1 
ATOM   3    C  "C4'"  . DG  A 1 1  ? 29.300  -17.691 -11.197 1.00 114.94 ? 7   DG  B "C4'"  1 
ATOM   4    O  "O4'"  . DG  A 1 1  ? 28.765  -18.508 -12.267 1.00 113.62 ? 7   DG  B "O4'"  1 
ATOM   5    C  "C3'"  . DG  A 1 1  ? 28.698  -16.296 -11.382 1.00 111.45 ? 7   DG  B "C3'"  1 
ATOM   6    O  "O3'"  . DG  A 1 1  ? 29.722  -15.314 -11.441 1.00 112.18 ? 7   DG  B "O3'"  1 
ATOM   7    C  "C2'"  . DG  A 1 1  ? 27.898  -16.377 -12.687 1.00 105.17 ? 7   DG  B "C2'"  1 
ATOM   8    C  "C1'"  . DG  A 1 1  ? 28.352  -17.680 -13.324 1.00 97.19  ? 7   DG  B "C1'"  1 
ATOM   9    N  N9     . DG  A 1 1  ? 27.302  -18.370 -14.076 1.00 78.41  ? 7   DG  B N9     1 
ATOM   10   C  C8     . DG  A 1 1  ? 26.580  -19.466 -13.670 1.00 84.36  ? 7   DG  B C8     1 
ATOM   11   N  N7     . DG  A 1 1  ? 25.709  -19.872 -14.552 1.00 83.27  ? 7   DG  B N7     1 
ATOM   12   C  C5     . DG  A 1 1  ? 25.860  -18.988 -15.613 1.00 81.84  ? 7   DG  B C5     1 
ATOM   13   C  C6     . DG  A 1 1  ? 25.181  -18.931 -16.855 1.00 79.65  ? 7   DG  B C6     1 
ATOM   14   O  O6     . DG  A 1 1  ? 24.284  -19.676 -17.275 1.00 73.33  ? 7   DG  B O6     1 
ATOM   15   N  N1     . DG  A 1 1  ? 25.639  -17.879 -17.646 1.00 71.54  ? 7   DG  B N1     1 
ATOM   16   C  C2     . DG  A 1 1  ? 26.627  -16.993 -17.281 1.00 85.42  ? 7   DG  B C2     1 
ATOM   17   N  N2     . DG  A 1 1  ? 26.934  -16.042 -18.179 1.00 82.93  ? 7   DG  B N2     1 
ATOM   18   N  N3     . DG  A 1 1  ? 27.272  -17.036 -16.119 1.00 88.31  ? 7   DG  B N3     1 
ATOM   19   C  C4     . DG  A 1 1  ? 26.838  -18.056 -15.337 1.00 79.41  ? 7   DG  B C4     1 
ATOM   20   H  "H5'"  . DG  A 1 1  ? 29.241  -19.275 -9.895  1.00 140.35 ? 7   DG  B "H5'"  1 
ATOM   21   H  "H5''" . DG  A 1 1  ? 29.492  -17.896 -9.165  1.00 140.35 ? 7   DG  B "H5''" 1 
ATOM   22   H  "H4'"  . DG  A 1 1  ? 30.262  -17.633 -11.299 1.00 138.08 ? 7   DG  B "H4'"  1 
ATOM   23   H  "H3'"  . DG  A 1 1  ? 28.100  -16.099 -10.645 1.00 133.89 ? 7   DG  B "H3'"  1 
ATOM   24   H  "H2'"  . DG  A 1 1  ? 26.947  -16.403 -12.501 1.00 126.36 ? 7   DG  B "H2'"  1 
ATOM   25   H  "H2''" . DG  A 1 1  ? 28.112  -15.626 -13.263 1.00 126.36 ? 7   DG  B "H2''" 1 
ATOM   26   H  "H1'"  . DG  A 1 1  ? 29.106  -17.507 -13.910 1.00 116.78 ? 7   DG  B "H1'"  1 
ATOM   27   H  H8     . DG  A 1 1  ? 26.702  -19.881 -12.846 1.00 101.38 ? 7   DG  B H8     1 
ATOM   28   H  H1     . DG  A 1 1  ? 25.277  -17.775 -18.419 1.00 86.00  ? 7   DG  B H1     1 
ATOM   29   H  H21    . DG  A 1 1  ? 27.546  -15.464 -18.000 1.00 99.67  ? 7   DG  B H21    1 
ATOM   30   H  H22    . DG  A 1 1  ? 26.519  -16.011 -18.932 1.00 99.67  ? 7   DG  B H22    1 
ATOM   31   H  "HO5'" . DG  A 1 1  ? 27.213  -18.870 -9.152  1.00 143.94 ? 7   DG  B "HO5'" 1 
ATOM   32   P  P      . DA  A 1 2  ? 29.359  -13.766 -11.212 1.00 127.49 ? 8   DA  B P      1 
ATOM   33   O  OP1    . DA  A 1 2  ? 30.632  -13.015 -11.129 1.00 137.25 ? 8   DA  B OP1    1 
ATOM   34   O  OP2    . DA  A 1 2  ? 28.383  -13.695 -10.102 1.00 109.13 ? 8   DA  B OP2    1 
ATOM   35   O  "O5'"  . DA  A 1 2  ? 28.604  -13.352 -12.559 1.00 102.04 ? 8   DA  B "O5'"  1 
ATOM   36   C  "C5'"  . DA  A 1 2  ? 28.041  -12.057 -12.687 1.00 111.36 ? 8   DA  B "C5'"  1 
ATOM   37   C  "C4'"  . DA  A 1 2  ? 28.080  -11.594 -14.132 1.00 106.13 ? 8   DA  B "C4'"  1 
ATOM   38   O  "O4'"  . DA  A 1 2  ? 27.761  -12.707 -15.003 1.00 89.53  ? 8   DA  B "O4'"  1 
ATOM   39   C  "C3'"  . DA  A 1 2  ? 27.083  -10.502 -14.481 1.00 111.93 ? 8   DA  B "C3'"  1 
ATOM   40   O  "O3'"  . DA  A 1 2  ? 27.617  -9.628  -15.468 1.00 110.50 ? 8   DA  B "O3'"  1 
ATOM   41   C  "C2'"  . DA  A 1 2  ? 25.864  -11.270 -14.983 1.00 101.45 ? 8   DA  B "C2'"  1 
ATOM   42   C  "C1'"  . DA  A 1 2  ? 26.437  -12.590 -15.498 1.00 95.48  ? 8   DA  B "C1'"  1 
ATOM   43   N  N9     . DA  A 1 2  ? 25.678  -13.763 -15.070 1.00 94.32  ? 8   DA  B N9     1 
ATOM   44   C  C8     . DA  A 1 2  ? 25.771  -14.405 -13.869 1.00 97.90  ? 8   DA  B C8     1 
ATOM   45   N  N7     . DA  A 1 2  ? 24.972  -15.441 -13.757 1.00 88.05  ? 8   DA  B N7     1 
ATOM   46   C  C5     . DA  A 1 2  ? 24.305  -15.479 -14.968 1.00 79.00  ? 8   DA  B C5     1 
ATOM   47   C  C6     . DA  A 1 2  ? 23.316  -16.343 -15.479 1.00 78.12  ? 8   DA  B C6     1 
ATOM   48   N  N6     . DA  A 1 2  ? 22.816  -17.377 -14.793 1.00 79.30  ? 8   DA  B N6     1 
ATOM   49   N  N1     . DA  A 1 2  ? 22.862  -16.103 -16.726 1.00 69.20  ? 8   DA  B N1     1 
ATOM   50   C  C2     . DA  A 1 2  ? 23.365  -15.067 -17.408 1.00 74.87  ? 8   DA  B C2     1 
ATOM   51   N  N3     . DA  A 1 2  ? 24.294  -14.187 -17.034 1.00 76.58  ? 8   DA  B N3     1 
ATOM   52   C  C4     . DA  A 1 2  ? 24.728  -14.452 -15.791 1.00 83.98  ? 8   DA  B C4     1 
ATOM   53   H  "H5'"  . DA  A 1 2  ? 28.544  -11.434 -12.140 1.00 133.78 ? 8   DA  B "H5'"  1 
ATOM   54   H  "H5''" . DA  A 1 2  ? 27.120  -12.077 -12.384 1.00 133.78 ? 8   DA  B "H5''" 1 
ATOM   55   H  "H4'"  . DA  A 1 2  ? 28.974  -11.281 -14.337 1.00 127.51 ? 8   DA  B "H4'"  1 
ATOM   56   H  "H3'"  . DA  A 1 2  ? 26.851  -10.000 -13.684 1.00 134.47 ? 8   DA  B "H3'"  1 
ATOM   57   H  "H2'"  . DA  A 1 2  ? 25.243  -11.431 -14.256 1.00 121.89 ? 8   DA  B "H2'"  1 
ATOM   58   H  "H2''" . DA  A 1 2  ? 25.431  -10.785 -15.703 1.00 121.89 ? 8   DA  B "H2''" 1 
ATOM   59   H  "H1'"  . DA  A 1 2  ? 26.462  -12.566 -16.467 1.00 114.73 ? 8   DA  B "H1'"  1 
ATOM   60   H  H8     . DA  A 1 2  ? 26.353  -14.137 -13.195 1.00 117.63 ? 8   DA  B H8     1 
ATOM   61   H  H61    . DA  A 1 2  ? 22.213  -17.877 -15.149 1.00 95.32  ? 8   DA  B H61    1 
ATOM   62   H  H62    . DA  A 1 2  ? 23.098  -17.542 -13.997 1.00 95.32  ? 8   DA  B H62    1 
ATOM   63   H  H2     . DA  A 1 2  ? 23.018  -14.943 -18.262 1.00 90.00  ? 8   DA  B H2     1 
ATOM   64   P  P      . DA  A 1 3  ? 26.731  -8.415  -16.037 1.00 124.07 ? 9   DA  B P      1 
ATOM   65   O  OP1    . DA  A 1 3  ? 27.657  -7.332  -16.430 1.00 127.61 ? 9   DA  B OP1    1 
ATOM   66   O  OP2    . DA  A 1 3  ? 25.650  -8.150  -15.059 1.00 113.53 ? 9   DA  B OP2    1 
ATOM   67   O  "O5'"  . DA  A 1 3  ? 26.053  -9.023  -17.352 1.00 105.93 ? 9   DA  B "O5'"  1 
ATOM   68   C  "C5'"  . DA  A 1 3  ? 25.620  -8.159  -18.394 1.00 109.86 ? 9   DA  B "C5'"  1 
ATOM   69   C  "C4'"  . DA  A 1 3  ? 24.149  -8.373  -18.696 1.00 97.19  ? 9   DA  B "C4'"  1 
ATOM   70   O  "O4'"  . DA  A 1 3  ? 23.796  -9.742  -18.421 1.00 84.99  ? 9   DA  B "O4'"  1 
ATOM   71   C  "C3'"  . DA  A 1 3  ? 23.193  -7.553  -17.848 1.00 99.58  ? 9   DA  B "C3'"  1 
ATOM   72   O  "O3'"  . DA  A 1 3  ? 22.969  -6.222  -18.411 1.00 104.07 ? 9   DA  B "O3'"  1 
ATOM   73   C  "C2'"  . DA  A 1 3  ? 21.926  -8.417  -17.793 1.00 94.85  ? 9   DA  B "C2'"  1 
ATOM   74   C  "C1'"  . DA  A 1 3  ? 22.407  -9.824  -18.167 1.00 92.18  ? 9   DA  B "C1'"  1 
ATOM   75   N  N9     . DA  A 1 3  ? 22.194  -10.826 -17.124 1.00 90.58  ? 9   DA  B N9     1 
ATOM   76   C  C8     . DA  A 1 3  ? 22.822  -10.900 -15.913 1.00 92.15  ? 9   DA  B C8     1 
ATOM   77   N  N7     . DA  A 1 3  ? 22.444  -11.917 -15.179 1.00 85.93  ? 9   DA  B N7     1 
ATOM   78   C  C5     . DA  A 1 3  ? 21.498  -12.558 -15.962 1.00 70.39  ? 9   DA  B C5     1 
ATOM   79   C  C6     . DA  A 1 3  ? 20.716  -13.710 -15.753 1.00 70.50  ? 9   DA  B C6     1 
ATOM   80   N  N6     . DA  A 1 3  ? 20.771  -14.443 -14.634 1.00 64.62  ? 9   DA  B N6     1 
ATOM   81   N  N1     . DA  A 1 3  ? 19.870  -14.080 -16.737 1.00 73.84  ? 9   DA  B N1     1 
ATOM   82   C  C2     . DA  A 1 3  ? 19.817  -13.340 -17.853 1.00 73.43  ? 9   DA  B C2     1 
ATOM   83   N  N3     . DA  A 1 3  ? 20.502  -12.240 -18.164 1.00 75.87  ? 9   DA  B N3     1 
ATOM   84   C  C4     . DA  A 1 3  ? 21.334  -11.900 -17.166 1.00 74.82  ? 9   DA  B C4     1 
ATOM   85   H  "H5'"  . DA  A 1 3  ? 26.139  -8.339  -19.194 1.00 131.99 ? 9   DA  B "H5'"  1 
ATOM   86   H  "H5''" . DA  A 1 3  ? 25.759  -7.238  -18.124 1.00 131.99 ? 9   DA  B "H5''" 1 
ATOM   87   H  "H4'"  . DA  A 1 3  ? 23.986  -8.185  -19.634 1.00 116.78 ? 9   DA  B "H4'"  1 
ATOM   88   H  "H3'"  . DA  A 1 3  ? 23.556  -7.463  -16.953 1.00 119.64 ? 9   DA  B "H3'"  1 
ATOM   89   H  "H2'"  . DA  A 1 3  ? 21.552  -8.413  -16.898 1.00 113.97 ? 9   DA  B "H2'"  1 
ATOM   90   H  "H2''" . DA  A 1 3  ? 21.273  -8.101  -18.436 1.00 113.97 ? 9   DA  B "H2''" 1 
ATOM   91   H  "H1'"  . DA  A 1 3  ? 21.955  -10.110 -18.976 1.00 110.77 ? 9   DA  B "H1'"  1 
ATOM   92   H  H8     . DA  A 1 3  ? 23.464  -10.286 -15.637 1.00 110.74 ? 9   DA  B H8     1 
ATOM   93   H  H61    . DA  A 1 3  ? 20.272  -15.139 -14.550 1.00 77.70  ? 9   DA  B H61    1 
ATOM   94   H  H62    . DA  A 1 3  ? 21.304  -14.217 -13.997 1.00 77.70  ? 9   DA  B H62    1 
ATOM   95   H  H2     . DA  A 1 3  ? 19.219  -13.636 -18.502 1.00 88.27  ? 9   DA  B H2     1 
ATOM   96   P  P      . DC  A 1 4  ? 22.350  -5.980  -19.884 1.00 114.80 ? 10  DC  B P      1 
ATOM   97   O  OP1    . DC  A 1 4  ? 23.030  -6.802  -20.906 1.00 90.05  ? 10  DC  B OP1    1 
ATOM   98   O  OP2    . DC  A 1 4  ? 22.330  -4.512  -20.061 1.00 117.27 ? 10  DC  B OP2    1 
ATOM   99   O  "O5'"  . DC  A 1 4  ? 20.837  -6.479  -19.774 1.00 95.50  ? 10  DC  B "O5'"  1 
ATOM   100  C  "C5'"  . DC  A 1 4  ? 20.152  -6.918  -20.938 1.00 93.57  ? 10  DC  B "C5'"  1 
ATOM   101  C  "C4'"  . DC  A 1 4  ? 18.781  -7.468  -20.590 1.00 103.07 ? 10  DC  B "C4'"  1 
ATOM   102  O  "O4'"  . DC  A 1 4  ? 18.923  -8.670  -19.809 1.00 89.04  ? 10  DC  B "O4'"  1 
ATOM   103  C  "C3'"  . DC  A 1 4  ? 17.922  -6.557  -19.721 1.00 108.67 ? 10  DC  B "C3'"  1 
ATOM   104  O  "O3'"  . DC  A 1 4  ? 17.150  -5.599  -20.513 1.00 105.63 ? 10  DC  B "O3'"  1 
ATOM   105  C  "C2'"  . DC  A 1 4  ? 17.047  -7.536  -18.922 1.00 91.94  ? 10  DC  B "C2'"  1 
ATOM   106  C  "C1'"  . DC  A 1 4  ? 17.705  -8.903  -19.135 1.00 88.20  ? 10  DC  B "C1'"  1 
ATOM   107  N  N1     . DC  A 1 4  ? 17.986  -9.637  -17.856 1.00 83.11  ? 10  DC  B N1     1 
ATOM   108  C  C2     . DC  A 1 4  ? 17.296  -10.822 -17.564 1.00 74.57  ? 10  DC  B C2     1 
ATOM   109  O  O2     . DC  A 1 4  ? 16.470  -11.257 -18.377 1.00 76.68  ? 10  DC  B O2     1 
ATOM   110  N  N3     . DC  A 1 4  ? 17.561  -11.466 -16.398 1.00 59.73  ? 10  DC  B N3     1 
ATOM   111  C  C4     . DC  A 1 4  ? 18.459  -10.966 -15.547 1.00 66.53  ? 10  DC  B C4     1 
ATOM   112  N  N4     . DC  A 1 4  ? 18.685  -11.633 -14.410 1.00 58.02  ? 10  DC  B N4     1 
ATOM   113  C  C5     . DC  A 1 4  ? 19.164  -9.759  -15.822 1.00 71.69  ? 10  DC  B C5     1 
ATOM   114  C  C6     . DC  A 1 4  ? 18.897  -9.133  -16.974 1.00 84.59  ? 10  DC  B C6     1 
ATOM   115  H  "H5'"  . DC  A 1 4  ? 20.673  -7.612  -21.372 1.00 112.44 ? 10  DC  B "H5'"  1 
ATOM   116  H  "H5''" . DC  A 1 4  ? 20.050  -6.170  -21.548 1.00 112.44 ? 10  DC  B "H5''" 1 
ATOM   117  H  "H4'"  . DC  A 1 4  ? 18.302  -7.673  -21.408 1.00 123.83 ? 10  DC  B "H4'"  1 
ATOM   118  H  "H3'"  . DC  A 1 4  ? 18.495  -6.071  -19.108 1.00 130.55 ? 10  DC  B "H3'"  1 
ATOM   119  H  "H2'"  . DC  A 1 4  ? 17.052  -7.301  -17.981 1.00 110.49 ? 10  DC  B "H2'"  1 
ATOM   120  H  "H2''" . DC  A 1 4  ? 16.142  -7.539  -19.267 1.00 110.49 ? 10  DC  B "H2''" 1 
ATOM   121  H  "H1'"  . DC  A 1 4  ? 17.131  -9.448  -19.696 1.00 105.99 ? 10  DC  B "H1'"  1 
ATOM   122  H  H41    . DC  A 1 4  ? 19.257  -11.333 -13.842 1.00 69.78  ? 10  DC  B H41    1 
ATOM   123  H  H42    . DC  A 1 4  ? 18.258  -12.362 -14.246 1.00 69.78  ? 10  DC  B H42    1 
ATOM   124  H  H5     . DC  A 1 4  ? 19.788  -9.418  -15.222 1.00 86.18  ? 10  DC  B H5     1 
ATOM   125  H  H6     . DC  A 1 4  ? 19.342  -8.343  -17.178 1.00 101.66 ? 10  DC  B H6     1 
ATOM   126  P  P      . DG  A 1 5  ? 16.059  -6.040  -21.618 1.00 119.98 ? 11  DG  B P      1 
ATOM   127  O  OP1    . DG  A 1 5  ? 16.627  -7.020  -22.567 1.00 124.02 ? 11  DG  B OP1    1 
ATOM   128  O  OP2    . DG  A 1 5  ? 15.502  -4.776  -22.147 1.00 119.72 ? 11  DG  B OP2    1 
ATOM   129  O  "O5'"  . DG  A 1 5  ? 14.884  -6.739  -20.792 1.00 105.66 ? 11  DG  B "O5'"  1 
ATOM   130  C  "C5'"  . DG  A 1 5  ? 13.939  -7.552  -21.475 1.00 99.34  ? 11  DG  B "C5'"  1 
ATOM   131  C  "C4'"  . DG  A 1 5  ? 13.081  -8.341  -20.503 1.00 95.93  ? 11  DG  B "C4'"  1 
ATOM   132  O  "O4'"  . DG  A 1 5  ? 13.870  -8.735  -19.362 1.00 91.68  ? 11  DG  B "O4'"  1 
ATOM   133  C  "C3'"  . DG  A 1 5  ? 11.881  -7.579  -19.942 1.00 97.98  ? 11  DG  B "C3'"  1 
ATOM   134  O  "O3'"  . DG  A 1 5  ? 10.686  -8.128  -20.476 1.00 102.98 ? 11  DG  B "O3'"  1 
ATOM   135  C  "C2'"  . DG  A 1 5  ? 11.983  -7.737  -18.412 1.00 82.88  ? 11  DG  B "C2'"  1 
ATOM   136  C  "C1'"  . DG  A 1 5  ? 13.037  -8.818  -18.231 1.00 88.04  ? 11  DG  B "C1'"  1 
ATOM   137  N  N9     . DG  A 1 5  ? 13.880  -8.673  -17.045 1.00 80.73  ? 11  DG  B N9     1 
ATOM   138  C  C8     . DG  A 1 5  ? 14.764  -7.658  -16.780 1.00 79.54  ? 11  DG  B C8     1 
ATOM   139  N  N7     . DG  A 1 5  ? 15.416  -7.812  -15.660 1.00 65.85  ? 11  DG  B N7     1 
ATOM   140  C  C5     . DG  A 1 5  ? 14.939  -9.012  -15.151 1.00 60.67  ? 11  DG  B C5     1 
ATOM   141  C  C6     . DG  A 1 5  ? 15.276  -9.693  -13.957 1.00 54.33  ? 11  DG  B C6     1 
ATOM   142  O  O6     . DG  A 1 5  ? 16.091  -9.358  -13.084 1.00 48.39  ? 11  DG  B O6     1 
ATOM   143  N  N1     . DG  A 1 5  ? 14.558  -10.879 -13.820 1.00 51.45  ? 11  DG  B N1     1 
ATOM   144  C  C2     . DG  A 1 5  ? 13.630  -11.346 -14.727 1.00 67.45  ? 11  DG  B C2     1 
ATOM   145  N  N2     . DG  A 1 5  ? 13.036  -12.510 -14.426 1.00 69.17  ? 11  DG  B N2     1 
ATOM   146  N  N3     . DG  A 1 5  ? 13.306  -10.716 -15.850 1.00 66.01  ? 11  DG  B N3     1 
ATOM   147  C  C4     . DG  A 1 5  ? 13.998  -9.560  -15.996 1.00 72.83  ? 11  DG  B C4     1 
ATOM   148  H  "H5'"  . DG  A 1 5  ? 14.412  -8.170  -22.054 1.00 119.36 ? 11  DG  B "H5'"  1 
ATOM   149  H  "H5''" . DG  A 1 5  ? 13.367  -6.986  -22.016 1.00 119.36 ? 11  DG  B "H5''" 1 
ATOM   150  H  "H4'"  . DG  A 1 5  ? 12.760  -9.140  -20.950 1.00 115.27 ? 11  DG  B "H4'"  1 
ATOM   151  H  "H3'"  . DG  A 1 5  ? 11.947  -6.641  -20.181 1.00 117.73 ? 11  DG  B "H3'"  1 
ATOM   152  H  "H2'"  . DG  A 1 5  ? 12.273  -6.907  -18.003 1.00 99.61  ? 11  DG  B "H2'"  1 
ATOM   153  H  "H2''" . DG  A 1 5  ? 11.133  -8.024  -18.042 1.00 99.61  ? 11  DG  B "H2''" 1 
ATOM   154  H  "H1'"  . DG  A 1 5  ? 12.606  -9.687  -18.214 1.00 105.80 ? 11  DG  B "H1'"  1 
ATOM   155  H  H8     . DG  A 1 5  ? 14.887  -6.930  -17.346 1.00 95.60  ? 11  DG  B H8     1 
ATOM   156  H  H1     . DG  A 1 5  ? 14.704  -11.355 -13.119 1.00 61.90  ? 11  DG  B H1     1 
ATOM   157  H  H21    . DG  A 1 5  ? 12.453  -12.846 -14.961 1.00 83.16  ? 11  DG  B H21    1 
ATOM   158  H  H22    . DG  A 1 5  ? 13.240  -12.922 -13.699 1.00 83.16  ? 11  DG  B H22    1 
ATOM   159  P  P      . DA  A 1 6  ? 9.257   -7.556  -20.036 1.00 108.32 ? 12  DA  B P      1 
ATOM   160  O  OP1    . DA  A 1 6  ? 8.341   -7.682  -21.192 1.00 105.73 ? 12  DA  B OP1    1 
ATOM   161  O  OP2    . DA  A 1 6  ? 9.482   -6.238  -19.401 1.00 114.26 ? 12  DA  B OP2    1 
ATOM   162  O  "O5'"  . DA  A 1 6  ? 8.790   -8.574  -18.902 1.00 89.42  ? 12  DA  B "O5'"  1 
ATOM   163  C  "C5'"  . DA  A 1 6  ? 8.847   -9.973  -19.137 1.00 92.02  ? 12  DA  B "C5'"  1 
ATOM   164  C  "C4'"  . DA  A 1 6  ? 8.003   -10.715 -18.123 1.00 94.77  ? 12  DA  B "C4'"  1 
ATOM   165  O  "O4'"  . DA  A 1 6  ? 8.756   -10.872 -16.889 1.00 90.37  ? 12  DA  B "O4'"  1 
ATOM   166  C  "C3'"  . DA  A 1 6  ? 6.727   -9.999  -17.722 1.00 88.97  ? 12  DA  B "C3'"  1 
ATOM   167  O  "O3'"  . DA  A 1 6  ? 5.733   -10.939 -17.321 1.00 99.34  ? 12  DA  B "O3'"  1 
ATOM   168  C  "C2'"  . DA  A 1 6  ? 7.208   -9.112  -16.579 1.00 88.45  ? 12  DA  B "C2'"  1 
ATOM   169  C  "C1'"  . DA  A 1 6  ? 8.236   -10.010 -15.885 1.00 83.73  ? 12  DA  B "C1'"  1 
ATOM   170  N  N9     . DA  A 1 6  ? 9.357   -9.296  -15.266 1.00 73.59  ? 12  DA  B N9     1 
ATOM   171  C  C8     . DA  A 1 6  ? 9.900   -8.102  -15.657 1.00 73.14  ? 12  DA  B C8     1 
ATOM   172  N  N7     . DA  A 1 6  ? 10.909  -7.711  -14.915 1.00 66.71  ? 12  DA  B N7     1 
ATOM   173  C  C5     . DA  A 1 6  ? 11.042  -8.720  -13.976 1.00 57.05  ? 12  DA  B C5     1 
ATOM   174  C  C6     . DA  A 1 6  ? 11.933  -8.902  -12.901 1.00 53.67  ? 12  DA  B C6     1 
ATOM   175  N  N6     . DA  A 1 6  ? 12.896  -8.031  -12.590 1.00 54.76  ? 12  DA  B N6     1 
ATOM   176  N  N1     . DA  A 1 6  ? 11.797  -10.019 -12.157 1.00 55.17  ? 12  DA  B N1     1 
ATOM   177  C  C2     . DA  A 1 6  ? 10.830  -10.890 -12.475 1.00 66.56  ? 12  DA  B C2     1 
ATOM   178  N  N3     . DA  A 1 6  ? 9.934   -10.826 -13.460 1.00 64.74  ? 12  DA  B N3     1 
ATOM   179  C  C4     . DA  A 1 6  ? 10.096  -9.705  -14.180 1.00 63.21  ? 12  DA  B C4     1 
ATOM   180  H  "H5'"  . DA  A 1 6  ? 9.766   -10.272 -19.068 1.00 110.58 ? 12  DA  B "H5'"  1 
ATOM   181  H  "H5''" . DA  A 1 6  ? 8.514   -10.161 -20.029 1.00 110.58 ? 12  DA  B "H5''" 1 
ATOM   182  H  "H4'"  . DA  A 1 6  ? 7.781   -11.590 -18.475 1.00 113.88 ? 12  DA  B "H4'"  1 
ATOM   183  H  "H3'"  . DA  A 1 6  ? 6.401   -9.455  -18.456 1.00 106.92 ? 12  DA  B "H3'"  1 
ATOM   184  H  "H2'"  . DA  A 1 6  ? 7.627   -8.306  -16.920 1.00 106.29 ? 12  DA  B "H2'"  1 
ATOM   185  H  "H2''" . DA  A 1 6  ? 6.477   -8.896  -15.978 1.00 106.29 ? 12  DA  B "H2''" 1 
ATOM   186  H  "H1'"  . DA  A 1 6  ? 7.788   -10.543 -15.211 1.00 100.63 ? 12  DA  B "H1'"  1 
ATOM   187  H  H8     . DA  A 1 6  ? 9.581   -7.610  -16.380 1.00 87.93  ? 12  DA  B H8     1 
ATOM   188  H  H61    . DA  A 1 6  ? 13.417  -8.187  -11.923 1.00 65.86  ? 12  DA  B H61    1 
ATOM   189  H  H62    . DA  A 1 6  ? 12.995  -7.315  -13.055 1.00 65.86  ? 12  DA  B H62    1 
ATOM   190  H  H2     . DA  A 1 6  ? 10.775  -11.644 -11.933 1.00 80.03  ? 12  DA  B H2     1 
ATOM   191  P  P      . DC  A 1 7  ? 4.193   -10.500 -17.191 1.00 112.91 ? 13  DC  B P      1 
ATOM   192  O  OP1    . DC  A 1 7  ? 3.394   -11.370 -18.084 1.00 106.09 ? 13  DC  B OP1    1 
ATOM   193  O  OP2    . DC  A 1 7  ? 4.137   -9.029  -17.345 1.00 105.13 ? 13  DC  B OP2    1 
ATOM   194  O  "O5'"  . DC  A 1 7  ? 3.844   -10.843 -15.672 1.00 93.57  ? 13  DC  B "O5'"  1 
ATOM   195  C  "C5'"  . DC  A 1 7  ? 4.761   -10.483 -14.660 1.00 84.91  ? 13  DC  B "C5'"  1 
ATOM   196  C  "C4'"  . DC  A 1 7  ? 4.751   -11.473 -13.525 1.00 97.05  ? 13  DC  B "C4'"  1 
ATOM   197  O  "O4'"  . DC  A 1 7  ? 6.036   -11.423 -12.852 1.00 97.74  ? 13  DC  B "O4'"  1 
ATOM   198  C  "C3'"  . DC  A 1 7  ? 3.721   -11.197 -12.448 1.00 104.76 ? 13  DC  B "C3'"  1 
ATOM   199  O  "O3'"  . DC  A 1 7  ? 3.323   -12.408 -11.807 1.00 117.64 ? 13  DC  B "O3'"  1 
ATOM   200  C  "C2'"  . DC  A 1 7  ? 4.465   -10.239 -11.523 1.00 95.99  ? 13  DC  B "C2'"  1 
ATOM   201  C  "C1'"  . DC  A 1 7  ? 5.925   -10.691 -11.643 1.00 88.12  ? 13  DC  B "C1'"  1 
ATOM   202  N  N1     . DC  A 1 7  ? 6.906   -9.545  -11.663 1.00 77.78  ? 13  DC  B N1     1 
ATOM   203  C  C2     . DC  A 1 7  ? 7.952   -9.501  -10.728 1.00 73.20  ? 13  DC  B C2     1 
ATOM   204  O  O2     . DC  A 1 7  ? 8.070   -10.421 -9.909  1.00 75.90  ? 13  DC  B O2     1 
ATOM   205  N  N3     . DC  A 1 7  ? 8.812   -8.451  -10.753 1.00 59.93  ? 13  DC  B N3     1 
ATOM   206  C  C4     . DC  A 1 7  ? 8.653   -7.477  -11.651 1.00 60.05  ? 13  DC  B C4     1 
ATOM   207  N  N4     . DC  A 1 7  ? 9.526   -6.461  -11.637 1.00 62.08  ? 13  DC  B N4     1 
ATOM   208  C  C5     . DC  A 1 7  ? 7.593   -7.498  -12.603 1.00 61.09  ? 13  DC  B C5     1 
ATOM   209  C  C6     . DC  A 1 7  ? 6.751   -8.538  -12.572 1.00 78.05  ? 13  DC  B C6     1 
ATOM   210  H  "H5'"  . DC  A 1 7  ? 4.527   -9.606  -14.317 1.00 102.05 ? 13  DC  B "H5'"  1 
ATOM   211  H  "H5''" . DC  A 1 7  ? 5.653   -10.446 -15.039 1.00 102.05 ? 13  DC  B "H5''" 1 
ATOM   212  H  "H4'"  . DC  A 1 7  ? 4.611   -12.365 -13.881 1.00 116.61 ? 13  DC  B "H4'"  1 
ATOM   213  H  "H3'"  . DC  A 1 7  ? 2.949   -10.753 -12.834 1.00 125.87 ? 13  DC  B "H3'"  1 
ATOM   214  H  "H2'"  . DC  A 1 7  ? 4.366   -9.323  -11.828 1.00 115.35 ? 13  DC  B "H2'"  1 
ATOM   215  H  "H2''" . DC  A 1 7  ? 4.152   -10.333 -10.610 1.00 115.35 ? 13  DC  B "H2''" 1 
ATOM   216  H  "H1'"  . DC  A 1 7  ? 6.137   -11.276 -10.899 1.00 105.90 ? 13  DC  B "H1'"  1 
ATOM   217  H  H41    . DC  A 1 7  ? 9.448   -5.819  -12.205 1.00 74.65  ? 13  DC  B H41    1 
ATOM   218  H  H42    . DC  A 1 7  ? 10.164  -6.451  -11.061 1.00 74.65  ? 13  DC  B H42    1 
ATOM   219  H  H5     . DC  A 1 7  ? 7.490   -6.814  -13.224 1.00 73.46  ? 13  DC  B H5     1 
ATOM   220  H  H6     . DC  A 1 7  ? 6.049   -8.576  -13.181 1.00 93.82  ? 13  DC  B H6     1 
ATOM   221  P  P      . DA  A 1 8  ? 2.596   -12.373 -10.375 1.00 130.68 ? 14  DA  B P      1 
ATOM   222  O  OP1    . DA  A 1 8  ? 1.889   -13.661 -10.189 1.00 127.37 ? 14  DA  B OP1    1 
ATOM   223  O  OP2    . DA  A 1 8  ? 1.855   -11.095 -10.270 1.00 103.76 ? 14  DA  B OP2    1 
ATOM   224  O  "O5'"  . DA  A 1 8  ? 3.820   -12.304 -9.353  1.00 85.94  ? 14  DA  B "O5'"  1 
ATOM   225  C  "C5'"  . DA  A 1 8  ? 3.747   -11.481 -8.205  1.00 87.09  ? 14  DA  B "C5'"  1 
ATOM   226  C  "C4'"  . DA  A 1 8  ? 4.914   -11.758 -7.282  1.00 78.35  ? 14  DA  B "C4'"  1 
ATOM   227  O  "O4'"  . DA  A 1 8  ? 6.065   -10.991 -7.725  1.00 69.09  ? 14  DA  B "O4'"  1 
ATOM   228  C  "C3'"  . DA  A 1 8  ? 4.673   -11.384 -5.827  1.00 83.73  ? 14  DA  B "C3'"  1 
ATOM   229  O  "O3'"  . DA  A 1 8  ? 5.151   -12.400 -4.964  1.00 90.12  ? 14  DA  B "O3'"  1 
ATOM   230  C  "C2'"  . DA  A 1 8  ? 5.416   -10.064 -5.643  1.00 87.19  ? 14  DA  B "C2'"  1 
ATOM   231  C  "C1'"  . DA  A 1 8  ? 6.489   -10.083 -6.726  1.00 77.94  ? 14  DA  B "C1'"  1 
ATOM   232  N  N9     . DA  A 1 8  ? 6.704   -8.779  -7.353  1.00 71.85  ? 14  DA  B N9     1 
ATOM   233  C  C8     . DA  A 1 8  ? 5.996   -8.242  -8.391  1.00 72.39  ? 14  DA  B C8     1 
ATOM   234  N  N7     . DA  A 1 8  ? 6.408   -7.051  -8.755  1.00 66.88  ? 14  DA  B N7     1 
ATOM   235  C  C5     . DA  A 1 8  ? 7.459   -6.784  -7.895  1.00 51.71  ? 14  DA  B C5     1 
ATOM   236  C  C6     . DA  A 1 8  ? 8.319   -5.676  -7.766  1.00 60.56  ? 14  DA  B C6     1 
ATOM   237  N  N6     . DA  A 1 8  ? 8.240   -4.590  -8.541  1.00 66.28  ? 14  DA  B N6     1 
ATOM   238  N  N1     . DA  A 1 8  ? 9.265   -5.728  -6.806  1.00 57.94  ? 14  DA  B N1     1 
ATOM   239  C  C2     . DA  A 1 8  ? 9.335   -6.814  -6.028  1.00 59.06  ? 14  DA  B C2     1 
ATOM   240  N  N3     . DA  A 1 8  ? 8.588   -7.919  -6.059  1.00 53.71  ? 14  DA  B N3     1 
ATOM   241  C  C4     . DA  A 1 8  ? 7.658   -7.838  -7.024  1.00 53.25  ? 14  DA  B C4     1 
ATOM   242  H  "H5'"  . DA  A 1 8  ? 2.917   -11.661 -7.735  1.00 104.66 ? 14  DA  B "H5'"  1 
ATOM   243  H  "H5''" . DA  A 1 8  ? 3.766   -10.550 -8.476  1.00 104.66 ? 14  DA  B "H5''" 1 
ATOM   244  H  "H4'"  . DA  A 1 8  ? 5.132   -12.702 -7.328  1.00 94.18  ? 14  DA  B "H4'"  1 
ATOM   245  H  "H3'"  . DA  A 1 8  ? 3.724   -11.247 -5.677  1.00 100.63 ? 14  DA  B "H3'"  1 
ATOM   246  H  "H2'"  . DA  A 1 8  ? 4.813   -9.314  -5.777  1.00 104.78 ? 14  DA  B "H2'"  1 
ATOM   247  H  "H2''" . DA  A 1 8  ? 5.821   -10.022 -4.764  1.00 104.78 ? 14  DA  B "H2''" 1 
ATOM   248  H  "H1'"  . DA  A 1 8  ? 7.323   -10.396 -6.342  1.00 93.68  ? 14  DA  B "H1'"  1 
ATOM   249  H  H8     . DA  A 1 8  ? 5.288   -8.682  -8.805  1.00 87.02  ? 14  DA  B H8     1 
ATOM   250  H  H61    . DA  A 1 8  ? 8.791   -3.940  -8.428  1.00 79.69  ? 14  DA  B H61    1 
ATOM   251  H  H62    . DA  A 1 8  ? 7.637   -4.542  -9.153  1.00 79.69  ? 14  DA  B H62    1 
ATOM   252  H  H2     . DA  A 1 8  ? 10.006  -6.803  -5.384  1.00 71.03  ? 14  DA  B H2     1 
ATOM   253  P  P      . DG  A 1 9  ? 4.799   -12.350 -3.398  1.00 113.03 ? 15  DG  B P      1 
ATOM   254  O  OP1    . DG  A 1 9  ? 4.786   -13.743 -2.898  1.00 122.84 ? 15  DG  B OP1    1 
ATOM   255  O  OP2    . DG  A 1 9  ? 3.600   -11.496 -3.235  1.00 88.28  ? 15  DG  B OP2    1 
ATOM   256  O  "O5'"  . DG  A 1 9  ? 6.040   -11.575 -2.763  1.00 65.94  ? 15  DG  B "O5'"  1 
ATOM   257  C  "C5'"  . DG  A 1 9  ? 5.855   -10.729 -1.647  1.00 74.16  ? 15  DG  B "C5'"  1 
ATOM   258  C  "C4'"  . DG  A 1 9  ? 6.994   -9.736  -1.535  1.00 86.63  ? 15  DG  B "C4'"  1 
ATOM   259  O  "O4'"  . DG  A 1 9  ? 7.132   -9.034  -2.785  1.00 72.60  ? 15  DG  B "O4'"  1 
ATOM   260  C  "C3'"  . DG  A 1 9  ? 6.799   -8.662  -0.477  1.00 95.19  ? 15  DG  B "C3'"  1 
ATOM   261  O  "O3'"  . DG  A 1 9  ? 7.485   -9.017  0.711   1.00 86.01  ? 15  DG  B "O3'"  1 
ATOM   262  C  "C2'"  . DG  A 1 9  ? 7.354   -7.376  -1.108  1.00 86.75  ? 15  DG  B "C2'"  1 
ATOM   263  C  "C1'"  . DG  A 1 9  ? 7.660   -7.747  -2.557  1.00 78.64  ? 15  DG  B "C1'"  1 
ATOM   264  N  N9     . DG  A 1 9  ? 7.074   -6.844  -3.545  1.00 75.56  ? 15  DG  B N9     1 
ATOM   265  C  C8     . DG  A 1 9  ? 6.021   -7.119  -4.380  1.00 76.53  ? 15  DG  B C8     1 
ATOM   266  N  N7     . DG  A 1 9  ? 5.716   -6.135  -5.177  1.00 69.38  ? 15  DG  B N7     1 
ATOM   267  C  C5     . DG  A 1 9  ? 6.627   -5.139  -4.852  1.00 60.09  ? 15  DG  B C5     1 
ATOM   268  C  C6     . DG  A 1 9  ? 6.778   -3.841  -5.386  1.00 56.12  ? 15  DG  B C6     1 
ATOM   269  O  O6     . DG  A 1 9  ? 6.116   -3.298  -6.282  1.00 59.79  ? 15  DG  B O6     1 
ATOM   270  N  N1     . DG  A 1 9  ? 7.826   -3.150  -4.778  1.00 50.30  ? 15  DG  B N1     1 
ATOM   271  C  C2     . DG  A 1 9  ? 8.623   -3.656  -3.777  1.00 66.24  ? 15  DG  B C2     1 
ATOM   272  N  N2     . DG  A 1 9  ? 9.582   -2.840  -3.313  1.00 66.04  ? 15  DG  B N2     1 
ATOM   273  N  N3     . DG  A 1 9  ? 8.490   -4.876  -3.266  1.00 72.59  ? 15  DG  B N3     1 
ATOM   274  C  C4     . DG  A 1 9  ? 7.474   -5.558  -3.849  1.00 67.50  ? 15  DG  B C4     1 
ATOM   275  H  "H5'"  . DG  A 1 9  ? 5.819   -11.268 -0.841  1.00 89.15  ? 15  DG  B "H5'"  1 
ATOM   276  H  "H5''" . DG  A 1 9  ? 5.019   -10.248 -1.746  1.00 89.15  ? 15  DG  B "H5''" 1 
ATOM   277  H  "H4'"  . DG  A 1 9  ? 7.816   -10.216 -1.351  1.00 104.12 ? 15  DG  B "H4'"  1 
ATOM   278  H  "H3'"  . DG  A 1 9  ? 5.853   -8.554  -0.290  1.00 114.39 ? 15  DG  B "H3'"  1 
ATOM   279  H  "H2'"  . DG  A 1 9  ? 6.688   -6.670  -1.074  1.00 104.26 ? 15  DG  B "H2'"  1 
ATOM   280  H  "H2''" . DG  A 1 9  ? 8.163   -7.099  -0.652  1.00 104.26 ? 15  DG  B "H2''" 1 
ATOM   281  H  "H1'"  . DG  A 1 9  ? 8.622   -7.773  -2.681  1.00 94.53  ? 15  DG  B "H1'"  1 
ATOM   282  H  H8     . DG  A 1 9  ? 5.569   -7.933  -4.379  1.00 91.99  ? 15  DG  B H8     1 
ATOM   283  H  H1     . DG  A 1 9  ? 7.984   -2.349  -5.046  1.00 60.51  ? 15  DG  B H1     1 
ATOM   284  H  H21    . DG  A 1 9  ? 10.110  -3.108  -2.688  1.00 79.40  ? 15  DG  B H21    1 
ATOM   285  H  H22    . DG  A 1 9  ? 9.670   -2.049  -3.639  1.00 79.40  ? 15  DG  B H22    1 
ATOM   286  P  P      . DT  A 1 10 ? 7.107   -8.306  2.097   1.00 129.65 ? 16  DT  B P      1 
ATOM   287  O  OP1    . DT  A 1 10 ? 7.819   -9.016  3.182   1.00 139.14 ? 16  DT  B OP1    1 
ATOM   288  O  OP2    . DT  A 1 10 ? 5.636   -8.156  2.146   1.00 124.27 ? 16  DT  B OP2    1 
ATOM   289  O  "O5'"  . DT  A 1 10 ? 7.736   -6.850  1.948   1.00 92.98  ? 16  DT  B "O5'"  1 
ATOM   290  C  "C5'"  . DT  A 1 10 ? 9.138   -6.698  1.857   1.00 83.91  ? 16  DT  B "C5'"  1 
ATOM   291  C  "C4'"  . DT  A 1 10 ? 9.515   -5.237  1.939   1.00 95.23  ? 16  DT  B "C4'"  1 
ATOM   292  O  "O4'"  . DT  A 1 10 ? 9.150   -4.563  0.700   1.00 88.60  ? 16  DT  B "O4'"  1 
ATOM   293  C  "C3'"  . DT  A 1 10 ? 8.813   -4.466  3.058   1.00 91.73  ? 16  DT  B "C3'"  1 
ATOM   294  O  "O3'"  . DT  A 1 10 ? 9.749   -3.667  3.758   1.00 88.65  ? 16  DT  B "O3'"  1 
ATOM   295  C  "C2'"  . DT  A 1 10 ? 7.767   -3.639  2.313   1.00 89.97  ? 16  DT  B "C2'"  1 
ATOM   296  C  "C1'"  . DT  A 1 10 ? 8.482   -3.357  1.011   1.00 81.11  ? 16  DT  B "C1'"  1 
ATOM   297  N  N1     . DT  A 1 10 ? 7.592   -2.976  -0.142  1.00 72.67  ? 16  DT  B N1     1 
ATOM   298  C  C2     . DT  A 1 10 ? 7.744   -1.736  -0.725  1.00 68.14  ? 16  DT  B C2     1 
ATOM   299  O  O2     . DT  A 1 10 ? 8.557   -0.914  -0.343  1.00 85.27  ? 16  DT  B O2     1 
ATOM   300  N  N3     . DT  A 1 10 ? 6.902   -1.486  -1.775  1.00 50.93  ? 16  DT  B N3     1 
ATOM   301  C  C4     . DT  A 1 10 ? 5.943   -2.335  -2.295  1.00 67.16  ? 16  DT  B C4     1 
ATOM   302  O  O4     . DT  A 1 10 ? 5.231   -2.018  -3.245  1.00 58.03  ? 16  DT  B O4     1 
ATOM   303  C  C5     . DT  A 1 10 ? 5.839   -3.620  -1.645  1.00 72.92  ? 16  DT  B C5     1 
ATOM   304  C  C7     . DT  A 1 10 ? 4.827   -4.619  -2.121  1.00 70.21  ? 16  DT  B C7     1 
ATOM   305  C  C6     . DT  A 1 10 ? 6.659   -3.879  -0.612  1.00 76.99  ? 16  DT  B C6     1 
ATOM   306  H  "H5'"  . DT  A 1 10 ? 9.445   -7.061  1.012   1.00 100.85 ? 16  DT  B "H5'"  1 
ATOM   307  H  "H5''" . DT  A 1 10 ? 9.560   -7.180  2.585   1.00 100.85 ? 16  DT  B "H5''" 1 
ATOM   308  H  "H4'"  . DT  A 1 10 ? 10.475  -5.167  2.064   1.00 114.44 ? 16  DT  B "H4'"  1 
ATOM   309  H  "H3'"  . DT  A 1 10 ? 8.380   -5.084  3.667   1.00 110.23 ? 16  DT  B "H3'"  1 
ATOM   310  H  "H2'"  . DT  A 1 10 ? 6.960   -4.155  2.162   1.00 108.12 ? 16  DT  B "H2'"  1 
ATOM   311  H  "H2''" . DT  A 1 10 ? 7.573   -2.816  2.788   1.00 108.12 ? 16  DT  B "H2''" 1 
ATOM   312  H  "H1'"  . DT  A 1 10 ? 9.139   -2.658  1.152   1.00 97.48  ? 16  DT  B "H1'"  1 
ATOM   313  H  H3     . DT  A 1 10 ? 6.977   -0.717  -2.151  1.00 61.27  ? 16  DT  B H3     1 
ATOM   314  H  H71    . DT  A 1 10 ? 5.280   -5.433  -2.393  1.00 84.41  ? 16  DT  B H71    1 
ATOM   315  H  H72    . DT  A 1 10 ? 4.207   -4.819  -1.403  1.00 84.41  ? 16  DT  B H72    1 
ATOM   316  H  H73    . DT  A 1 10 ? 4.341   -4.253  -2.877  1.00 84.41  ? 16  DT  B H73    1 
ATOM   317  H  H6     . DT  A 1 10 ? 6.593   -4.706  -0.191  1.00 92.54  ? 16  DT  B H6     1 
ATOM   318  P  P      . DG  A 1 11 ? 9.424   -3.151  5.241   1.00 113.01 ? 17  DG  B P      1 
ATOM   319  O  OP1    . DG  A 1 11 ? 10.491  -3.644  6.140   1.00 121.64 ? 17  DG  B OP1    1 
ATOM   320  O  OP2    . DG  A 1 11 ? 8.001   -3.459  5.515   1.00 98.05  ? 17  DG  B OP2    1 
ATOM   321  O  "O5'"  . DG  A 1 11 ? 9.558   -1.571  5.111   1.00 78.80  ? 17  DG  B "O5'"  1 
ATOM   322  C  "C5'"  . DG  A 1 11 ? 8.985   -0.927  3.999   1.00 75.83  ? 17  DG  B "C5'"  1 
ATOM   323  C  "C4'"  . DG  A 1 11 ? 9.123   0.568   4.109   1.00 75.21  ? 17  DG  B "C4'"  1 
ATOM   324  O  "O4'"  . DG  A 1 11 ? 8.588   1.184   2.916   1.00 85.80  ? 17  DG  B "O4'"  1 
ATOM   325  C  "C3'"  . DG  A 1 11 ? 8.354   1.187   5.257   1.00 81.12  ? 17  DG  B "C3'"  1 
ATOM   326  O  "O3'"  . DG  A 1 11 ? 9.001   2.378   5.707   1.00 87.91  ? 17  DG  B "O3'"  1 
ATOM   327  C  "C2'"  . DG  A 1 11 ? 6.974   1.438   4.644   1.00 65.32  ? 17  DG  B "C2'"  1 
ATOM   328  C  "C1'"  . DG  A 1 11 ? 7.271   1.648   3.157   1.00 70.52  ? 17  DG  B "C1'"  1 
ATOM   329  N  N9     . DG  A 1 11 ? 6.356   0.936   2.265   1.00 60.45  ? 17  DG  B N9     1 
ATOM   330  C  C8     . DG  A 1 11 ? 5.879   -0.346  2.408   1.00 62.44  ? 17  DG  B C8     1 
ATOM   331  N  N7     . DG  A 1 11 ? 5.075   -0.712  1.446   1.00 57.94  ? 17  DG  B N7     1 
ATOM   332  C  C5     . DG  A 1 11 ? 5.018   0.398   0.612   1.00 52.08  ? 17  DG  B C5     1 
ATOM   333  C  C6     . DG  A 1 11 ? 4.307   0.597   -0.596  1.00 54.73  ? 17  DG  B C6     1 
ATOM   334  O  O6     . DG  A 1 11 ? 3.559   -0.196  -1.187  1.00 45.79  ? 17  DG  B O6     1 
ATOM   335  N  N1     . DG  A 1 11 ? 4.529   1.870   -1.121  1.00 50.58  ? 17  DG  B N1     1 
ATOM   336  C  C2     . DG  A 1 11 ? 5.337   2.826   -0.548  1.00 51.10  ? 17  DG  B C2     1 
ATOM   337  N  N2     . DG  A 1 11 ? 5.431   3.996   -1.196  1.00 47.89  ? 17  DG  B N2     1 
ATOM   338  N  N3     . DG  A 1 11 ? 6.007   2.649   0.581   1.00 55.17  ? 17  DG  B N3     1 
ATOM   339  C  C4     . DG  A 1 11 ? 5.801   1.418   1.103   1.00 51.60  ? 17  DG  B C4     1 
ATOM   340  H  "H5'"  . DG  A 1 11 ? 8.044   -1.157  3.948   1.00 91.14  ? 17  DG  B "H5'"  1 
ATOM   341  H  "H5''" . DG  A 1 11 ? 9.430   -1.230  3.192   1.00 91.14  ? 17  DG  B "H5''" 1 
ATOM   342  H  "H4'"  . DG  A 1 11 ? 10.062  0.796   4.194   1.00 90.41  ? 17  DG  B "H4'"  1 
ATOM   343  H  "H3'"  . DG  A 1 11 ? 8.282   0.553   5.987   1.00 97.50  ? 17  DG  B "H3'"  1 
ATOM   344  H  "H2'"  . DG  A 1 11 ? 6.399   0.666   4.771   1.00 78.53  ? 17  DG  B "H2'"  1 
ATOM   345  H  "H2''" . DG  A 1 11 ? 6.570   2.233   5.026   1.00 78.53  ? 17  DG  B "H2''" 1 
ATOM   346  H  "H1'"  . DG  A 1 11 ? 7.230   2.597   2.958   1.00 84.78  ? 17  DG  B "H1'"  1 
ATOM   347  H  H8     . DG  A 1 11 ? 6.105   -0.899  3.121   1.00 75.08  ? 17  DG  B H8     1 
ATOM   348  H  H1     . DG  A 1 11 ? 4.132   2.073   -1.856  1.00 60.84  ? 17  DG  B H1     1 
ATOM   349  H  H21    . DG  A 1 11 ? 5.924   4.624   -0.879  1.00 57.63  ? 17  DG  B H21    1 
ATOM   350  H  H22    . DG  A 1 11 ? 4.999   4.117   -1.930  1.00 57.63  ? 17  DG  B H22    1 
ATOM   351  P  P      . DA  A 1 12 ? 8.214   3.444   6.613   1.00 69.90  ? 18  DA  B P      1 
ATOM   352  O  OP1    . DA  A 1 12 ? 9.209   4.233   7.371   1.00 74.96  ? 18  DA  B OP1    1 
ATOM   353  O  OP2    . DA  A 1 12 ? 7.141   2.719   7.332   1.00 59.60  ? 18  DA  B OP2    1 
ATOM   354  O  "O5'"  . DA  A 1 12 ? 7.524   4.387   5.531   1.00 64.89  ? 18  DA  B "O5'"  1 
ATOM   355  C  "C5'"  . DA  A 1 12 ? 6.716   5.457   5.946   1.00 70.08  ? 18  DA  B "C5'"  1 
ATOM   356  C  "C4'"  . DA  A 1 12 ? 6.652   6.518   4.872   1.00 62.13  ? 18  DA  B "C4'"  1 
ATOM   357  O  "O4'"  . DA  A 1 12 ? 6.347   5.894   3.597   1.00 56.46  ? 18  DA  B "O4'"  1 
ATOM   358  C  "C3'"  . DA  A 1 12 ? 5.574   7.560   5.083   1.00 53.86  ? 18  DA  B "C3'"  1 
ATOM   359  O  "O3'"  . DA  A 1 12 ? 5.972   8.807   4.548   1.00 51.73  ? 18  DA  B "O3'"  1 
ATOM   360  C  "C2'"  . DA  A 1 12 ? 4.372   6.967   4.360   1.00 68.83  ? 18  DA  B "C2'"  1 
ATOM   361  C  "C1'"  . DA  A 1 12 ? 5.002   6.153   3.231   1.00 56.31  ? 18  DA  B "C1'"  1 
ATOM   362  N  N9     . DA  A 1 12 ? 4.328   4.879   2.991   1.00 50.72  ? 18  DA  B N9     1 
ATOM   363  C  C8     . DA  A 1 12 ? 4.369   3.763   3.780   1.00 54.70  ? 18  DA  B C8     1 
ATOM   364  N  N7     . DA  A 1 12 ? 3.658   2.761   3.317   1.00 54.85  ? 18  DA  B N7     1 
ATOM   365  C  C5     . DA  A 1 12 ? 3.112   3.254   2.144   1.00 45.91  ? 18  DA  B C5     1 
ATOM   366  C  C6     . DA  A 1 12 ? 2.259   2.681   1.177   1.00 48.78  ? 18  DA  B C6     1 
ATOM   367  N  N6     . DA  A 1 12 ? 1.790   1.430   1.255   1.00 42.41  ? 18  DA  B N6     1 
ATOM   368  N  N1     . DA  A 1 12 ? 1.903   3.447   0.125   1.00 44.17  ? 18  DA  B N1     1 
ATOM   369  C  C2     . DA  A 1 12 ? 2.373   4.699   0.052   1.00 49.58  ? 18  DA  B C2     1 
ATOM   370  N  N3     . DA  A 1 12 ? 3.176   5.345   0.896   1.00 44.77  ? 18  DA  B N3     1 
ATOM   371  C  C4     . DA  A 1 12 ? 3.513   4.560   1.929   1.00 44.86  ? 18  DA  B C4     1 
ATOM   372  H  "H5'"  . DA  A 1 12 ? 7.085   5.843   6.754   1.00 84.24  ? 18  DA  B "H5'"  1 
ATOM   373  H  "H5''" . DA  A 1 12 ? 5.821   5.131   6.127   1.00 84.24  ? 18  DA  B "H5''" 1 
ATOM   374  H  "H4'"  . DA  A 1 12 ? 7.512   6.959   4.811   1.00 74.71  ? 18  DA  B "H4'"  1 
ATOM   375  H  "H3'"  . DA  A 1 12 ? 5.380   7.650   6.029   1.00 64.79  ? 18  DA  B "H3'"  1 
ATOM   376  H  "H2'"  . DA  A 1 12 ? 3.867   6.389   4.954   1.00 82.75  ? 18  DA  B "H2'"  1 
ATOM   377  H  "H2''" . DA  A 1 12 ? 3.808   7.668   4.000   1.00 82.75  ? 18  DA  B "H2''" 1 
ATOM   378  H  "H1'"  . DA  A 1 12 ? 4.990   6.679   2.415   1.00 67.72  ? 18  DA  B "H1'"  1 
ATOM   379  H  H8     . DA  A 1 12 ? 4.855   3.718   4.572   1.00 65.79  ? 18  DA  B H8     1 
ATOM   380  H  H61    . DA  A 1 12 ? 1.271   1.125   0.639   1.00 51.04  ? 18  DA  B H61    1 
ATOM   381  H  H62    . DA  A 1 12 ? 2.008   0.929   1.920   1.00 51.04  ? 18  DA  B H62    1 
ATOM   382  H  H2     . DA  A 1 12 ? 2.098   5.186   -0.691  1.00 59.66  ? 18  DA  B H2     1 
ATOM   383  P  P      . DC  A 1 13 ? 5.222   10.149  5.002   1.00 81.40  ? 19  DC  B P      1 
ATOM   384  O  OP1    . DC  A 1 13 ? 6.021   11.296  4.514   1.00 73.75  ? 19  DC  B OP1    1 
ATOM   385  O  OP2    . DC  A 1 13 ? 4.886   10.021  6.438   1.00 61.38  ? 19  DC  B OP2    1 
ATOM   386  O  "O5'"  . DC  A 1 13 ? 3.857   10.099  4.182   1.00 66.84  ? 19  DC  B "O5'"  1 
ATOM   387  C  "C5'"  . DC  A 1 13 ? 3.895   10.010  2.775   1.00 58.62  ? 19  DC  B "C5'"  1 
ATOM   388  C  "C4'"  . DC  A 1 13 ? 2.522   9.710   2.213   1.00 63.86  ? 19  DC  B "C4'"  1 
ATOM   389  O  "O4'"  . DC  A 1 13 ? 2.299   8.290   2.185   1.00 66.98  ? 19  DC  B "O4'"  1 
ATOM   390  C  "C3'"  . DC  A 1 13 ? 1.357   10.276  3.017   1.00 58.44  ? 19  DC  B "C3'"  1 
ATOM   391  O  "O3'"  . DC  A 1 13 ? 0.935   11.504  2.453   1.00 64.65  ? 19  DC  B "O3'"  1 
ATOM   392  C  "C2'"  . DC  A 1 13 ? 0.275   9.182   2.943   1.00 61.72  ? 19  DC  B "C2'"  1 
ATOM   393  C  "C1'"  . DC  A 1 13 ? 0.915   8.079   2.100   1.00 54.24  ? 19  DC  B "C1'"  1 
ATOM   394  N  N1     . DC  A 1 13 ? 0.614   6.685   2.557   1.00 46.51  ? 19  DC  B N1     1 
ATOM   395  C  C2     . DC  A 1 13 ? -0.182  5.848   1.761   1.00 54.76  ? 19  DC  B C2     1 
ATOM   396  O  O2     . DC  A 1 13 ? -0.639  6.278   0.694   1.00 57.26  ? 19  DC  B O2     1 
ATOM   397  N  N3     . DC  A 1 13 ? -0.434  4.585   2.187   1.00 46.17  ? 19  DC  B N3     1 
ATOM   398  C  C4     . DC  A 1 13 ? 0.076   4.154   3.340   1.00 46.94  ? 19  DC  B C4     1 
ATOM   399  N  N4     . DC  A 1 13 ? -0.202  2.901   3.720   1.00 52.20  ? 19  DC  B N4     1 
ATOM   400  C  C5     . DC  A 1 13 ? 0.891   4.987   4.161   1.00 43.20  ? 19  DC  B C5     1 
ATOM   401  C  C6     . DC  A 1 13 ? 1.134   6.232   3.733   1.00 40.87  ? 19  DC  B C6     1 
ATOM   402  H  "H5'"  . DC  A 1 13 ? 4.506   9.302   2.518   1.00 70.49  ? 19  DC  B "H5'"  1 
ATOM   403  H  "H5''" . DC  A 1 13 ? 4.212   10.851  2.410   1.00 70.49  ? 19  DC  B "H5''" 1 
ATOM   404  H  "H4'"  . DC  A 1 13 ? 2.472   10.053  1.307   1.00 76.78  ? 19  DC  B "H4'"  1 
ATOM   405  H  "H3'"  . DC  A 1 13 ? 1.628   10.411  3.939   1.00 70.28  ? 19  DC  B "H3'"  1 
ATOM   406  H  "H2'"  . DC  A 1 13 ? 0.065   8.851   3.831   1.00 74.21  ? 19  DC  B "H2'"  1 
ATOM   407  H  "H2''" . DC  A 1 13 ? -0.523  9.522   2.509   1.00 74.21  ? 19  DC  B "H2''" 1 
ATOM   408  H  "H1'"  . DC  A 1 13 ? 0.634   8.180   1.176   1.00 65.24  ? 19  DC  B "H1'"  1 
ATOM   409  H  H41    . DC  A 1 13 ? 0.107   2.597   4.462   1.00 62.80  ? 19  DC  B H41    1 
ATOM   410  H  H42    . DC  A 1 13 ? -0.692  2.399   3.220   1.00 62.80  ? 19  DC  B H42    1 
ATOM   411  H  H5     . DC  A 1 13 ? 1.240   4.678   4.965   1.00 52.00  ? 19  DC  B H5     1 
ATOM   412  H  H6     . DC  A 1 13 ? 1.662   6.799   4.249   1.00 49.20  ? 19  DC  B H6     1 
ATOM   413  P  P      . DG  A 1 14 ? -0.174  12.398  3.191   1.00 76.73  ? 20  DG  B P      1 
ATOM   414  O  OP1    . DG  A 1 14 ? 0.149   13.817  2.917   1.00 71.13  ? 20  DG  B OP1    1 
ATOM   415  O  OP2    . DG  A 1 14 ? -0.293  11.922  4.587   1.00 71.94  ? 20  DG  B OP2    1 
ATOM   416  O  "O5'"  . DG  A 1 14 ? -1.519  12.019  2.424   1.00 57.31  ? 20  DG  B "O5'"  1 
ATOM   417  C  "C5'"  . DG  A 1 14 ? -1.522  11.958  1.006   1.00 65.14  ? 20  DG  B "C5'"  1 
ATOM   418  C  "C4'"  . DG  A 1 14 ? -2.645  11.075  0.508   1.00 72.07  ? 20  DG  B "C4'"  1 
ATOM   419  O  "O4'"  . DG  A 1 14 ? -2.408  9.711   0.939   1.00 83.60  ? 20  DG  B "O4'"  1 
ATOM   420  C  "C3'"  . DG  A 1 14 ? -4.030  11.459  1.033   1.00 72.58  ? 20  DG  B "C3'"  1 
ATOM   421  O  "O3'"  . DG  A 1 14 ? -4.870  11.891  -0.030  1.00 85.51  ? 20  DG  B "O3'"  1 
ATOM   422  C  "C2'"  . DG  A 1 14 ? -4.558  10.191  1.713   1.00 71.09  ? 20  DG  B "C2'"  1 
ATOM   423  C  "C1'"  . DG  A 1 14 ? -3.640  9.091   1.207   1.00 69.92  ? 20  DG  B "C1'"  1 
ATOM   424  N  N9     . DG  A 1 14 ? -3.437  8.017   2.175   1.00 64.38  ? 20  DG  B N9     1 
ATOM   425  C  C8     . DG  A 1 14 ? -2.743  8.091   3.359   1.00 60.98  ? 20  DG  B C8     1 
ATOM   426  N  N7     . DG  A 1 14 ? -2.738  6.973   4.029   1.00 50.38  ? 20  DG  B N7     1 
ATOM   427  C  C5     . DG  A 1 14 ? -3.482  6.103   3.243   1.00 48.54  ? 20  DG  B C5     1 
ATOM   428  C  C6     . DG  A 1 14 ? -3.818  4.747   3.456   1.00 48.79  ? 20  DG  B C6     1 
ATOM   429  O  O6     . DG  A 1 14 ? -3.516  4.022   4.414   1.00 43.57  ? 20  DG  B O6     1 
ATOM   430  N  N1     . DG  A 1 14 ? -4.586  4.236   2.414   1.00 45.86  ? 20  DG  B N1     1 
ATOM   431  C  C2     . DG  A 1 14 ? -4.980  4.946   1.307   1.00 45.86  ? 20  DG  B C2     1 
ATOM   432  N  N2     . DG  A 1 14 ? -5.716  4.278   0.408   1.00 56.28  ? 20  DG  B N2     1 
ATOM   433  N  N3     . DG  A 1 14 ? -4.672  6.219   1.093   1.00 45.77  ? 20  DG  B N3     1 
ATOM   434  C  C4     . DG  A 1 14 ? -3.922  6.732   2.099   1.00 52.60  ? 20  DG  B C4     1 
ATOM   435  H  "H5'"  . DG  A 1 14 ? -0.674  11.599  0.701   1.00 78.33  ? 20  DG  B "H5'"  1 
ATOM   436  H  "H5''" . DG  A 1 14 ? -1.637  12.853  0.649   1.00 78.33  ? 20  DG  B "H5''" 1 
ATOM   437  H  "H4'"  . DG  A 1 14 ? -2.658  11.101  -0.461  1.00 86.63  ? 20  DG  B "H4'"  1 
ATOM   438  H  "H3'"  . DG  A 1 14 ? -3.944  12.167  1.690   1.00 87.25  ? 20  DG  B "H3'"  1 
ATOM   439  H  "H2'"  . DG  A 1 14 ? -4.495  10.270  2.676   1.00 85.46  ? 20  DG  B "H2'"  1 
ATOM   440  H  "H2''" . DG  A 1 14 ? -5.474  10.018  1.444   1.00 85.46  ? 20  DG  B "H2''" 1 
ATOM   441  H  "H1'"  . DG  A 1 14 ? -4.000  8.722   0.385   1.00 84.06  ? 20  DG  B "H1'"  1 
ATOM   442  H  H8     . DG  A 1 14 ? -2.314  8.863   3.651   1.00 73.33  ? 20  DG  B H8     1 
ATOM   443  H  H1     . DG  A 1 14 ? -4.834  3.414   2.468   1.00 55.19  ? 20  DG  B H1     1 
ATOM   444  H  H21    . DG  A 1 14 ? -5.983  4.673   -0.308  1.00 67.69  ? 20  DG  B H21    1 
ATOM   445  H  H22    . DG  A 1 14 ? -5.923  3.455   0.547   1.00 67.69  ? 20  DG  B H22    1 
ATOM   446  P  P      . DC  A 1 15 ? -6.211  12.717  0.290   1.00 94.30  ? 21  DC  B P      1 
ATOM   447  O  OP1    . DC  A 1 15 ? -6.857  13.032  -1.004  1.00 63.18  ? 21  DC  B OP1    1 
ATOM   448  O  OP2    . DC  A 1 15 ? -5.854  13.809  1.222   1.00 77.34  ? 21  DC  B OP2    1 
ATOM   449  O  "O5'"  . DC  A 1 15 ? -7.109  11.677  1.110   1.00 67.87  ? 21  DC  B "O5'"  1 
ATOM   450  C  "C5'"  . DC  A 1 15 ? -8.429  11.370  0.682   1.00 71.02  ? 21  DC  B "C5'"  1 
ATOM   451  C  "C4'"  . DC  A 1 15 ? -8.575  9.887   0.387   1.00 65.95  ? 21  DC  B "C4'"  1 
ATOM   452  O  "O4'"  . DC  A 1 15 ? -7.533  9.150   1.056   1.00 67.23  ? 21  DC  B "O4'"  1 
ATOM   453  C  "C3'"  . DC  A 1 15 ? -9.865  9.258   0.881   1.00 68.86  ? 21  DC  B "C3'"  1 
ATOM   454  O  "O3'"  . DC  A 1 15 ? -10.879 9.382   -0.097  1.00 62.38  ? 21  DC  B "O3'"  1 
ATOM   455  C  "C2'"  . DC  A 1 15 ? -9.483  7.798   1.143   1.00 69.75  ? 21  DC  B "C2'"  1 
ATOM   456  C  "C1'"  . DC  A 1 15 ? -7.952  7.812   1.233   1.00 62.57  ? 21  DC  B "C1'"  1 
ATOM   457  N  N1     . DC  A 1 15 ? -7.418  7.313   2.539   1.00 56.13  ? 21  DC  B N1     1 
ATOM   458  C  C2     . DC  A 1 15 ? -7.700  6.005   2.954   1.00 54.64  ? 21  DC  B C2     1 
ATOM   459  O  O2     . DC  A 1 15 ? -8.397  5.279   2.235   1.00 54.77  ? 21  DC  B O2     1 
ATOM   460  N  N3     . DC  A 1 15 ? -7.201  5.571   4.138   1.00 48.22  ? 21  DC  B N3     1 
ATOM   461  C  C4     . DC  A 1 15 ? -6.451  6.384   4.886   1.00 53.42  ? 21  DC  B C4     1 
ATOM   462  N  N4     . DC  A 1 15 ? -5.981  5.913   6.045   1.00 45.15  ? 21  DC  B N4     1 
ATOM   463  C  C5     . DC  A 1 15 ? -6.151  7.717   4.478   1.00 55.84  ? 21  DC  B C5     1 
ATOM   464  C  C6     . DC  A 1 15 ? -6.649  8.135   3.309   1.00 63.08  ? 21  DC  B C6     1 
ATOM   465  H  "H5'"  . DC  A 1 15 ? -8.629  11.876  -0.120  1.00 85.38  ? 21  DC  B "H5'"  1 
ATOM   466  H  "H5''" . DC  A 1 15 ? -9.056  11.619  1.380   1.00 85.38  ? 21  DC  B "H5''" 1 
ATOM   467  H  "H4'"  . DC  A 1 15 ? -8.499  9.745   -0.569  1.00 79.30  ? 21  DC  B "H4'"  1 
ATOM   468  H  "H3'"  . DC  A 1 15 ? -10.144 9.682   1.707   1.00 82.79  ? 21  DC  B "H3'"  1 
ATOM   469  H  "H2'"  . DC  A 1 15 ? -9.868  7.492   1.979   1.00 83.86  ? 21  DC  B "H2'"  1 
ATOM   470  H  "H2''" . DC  A 1 15 ? -9.773  7.235   0.409   1.00 83.86  ? 21  DC  B "H2''" 1 
ATOM   471  H  "H1'"  . DC  A 1 15 ? -7.589  7.270   0.516   1.00 75.24  ? 21  DC  B "H1'"  1 
ATOM   472  H  H41    . DC  A 1 15 ? -5.494  6.414   6.547   1.00 54.33  ? 21  DC  B H41    1 
ATOM   473  H  H42    . DC  A 1 15 ? -6.165  5.108   6.289   1.00 54.33  ? 21  DC  B H42    1 
ATOM   474  H  H5     . DC  A 1 15 ? -5.629  8.277   5.007   1.00 67.16  ? 21  DC  B H5     1 
ATOM   475  H  H6     . DC  A 1 15 ? -6.468  8.999   3.019   1.00 75.85  ? 21  DC  B H6     1 
ATOM   476  P  P      . DC  A 1 16 ? -12.380 9.735   0.342   1.00 83.88  ? 22  DC  B P      1 
ATOM   477  O  OP1    . DC  A 1 16 ? -13.123 10.111  -0.882  1.00 75.70  ? 22  DC  B OP1    1 
ATOM   478  O  OP2    . DC  A 1 16 ? -12.308 10.670  1.487   1.00 60.72  ? 22  DC  B OP2    1 
ATOM   479  O  "O5'"  . DC  A 1 16 ? -12.945 8.347   0.893   1.00 65.83  ? 22  DC  B "O5'"  1 
ATOM   480  C  "C5'"  . DC  A 1 16 ? -12.837 7.175   0.101   1.00 72.65  ? 22  DC  B "C5'"  1 
ATOM   481  C  "C4'"  . DC  A 1 16 ? -13.179 5.944   0.914   1.00 70.70  ? 22  DC  B "C4'"  1 
ATOM   482  O  "O4'"  . DC  A 1 16 ? -12.069 5.606   1.766   1.00 60.41  ? 22  DC  B "O4'"  1 
ATOM   483  C  "C3'"  . DC  A 1 16 ? -14.364 6.117   1.855   1.00 65.99  ? 22  DC  B "C3'"  1 
ATOM   484  O  "O3'"  . DC  A 1 16 ? -15.559 5.639   1.257   1.00 71.68  ? 22  DC  B "O3'"  1 
ATOM   485  C  "C2'"  . DC  A 1 16 ? -13.983 5.319   3.106   1.00 61.09  ? 22  DC  B "C2'"  1 
ATOM   486  C  "C1'"  . DC  A 1 16 ? -12.550 4.862   2.859   1.00 54.69  ? 22  DC  B "C1'"  1 
ATOM   487  N  N1     . DC  A 1 16 ? -11.636 5.079   4.028   1.00 44.15  ? 22  DC  B N1     1 
ATOM   488  C  C2     . DC  A 1 16 ? -11.482 4.072   4.990   1.00 47.24  ? 22  DC  B C2     1 
ATOM   489  O  O2     . DC  A 1 16 ? -12.109 3.013   4.860   1.00 52.78  ? 22  DC  B O2     1 
ATOM   490  N  N3     . DC  A 1 16 ? -10.648 4.288   6.040   1.00 44.73  ? 22  DC  B N3     1 
ATOM   491  C  C4     . DC  A 1 16 ? -9.990  5.446   6.144   1.00 52.91  ? 22  DC  B C4     1 
ATOM   492  N  N4     . DC  A 1 16 ? -9.177  5.616   7.194   1.00 43.37  ? 22  DC  B N4     1 
ATOM   493  C  C5     . DC  A 1 16 ? -10.135 6.481   5.176   1.00 49.06  ? 22  DC  B C5     1 
ATOM   494  C  C6     . DC  A 1 16 ? -10.960 6.257   4.146   1.00 47.84  ? 22  DC  B C6     1 
ATOM   495  H  "H5'"  . DC  A 1 16 ? -11.929 7.096   -0.230  1.00 87.33  ? 22  DC  B "H5'"  1 
ATOM   496  H  "H5''" . DC  A 1 16 ? -13.446 7.240   -0.651  1.00 87.33  ? 22  DC  B "H5''" 1 
ATOM   497  H  "H4'"  . DC  A 1 16 ? -13.356 5.204   0.313   1.00 84.99  ? 22  DC  B "H4'"  1 
ATOM   498  H  "H3'"  . DC  A 1 16 ? -14.466 7.055   2.084   1.00 79.35  ? 22  DC  B "H3'"  1 
ATOM   499  H  "H2'"  . DC  A 1 16 ? -14.024 5.885   3.894   1.00 73.47  ? 22  DC  B "H2'"  1 
ATOM   500  H  "H2''" . DC  A 1 16 ? -14.568 4.553   3.210   1.00 73.47  ? 22  DC  B "H2''" 1 
ATOM   501  H  "H1'"  . DC  A 1 16 ? -12.552 3.920   2.626   1.00 65.79  ? 22  DC  B "H1'"  1 
ATOM   502  H  H41    . DC  A 1 16 ? -8.747  6.354   7.289   1.00 52.20  ? 22  DC  B H41    1 
ATOM   503  H  H42    . DC  A 1 16 ? -9.087  4.988   7.775   1.00 52.20  ? 22  DC  B H42    1 
ATOM   504  H  H5     . DC  A 1 16 ? -9.671  7.283   5.254   1.00 59.03  ? 22  DC  B H5     1 
ATOM   505  H  H6     . DC  A 1 16 ? -11.073 6.916   3.499   1.00 57.56  ? 22  DC  B H6     1 
ATOM   506  P  P      . DG  A 1 17 ? -16.982 6.022   1.894   1.00 87.51  ? 23  DG  B P      1 
ATOM   507  O  OP1    . DG  A 1 17 ? -17.999 5.853   0.831   1.00 73.09  ? 23  DG  B OP1    1 
ATOM   508  O  OP2    . DG  A 1 17 ? -16.841 7.323   2.588   1.00 77.77  ? 23  DG  B OP2    1 
ATOM   509  O  "O5'"  . DG  A 1 17 ? -17.209 4.901   3.008   1.00 61.04  ? 23  DG  B "O5'"  1 
ATOM   510  C  "C5'"  . DG  A 1 17 ? -17.174 3.536   2.637   1.00 62.92  ? 23  DG  B "C5'"  1 
ATOM   511  C  "C4'"  . DG  A 1 17 ? -17.392 2.634   3.838   1.00 72.87  ? 23  DG  B "C4'"  1 
ATOM   512  O  "O4'"  . DG  A 1 17 ? -16.249 2.724   4.733   1.00 79.05  ? 23  DG  B "O4'"  1 
ATOM   513  C  "C3'"  . DG  A 1 17 ? -18.618 2.963   4.679   1.00 70.66  ? 23  DG  B "C3'"  1 
ATOM   514  O  "O3'"  . DG  A 1 17 ? -19.272 1.766   5.065   1.00 74.25  ? 23  DG  B "O3'"  1 
ATOM   515  C  "C2'"  . DG  A 1 17 ? -18.050 3.741   5.866   1.00 70.62  ? 23  DG  B "C2'"  1 
ATOM   516  C  "C1'"  . DG  A 1 17 ? -16.650 3.165   6.019   1.00 58.99  ? 23  DG  B "C1'"  1 
ATOM   517  N  N9     . DG  A 1 17 ? -15.655 4.123   6.491   1.00 49.13  ? 23  DG  B N9     1 
ATOM   518  C  C8     . DG  A 1 17 ? -15.370 5.345   5.941   1.00 53.32  ? 23  DG  B C8     1 
ATOM   519  N  N7     . DG  A 1 17 ? -14.407 5.981   6.550   1.00 49.92  ? 23  DG  B N7     1 
ATOM   520  C  C5     . DG  A 1 17 ? -14.029 5.124   7.573   1.00 41.86  ? 23  DG  B C5     1 
ATOM   521  C  C6     . DG  A 1 17 ? -13.032 5.276   8.565   1.00 50.21  ? 23  DG  B C6     1 
ATOM   522  O  O6     . DG  A 1 17 ? -12.265 6.233   8.744   1.00 58.29  ? 23  DG  B O6     1 
ATOM   523  N  N1     . DG  A 1 17 ? -12.974 4.172   9.411   1.00 48.50  ? 23  DG  B N1     1 
ATOM   524  C  C2     . DG  A 1 17 ? -13.776 3.061   9.306   1.00 56.01  ? 23  DG  B C2     1 
ATOM   525  N  N2     . DG  A 1 17 ? -13.569 2.095   10.212  1.00 69.75  ? 23  DG  B N2     1 
ATOM   526  N  N3     . DG  A 1 17 ? -14.712 2.904   8.378   1.00 56.39  ? 23  DG  B N3     1 
ATOM   527  C  C4     . DG  A 1 17 ? -14.783 3.972   7.548   1.00 46.35  ? 23  DG  B C4     1 
ATOM   528  H  "H5'"  . DG  A 1 17 ? -16.311 3.337   2.242   1.00 75.66  ? 23  DG  B "H5'"  1 
ATOM   529  H  "H5''" . DG  A 1 17 ? -17.870 3.367   1.983   1.00 75.66  ? 23  DG  B "H5''" 1 
ATOM   530  H  "H4'"  . DG  A 1 17 ? -17.467 1.717   3.526   1.00 87.60  ? 23  DG  B "H4'"  1 
ATOM   531  H  "H3'"  . DG  A 1 17 ? -19.224 3.526   4.173   1.00 84.95  ? 23  DG  B "H3'"  1 
ATOM   532  H  "H2'"  . DG  A 1 17 ? -18.009 4.690   5.667   1.00 84.89  ? 23  DG  B "H2'"  1 
ATOM   533  H  "H2''" . DG  A 1 17 ? -18.575 3.579   6.666   1.00 84.89  ? 23  DG  B "H2''" 1 
ATOM   534  H  "H1'"  . DG  A 1 17 ? -16.679 2.407   6.624   1.00 70.94  ? 23  DG  B "H1'"  1 
ATOM   535  H  H8     . DG  A 1 17 ? -15.813 5.686   5.198   1.00 64.14  ? 23  DG  B H8     1 
ATOM   536  H  H1     . DG  A 1 17 ? -12.393 4.186   10.044  1.00 58.36  ? 23  DG  B H1     1 
ATOM   537  H  H21    . DG  A 1 17 ? -14.041 1.377   10.191  1.00 83.86  ? 23  DG  B H21    1 
ATOM   538  H  H22    . DG  A 1 17 ? -12.964 2.195   10.816  1.00 83.86  ? 23  DG  B H22    1 
ATOM   539  P  P      . DA  A 1 18 ? -20.506 1.805   6.088   1.00 84.69  ? 24  DA  B P      1 
ATOM   540  O  OP1    . DA  A 1 18 ? -21.428 0.704   5.734   1.00 88.68  ? 24  DA  B OP1    1 
ATOM   541  O  OP2    . DA  A 1 18 ? -20.993 3.202   6.144   1.00 76.81  ? 24  DA  B OP2    1 
ATOM   542  O  "O5'"  . DA  A 1 18 ? -19.830 1.471   7.493   1.00 71.72  ? 24  DA  B "O5'"  1 
ATOM   543  C  "C5'"  . DA  A 1 18 ? -20.641 1.208   8.615   1.00 79.21  ? 24  DA  B "C5'"  1 
ATOM   544  C  "C4'"  . DA  A 1 18 ? -19.791 0.950   9.838   1.00 65.47  ? 24  DA  B "C4'"  1 
ATOM   545  O  "O4'"  . DA  A 1 18 ? -18.551 1.696   9.727   1.00 60.56  ? 24  DA  B "O4'"  1 
ATOM   546  C  "C3'"  . DA  A 1 18 ? -20.433 1.370   11.155  1.00 76.46  ? 24  DA  B "C3'"  1 
ATOM   547  O  "O3'"  . DA  A 1 18 ? -20.312 0.334   12.108  1.00 76.18  ? 24  DA  B "O3'"  1 
ATOM   548  C  "C2'"  . DA  A 1 18 ? -19.672 2.635   11.557  1.00 79.62  ? 24  DA  B "C2'"  1 
ATOM   549  C  "C1'"  . DA  A 1 18 ? -18.319 2.435   10.907  1.00 68.55  ? 24  DA  B "C1'"  1 
ATOM   550  N  N9     . DA  A 1 18 ? -17.634 3.671   10.539  1.00 67.70  ? 24  DA  B N9     1 
ATOM   551  C  C8     . DA  A 1 18 ? -17.930 4.498   9.489   1.00 69.39  ? 24  DA  B C8     1 
ATOM   552  N  N7     . DA  A 1 18 ? -17.124 5.530   9.384   1.00 47.92  ? 24  DA  B N7     1 
ATOM   553  C  C5     . DA  A 1 18 ? -16.230 5.359   10.428  1.00 53.18  ? 24  DA  B C5     1 
ATOM   554  C  C6     . DA  A 1 18 ? -15.127 6.118   10.866  1.00 56.87  ? 24  DA  B C6     1 
ATOM   555  N  N6     . DA  A 1 18 ? -14.727 7.245   10.268  1.00 54.96  ? 24  DA  B N6     1 
ATOM   556  N  N1     . DA  A 1 18 ? -14.449 5.673   11.944  1.00 55.10  ? 24  DA  B N1     1 
ATOM   557  C  C2     . DA  A 1 18 ? -14.854 4.542   12.539  1.00 60.02  ? 24  DA  B C2     1 
ATOM   558  N  N3     . DA  A 1 18 ? -15.876 3.747   12.223  1.00 49.04  ? 24  DA  B N3     1 
ATOM   559  C  C4     . DA  A 1 18 ? -16.529 4.218   11.149  1.00 52.29  ? 24  DA  B C4     1 
ATOM   560  H  "H5'"  . DA  A 1 18 ? -21.189 0.428   8.436   1.00 95.21  ? 24  DA  B "H5'"  1 
ATOM   561  H  "H5''" . DA  A 1 18 ? -21.215 1.972   8.779   1.00 95.21  ? 24  DA  B "H5''" 1 
ATOM   562  H  "H4'"  . DA  A 1 18 ? -19.583 0.003   9.880   1.00 78.71  ? 24  DA  B "H4'"  1 
ATOM   563  H  "H3'"  . DA  A 1 18 ? -21.370 1.581   11.012  1.00 91.91  ? 24  DA  B "H3'"  1 
ATOM   564  H  "H2'"  . DA  A 1 18 ? -20.110 3.425   11.204  1.00 95.70  ? 24  DA  B "H2'"  1 
ATOM   565  H  "H2''" . DA  A 1 18 ? -19.585 2.690   12.522  1.00 95.70  ? 24  DA  B "H2''" 1 
ATOM   566  H  "H1'"  . DA  A 1 18 ? -17.751 1.920   11.502  1.00 82.41  ? 24  DA  B "H1'"  1 
ATOM   567  H  H8     . DA  A 1 18 ? -18.641 4.347   8.910   1.00 83.43  ? 24  DA  B H8     1 
ATOM   568  H  H61    . DA  A 1 18 ? -14.047 7.675   10.572  1.00 66.10  ? 24  DA  B H61    1 
ATOM   569  H  H62    . DA  A 1 18 ? -15.149 7.540   9.579   1.00 66.10  ? 24  DA  B H62    1 
ATOM   570  H  H2     . DA  A 1 18 ? -14.355 4.278   13.278  1.00 72.18  ? 24  DA  B H2     1 
ATOM   571  P  P      . DC  A 1 19 ? -21.303 0.282   13.367  1.00 86.52  ? 25  DC  B P      1 
ATOM   572  O  OP1    . DC  A 1 19 ? -21.262 -1.099  13.898  1.00 81.72  ? 25  DC  B OP1    1 
ATOM   573  O  OP2    . DC  A 1 19 ? -22.593 0.880   12.961  1.00 92.19  ? 25  DC  B OP2    1 
ATOM   574  O  "O5'"  . DC  A 1 19 ? -20.614 1.262   14.424  1.00 71.37  ? 25  DC  B "O5'"  1 
ATOM   575  C  "C5'"  . DC  A 1 19 ? -19.322 0.959   14.914  1.00 83.62  ? 25  DC  B "C5'"  1 
ATOM   576  C  "C4'"  . DC  A 1 19 ? -18.735 2.129   15.684  1.00 81.80  ? 25  DC  B "C4'"  1 
ATOM   577  O  "O4'"  . DC  A 1 19 ? -18.192 3.095   14.768  1.00 74.84  ? 25  DC  B "O4'"  1 
ATOM   578  C  "C3'"  . DC  A 1 19 ? -19.727 2.908   16.548  1.00 87.46  ? 25  DC  B "C3'"  1 
ATOM   579  O  "O3'"  . DC  A 1 19 ? -19.563 2.547   17.910  1.00 84.40  ? 25  DC  B "O3'"  1 
ATOM   580  C  "C2'"  . DC  A 1 19 ? -19.402 4.396   16.278  1.00 84.33  ? 25  DC  B "C2'"  1 
ATOM   581  C  "C1'"  . DC  A 1 19 ? -18.147 4.339   15.418  1.00 74.36  ? 25  DC  B "C1'"  1 
ATOM   582  N  N1     . DC  A 1 19 ? -18.029 5.401   14.361  1.00 64.38  ? 25  DC  B N1     1 
ATOM   583  C  C2     . DC  A 1 19 ? -16.915 6.251   14.357  1.00 67.10  ? 25  DC  B C2     1 
ATOM   584  O  O2     . DC  A 1 19 ? -16.070 6.145   15.254  1.00 69.58  ? 25  DC  B O2     1 
ATOM   585  N  N3     . DC  A 1 19 ? -16.797 7.179   13.375  1.00 55.81  ? 25  DC  B N3     1 
ATOM   586  C  C4     . DC  A 1 19 ? -17.727 7.268   12.425  1.00 64.46  ? 25  DC  B C4     1 
ATOM   587  N  N4     . DC  A 1 19 ? -17.564 8.201   11.479  1.00 62.42  ? 25  DC  B N4     1 
ATOM   588  C  C5     . DC  A 1 19 ? -18.860 6.399   12.397  1.00 63.68  ? 25  DC  B C5     1 
ATOM   589  C  C6     . DC  A 1 19 ? -18.966 5.485   13.370  1.00 59.97  ? 25  DC  B C6     1 
ATOM   590  H  "H5'"  . DC  A 1 19 ? -18.740 0.747   14.166  1.00 100.50 ? 25  DC  B "H5'"  1 
ATOM   591  H  "H5''" . DC  A 1 19 ? -19.377 0.189   15.501  1.00 100.50 ? 25  DC  B "H5''" 1 
ATOM   592  H  "H4'"  . DC  A 1 19 ? -18.019 1.801   16.252  1.00 98.31  ? 25  DC  B "H4'"  1 
ATOM   593  H  "H3'"  . DC  A 1 19 ? -20.634 2.713   16.263  1.00 105.10 ? 25  DC  B "H3'"  1 
ATOM   594  H  "H2'"  . DC  A 1 19 ? -20.127 4.821   15.796  1.00 101.35 ? 25  DC  B "H2'"  1 
ATOM   595  H  "H2''" . DC  A 1 19 ? -19.224 4.861   17.111  1.00 101.35 ? 25  DC  B "H2''" 1 
ATOM   596  H  "H1'"  . DC  A 1 19 ? -17.366 4.371   15.991  1.00 89.39  ? 25  DC  B "H1'"  1 
ATOM   597  H  H41    . DC  A 1 19 ? -18.145 8.282   10.849  1.00 75.06  ? 25  DC  B H41    1 
ATOM   598  H  H42    . DC  A 1 19 ? -16.878 8.720   11.500  1.00 75.06  ? 25  DC  B H42    1 
ATOM   599  H  H5     . DC  A 1 19 ? -19.502 6.468   11.728  1.00 76.57  ? 25  DC  B H5     1 
ATOM   600  H  H6     . DC  A 1 19 ? -19.695 4.909   13.379  1.00 72.11  ? 25  DC  B H6     1 
ATOM   601  P  P      . DT  A 1 20 ? -20.412 3.282   19.053  1.00 106.84 ? 26  DT  B P      1 
ATOM   602  O  OP1    . DT  A 1 20 ? -20.543 2.332   20.183  1.00 96.84  ? 26  DT  B OP1    1 
ATOM   603  O  OP2    . DT  A 1 20 ? -21.619 3.859   18.418  1.00 93.12  ? 26  DT  B OP2    1 
ATOM   604  O  "O5'"  . DT  A 1 20 ? -19.466 4.487   19.499  1.00 91.74  ? 26  DT  B "O5'"  1 
ATOM   605  C  "C5'"  . DT  A 1 20 ? -18.089 4.245   19.735  1.00 85.39  ? 26  DT  B "C5'"  1 
ATOM   606  C  "C4'"  . DT  A 1 20 ? -17.444 5.424   20.435  1.00 96.35  ? 26  DT  B "C4'"  1 
ATOM   607  O  "O4'"  . DT  A 1 20 ? -16.942 6.366   19.447  1.00 95.74  ? 26  DT  B "O4'"  1 
ATOM   608  C  "C3'"  . DT  A 1 20 ? -18.374 6.223   21.335  1.00 101.62 ? 26  DT  B "C3'"  1 
ATOM   609  O  "O3'"  . DT  A 1 20 ? -17.673 6.664   22.485  1.00 99.01  ? 26  DT  B "O3'"  1 
ATOM   610  C  "C2'"  . DT  A 1 20 ? -18.826 7.371   20.434  1.00 101.94 ? 26  DT  B "C2'"  1 
ATOM   611  C  "C1'"  . DT  A 1 20 ? -17.583 7.624   19.588  1.00 101.72 ? 26  DT  B "C1'"  1 
ATOM   612  N  N1     . DT  A 1 20 ? -17.825 8.170   18.201  1.00 87.54  ? 26  DT  B N1     1 
ATOM   613  C  C2     . DT  A 1 20 ? -16.853 8.959   17.628  1.00 87.25  ? 26  DT  B C2     1 
ATOM   614  O  O2     . DT  A 1 20 ? -15.824 9.272   18.200  1.00 90.95  ? 26  DT  B O2     1 
ATOM   615  N  N3     . DT  A 1 20 ? -17.132 9.384   16.357  1.00 80.27  ? 26  DT  B N3     1 
ATOM   616  C  C4     . DT  A 1 20 ? -18.258 9.098   15.609  1.00 74.52  ? 26  DT  B C4     1 
ATOM   617  O  O4     . DT  A 1 20 ? -18.416 9.532   14.471  1.00 67.82  ? 26  DT  B O4     1 
ATOM   618  C  C5     . DT  A 1 20 ? -19.232 8.256   16.257  1.00 66.79  ? 26  DT  B C5     1 
ATOM   619  C  C7     . DT  A 1 20 ? -20.494 7.882   15.538  1.00 61.65  ? 26  DT  B C7     1 
ATOM   620  C  C6     . DT  A 1 20 ? -18.972 7.829   17.505  1.00 70.58  ? 26  DT  B C6     1 
ATOM   621  H  "H5'"  . DT  A 1 20 ? -17.642 4.094   18.886  1.00 102.62 ? 26  DT  B "H5'"  1 
ATOM   622  H  "H5''" . DT  A 1 20 ? -17.995 3.454   20.290  1.00 102.62 ? 26  DT  B "H5''" 1 
ATOM   623  H  "H4'"  . DT  A 1 20 ? -16.698 5.102   20.965  1.00 115.77 ? 26  DT  B "H4'"  1 
ATOM   624  H  "H3'"  . DT  A 1 20 ? -19.136 5.681   21.593  1.00 122.10 ? 26  DT  B "H3'"  1 
ATOM   625  H  "H2'"  . DT  A 1 20 ? -19.573 7.100   19.879  1.00 122.48 ? 26  DT  B "H2'"  1 
ATOM   626  H  "H2''" . DT  A 1 20 ? -19.050 8.154   20.961  1.00 122.48 ? 26  DT  B "H2''" 1 
ATOM   627  H  "H1'"  . DT  A 1 20 ? -16.992 8.226   20.068  1.00 122.22 ? 26  DT  B "H1'"  1 
ATOM   628  H  H3     . DT  A 1 20 ? -16.540 9.884   15.983  1.00 96.48  ? 26  DT  B H3     1 
ATOM   629  H  H71    . DT  A 1 20 ? -20.538 6.918   15.443  1.00 74.13  ? 26  DT  B H71    1 
ATOM   630  H  H72    . DT  A 1 20 ? -21.260 8.192   16.047  1.00 74.13  ? 26  DT  B H72    1 
ATOM   631  H  H73    . DT  A 1 20 ? -20.501 8.295   14.660  1.00 74.13  ? 26  DT  B H73    1 
ATOM   632  H  H6     . DT  A 1 20 ? -19.600 7.287   17.927  1.00 84.85  ? 26  DT  B H6     1 
ATOM   633  P  P      . DC  A 1 21 ? -18.416 7.540   23.603  1.00 125.41 ? 27  DC  B P      1 
ATOM   634  O  OP1    . DC  A 1 21 ? -17.807 7.205   24.911  1.00 138.55 ? 27  DC  B OP1    1 
ATOM   635  O  OP2    . DC  A 1 21 ? -19.872 7.383   23.399  1.00 104.76 ? 27  DC  B OP2    1 
ATOM   636  O  "O5'"  . DC  A 1 21 ? -18.020 9.040   23.223  1.00 118.30 ? 27  DC  B "O5'"  1 
ATOM   637  C  "C5'"  . DC  A 1 21 ? -16.649 9.397   23.090  1.00 111.01 ? 27  DC  B "C5'"  1 
ATOM   638  C  "C4'"  . DC  A 1 21 ? -16.499 10.896  22.929  1.00 113.40 ? 27  DC  B "C4'"  1 
ATOM   639  O  "O4'"  . DC  A 1 21 ? -16.866 11.276  21.570  1.00 112.47 ? 27  DC  B "O4'"  1 
ATOM   640  C  "C3'"  . DC  A 1 21 ? -17.393 11.724  23.848  1.00 119.48 ? 27  DC  B "C3'"  1 
ATOM   641  O  "O3'"  . DC  A 1 21 ? -16.734 12.913  24.266  1.00 118.92 ? 27  DC  B "O3'"  1 
ATOM   642  C  "C2'"  . DC  A 1 21 ? -18.604 12.005  22.971  1.00 106.53 ? 27  DC  B "C2'"  1 
ATOM   643  C  "C1'"  . DC  A 1 21 ? -17.961 12.174  21.598  1.00 106.36 ? 27  DC  B "C1'"  1 
ATOM   644  N  N1     . DC  A 1 21 ? -18.862 11.881  20.419  1.00 92.53  ? 27  DC  B N1     1 
ATOM   645  C  C2     . DC  A 1 21 ? -18.460 12.288  19.144  1.00 89.44  ? 27  DC  B C2     1 
ATOM   646  O  O2     . DC  A 1 21 ? -17.380 12.876  19.012  1.00 92.98  ? 27  DC  B O2     1 
ATOM   647  N  N3     . DC  A 1 21 ? -19.265 12.029  18.084  1.00 80.36  ? 27  DC  B N3     1 
ATOM   648  C  C4     . DC  A 1 21 ? -20.423 11.394  18.264  1.00 90.47  ? 27  DC  B C4     1 
ATOM   649  N  N4     . DC  A 1 21 ? -21.181 11.161  17.187  1.00 93.67  ? 27  DC  B N4     1 
ATOM   650  C  C5     . DC  A 1 21 ? -20.854 10.969  19.553  1.00 93.62  ? 27  DC  B C5     1 
ATOM   651  C  C6     . DC  A 1 21 ? -20.054 11.229  20.592  1.00 95.56  ? 27  DC  B C6     1 
ATOM   652  H  "H5'"  . DC  A 1 21 ? -16.277 8.954   22.311  1.00 133.37 ? 27  DC  B "H5'"  1 
ATOM   653  H  "H5''" . DC  A 1 21 ? -16.166 9.112   23.882  1.00 133.37 ? 27  DC  B "H5''" 1 
ATOM   654  H  "H4'"  . DC  A 1 21 ? -15.573 11.141  23.087  1.00 136.23 ? 27  DC  B "H4'"  1 
ATOM   655  H  "H3'"  . DC  A 1 21 ? -17.656 11.197  24.619  1.00 143.53 ? 27  DC  B "H3'"  1 
ATOM   656  H  "HO3'" . DC  A 1 21 ? -16.601 13.055  25.083  1.00 142.86 ? 27  DC  B "HO3'" 1 
ATOM   657  H  "H2'"  . DC  A 1 21 ? -19.216 11.253  22.977  1.00 127.99 ? 27  DC  B "H2'"  1 
ATOM   658  H  "H2''" . DC  A 1 21 ? -19.050 12.821  23.248  1.00 127.99 ? 27  DC  B "H2''" 1 
ATOM   659  H  "H1'"  . DC  A 1 21 ? -17.626 13.080  21.519  1.00 127.79 ? 27  DC  B "H1'"  1 
ATOM   660  H  H41    . DC  A 1 21 ? -21.932 10.751  17.271  1.00 112.55 ? 27  DC  B H41    1 
ATOM   661  H  H42    . DC  A 1 21 ? -20.916 11.420  16.411  1.00 112.55 ? 27  DC  B H42    1 
ATOM   662  H  H5     . DC  A 1 21 ? -21.663 10.526  19.668  1.00 112.50 ? 27  DC  B H5     1 
ATOM   663  H  H6     . DC  A 1 21 ? -20.311 10.963  21.446  1.00 114.82 ? 27  DC  B H6     1 
ATOM   664  O  "O5'"  . DT  B 2 1  ? -30.246 14.205  11.309  1.00 104.26 ? 28  DT  C "O5'"  1 
ATOM   665  C  "C5'"  . DT  B 2 1  ? -29.007 14.520  10.681  1.00 104.53 ? 28  DT  C "C5'"  1 
ATOM   666  C  "C4'"  . DT  B 2 1  ? -28.694 16.000  10.809  1.00 101.37 ? 28  DT  C "C4'"  1 
ATOM   667  O  "O4'"  . DT  B 2 1  ? -28.972 16.431  12.162  1.00 89.01  ? 28  DT  C "O4'"  1 
ATOM   668  C  "C3'"  . DT  B 2 1  ? -27.242 16.370  10.552  1.00 101.84 ? 28  DT  C "C3'"  1 
ATOM   669  O  "O3'"  . DT  B 2 1  ? -27.039 16.680  9.176   1.00 100.22 ? 28  DT  C "O3'"  1 
ATOM   670  C  "C2'"  . DT  B 2 1  ? -27.012 17.581  11.453  1.00 88.28  ? 28  DT  C "C2'"  1 
ATOM   671  C  "C1'"  . DT  B 2 1  ? -28.050 17.427  12.566  1.00 87.23  ? 28  DT  C "C1'"  1 
ATOM   672  N  N1     . DT  B 2 1  ? -27.479 17.027  13.889  1.00 77.80  ? 28  DT  C N1     1 
ATOM   673  C  C2     . DT  B 2 1  ? -26.538 17.830  14.497  1.00 87.01  ? 28  DT  C C2     1 
ATOM   674  O  O2     . DT  B 2 1  ? -26.121 18.862  14.000  1.00 101.25 ? 28  DT  C O2     1 
ATOM   675  N  N3     . DT  B 2 1  ? -26.095 17.374  15.709  1.00 77.51  ? 28  DT  C N3     1 
ATOM   676  C  C4     . DT  B 2 1  ? -26.492 16.224  16.366  1.00 75.47  ? 28  DT  C C4     1 
ATOM   677  O  O4     . DT  B 2 1  ? -26.034 15.899  17.457  1.00 66.94  ? 28  DT  C O4     1 
ATOM   678  C  C5     . DT  B 2 1  ? -27.486 15.434  15.678  1.00 75.42  ? 28  DT  C C5     1 
ATOM   679  C  C7     . DT  B 2 1  ? -27.994 14.162  16.286  1.00 76.69  ? 28  DT  C C7     1 
ATOM   680  C  C6     . DT  B 2 1  ? -27.927 15.868  14.489  1.00 72.81  ? 28  DT  C C6     1 
ATOM   681  H  "H5'"  . DT  B 2 1  ? -29.057 14.284  9.742   1.00 125.60 ? 28  DT  C "H5'"  1 
ATOM   682  H  "H5''" . DT  B 2 1  ? -28.299 14.007  11.101  1.00 125.60 ? 28  DT  C "H5''" 1 
ATOM   683  H  "H4'"  . DT  B 2 1  ? -29.259 16.496  10.197  1.00 121.80 ? 28  DT  C "H4'"  1 
ATOM   684  H  "H3'"  . DT  B 2 1  ? -26.661 15.642  10.819  1.00 122.37 ? 28  DT  C "H3'"  1 
ATOM   685  H  "H2'"  . DT  B 2 1  ? -26.114 17.563  11.822  1.00 106.09 ? 28  DT  C "H2'"  1 
ATOM   686  H  "H2''" . DT  B 2 1  ? -27.161 18.403  10.961  1.00 106.09 ? 28  DT  C "H2''" 1 
ATOM   687  H  "H1'"  . DT  B 2 1  ? -28.523 18.267  12.671  1.00 104.83 ? 28  DT  C "H1'"  1 
ATOM   688  H  H3     . DT  B 2 1  ? -25.503 17.857  16.107  1.00 93.17  ? 28  DT  C H3     1 
ATOM   689  H  H71    . DT  B 2 1  ? -27.564 14.019  17.144  1.00 92.18  ? 28  DT  C H71    1 
ATOM   690  H  H72    . DT  B 2 1  ? -28.954 14.224  16.411  1.00 92.18  ? 28  DT  C H72    1 
ATOM   691  H  H73    . DT  B 2 1  ? -27.793 13.418  15.696  1.00 92.18  ? 28  DT  C H73    1 
ATOM   692  H  H6     . DT  B 2 1  ? -28.567 15.360  14.044  1.00 87.53  ? 28  DT  C H6     1 
ATOM   693  H  "HO5'" . DT  B 2 1  ? -30.867 14.771  11.319  1.00 125.26 ? 28  DT  C "HO5'" 1 
ATOM   694  P  P      . DC  B 2 2  ? -25.622 16.385  8.477   1.00 133.93 ? 29  DC  C P      1 
ATOM   695  O  OP1    . DC  B 2 2  ? -25.746 16.776  7.055   1.00 138.67 ? 29  DC  C OP1    1 
ATOM   696  O  OP2    . DC  B 2 2  ? -25.227 15.001  8.829   1.00 125.34 ? 29  DC  C OP2    1 
ATOM   697  O  "O5'"  . DC  B 2 2  ? -24.608 17.388  9.206   1.00 109.61 ? 29  DC  C "O5'"  1 
ATOM   698  C  "C5'"  . DC  B 2 2  ? -24.148 18.559  8.531   1.00 112.15 ? 29  DC  C "C5'"  1 
ATOM   699  C  "C4'"  . DC  B 2 2  ? -23.238 19.384  9.426   1.00 116.49 ? 29  DC  C "C4'"  1 
ATOM   700  O  "O4'"  . DC  B 2 2  ? -23.560 19.107  10.820  1.00 101.81 ? 29  DC  C "O4'"  1 
ATOM   701  C  "C3'"  . DC  B 2 2  ? -21.744 19.093  9.265   1.00 108.59 ? 29  DC  C "C3'"  1 
ATOM   702  O  "O3'"  . DC  B 2 2  ? -20.975 20.297  9.272   1.00 110.26 ? 29  DC  C "O3'"  1 
ATOM   703  C  "C2'"  . DC  B 2 2  ? -21.423 18.207  10.453  1.00 109.37 ? 29  DC  C "C2'"  1 
ATOM   704  C  "C1'"  . DC  B 2 2  ? -22.402 18.685  11.512  1.00 103.23 ? 29  DC  C "C1'"  1 
ATOM   705  N  N1     . DC  B 2 2  ? -22.775 17.618  12.490  1.00 87.97  ? 29  DC  C N1     1 
ATOM   706  C  C2     . DC  B 2 2  ? -22.145 17.565  13.741  1.00 82.50  ? 29  DC  C C2     1 
ATOM   707  O  O2     . DC  B 2 2  ? -21.299 18.419  14.030  1.00 91.39  ? 29  DC  C O2     1 
ATOM   708  N  N3     . DC  B 2 2  ? -22.488 16.578  14.606  1.00 70.79  ? 29  DC  C N3     1 
ATOM   709  C  C4     . DC  B 2 2  ? -23.406 15.674  14.259  1.00 80.22  ? 29  DC  C C4     1 
ATOM   710  N  N4     . DC  B 2 2  ? -23.710 14.720  15.144  1.00 71.00  ? 29  DC  C N4     1 
ATOM   711  C  C5     . DC  B 2 2  ? -24.052 15.709  12.988  1.00 81.92  ? 29  DC  C C5     1 
ATOM   712  C  C6     . DC  B 2 2  ? -23.703 16.683  12.143  1.00 90.25  ? 29  DC  C C6     1 
ATOM   713  H  "H5'"  . DC  B 2 2  ? -24.912 19.096  8.271   1.00 134.73 ? 29  DC  C "H5'"  1 
ATOM   714  H  "H5''" . DC  B 2 2  ? -23.659 18.296  7.735   1.00 134.73 ? 29  DC  C "H5''" 1 
ATOM   715  H  "H4'"  . DC  B 2 2  ? -23.396 20.325  9.249   1.00 139.95 ? 29  DC  C "H4'"  1 
ATOM   716  H  "H3'"  . DC  B 2 2  ? -21.590 18.607  8.440   1.00 130.46 ? 29  DC  C "H3'"  1 
ATOM   717  H  "H2'"  . DC  B 2 2  ? -21.580 17.274  10.238  1.00 131.39 ? 29  DC  C "H2'"  1 
ATOM   718  H  "H2''" . DC  B 2 2  ? -20.509 18.344  10.746  1.00 131.39 ? 29  DC  C "H2''" 1 
ATOM   719  H  "H1'"  . DC  B 2 2  ? -22.020 19.438  11.989  1.00 124.02 ? 29  DC  C "H1'"  1 
ATOM   720  H  H41    . DC  B 2 2  ? -24.309 14.134  14.955  1.00 85.35  ? 29  DC  C H41    1 
ATOM   721  H  H42    . DC  B 2 2  ? -23.305 14.692  15.903  1.00 85.35  ? 29  DC  C H42    1 
ATOM   722  H  H5     . DC  B 2 2  ? -24.690 15.074  12.754  1.00 98.46  ? 29  DC  C H5     1 
ATOM   723  H  H6     . DC  B 2 2  ? -24.110 16.730  11.308  1.00 108.45 ? 29  DC  C H6     1 
ATOM   724  P  P      . DG  B 2 3  ? -19.422 20.258  8.853   1.00 140.24 ? 30  DG  C P      1 
ATOM   725  O  OP1    . DG  B 2 3  ? -19.289 20.996  7.579   1.00 138.90 ? 30  DG  C OP1    1 
ATOM   726  O  OP2    . DG  B 2 3  ? -18.973 18.849  8.930   1.00 124.60 ? 30  DG  C OP2    1 
ATOM   727  O  "O5'"  . DG  B 2 3  ? -18.675 21.081  10.009  1.00 124.62 ? 30  DG  C "O5'"  1 
ATOM   728  C  "C5'"  . DG  B 2 3  ? -18.998 20.850  11.379  1.00 115.24 ? 30  DG  C "C5'"  1 
ATOM   729  C  "C4'"  . DG  B 2 3  ? -17.820 20.262  12.145  1.00 116.86 ? 30  DG  C "C4'"  1 
ATOM   730  O  "O4'"  . DG  B 2 3  ? -18.323 19.285  13.084  1.00 112.17 ? 30  DG  C "O4'"  1 
ATOM   731  C  "C3'"  . DG  B 2 3  ? -16.771 19.554  11.285  1.00 108.15 ? 30  DG  C "C3'"  1 
ATOM   732  O  "O3'"  . DG  B 2 3  ? -15.558 20.305  11.265  1.00 107.85 ? 30  DG  C "O3'"  1 
ATOM   733  C  "C2'"  . DG  B 2 3  ? -16.575 18.175  11.922  1.00 98.05  ? 30  DG  C "C2'"  1 
ATOM   734  C  "C1'"  . DG  B 2 3  ? -17.485 18.154  13.145  1.00 92.92  ? 30  DG  C "C1'"  1 
ATOM   735  N  N9     . DG  B 2 3  ? -18.339 16.969  13.225  1.00 76.41  ? 30  DG  C N9     1 
ATOM   736  C  C8     . DG  B 2 3  ? -19.241 16.536  12.283  1.00 75.93  ? 30  DG  C C8     1 
ATOM   737  N  N7     . DG  B 2 3  ? -19.880 15.455  12.632  1.00 62.55  ? 30  DG  C N7     1 
ATOM   738  C  C5     . DG  B 2 3  ? -19.376 15.153  13.888  1.00 63.02  ? 30  DG  C C5     1 
ATOM   739  C  C6     . DG  B 2 3  ? -19.692 14.089  14.763  1.00 61.89  ? 30  DG  C C6     1 
ATOM   740  O  O6     . DG  B 2 3  ? -20.507 13.173  14.591  1.00 65.07  ? 30  DG  C O6     1 
ATOM   741  N  N1     . DG  B 2 3  ? -18.951 14.150  15.939  1.00 66.68  ? 30  DG  C N1     1 
ATOM   742  C  C2     . DG  B 2 3  ? -18.020 15.120  16.232  1.00 76.80  ? 30  DG  C C2     1 
ATOM   743  N  N2     . DG  B 2 3  ? -17.403 15.016  17.421  1.00 83.05  ? 30  DG  C N2     1 
ATOM   744  N  N3     . DG  B 2 3  ? -17.714 16.125  15.421  1.00 75.58  ? 30  DG  C N3     1 
ATOM   745  C  C4     . DG  B 2 3  ? -18.429 16.078  14.270  1.00 71.08  ? 30  DG  C C4     1 
ATOM   746  H  "H5'"  . DG  B 2 3  ? -19.746 20.234  11.429  1.00 138.44 ? 30  DG  C "H5'"  1 
ATOM   747  H  "H5''" . DG  B 2 3  ? -19.253 21.691  11.790  1.00 138.44 ? 30  DG  C "H5''" 1 
ATOM   748  H  "H4'"  . DG  B 2 3  ? -17.386 20.973  12.641  1.00 140.39 ? 30  DG  C "H4'"  1 
ATOM   749  H  "H3'"  . DG  B 2 3  ? -17.106 19.450  10.381  1.00 129.94 ? 30  DG  C "H3'"  1 
ATOM   750  H  "H2'"  . DG  B 2 3  ? -16.834 17.478  11.300  1.00 117.82 ? 30  DG  C "H2'"  1 
ATOM   751  H  "H2''" . DG  B 2 3  ? -15.649 18.059  12.192  1.00 117.82 ? 30  DG  C "H2''" 1 
ATOM   752  H  "H1'"  . DG  B 2 3  ? -16.940 18.206  13.947  1.00 111.66 ? 30  DG  C "H1'"  1 
ATOM   753  H  H8     . DG  B 2 3  ? -19.380 16.972  11.474  1.00 91.27  ? 30  DG  C H8     1 
ATOM   754  H  H1     . DG  B 2 3  ? -19.083 13.535  16.527  1.00 80.17  ? 30  DG  C H1     1 
ATOM   755  H  H21    . DG  B 2 3  ? -16.818 15.602  17.654  1.00 99.81  ? 30  DG  C H21    1 
ATOM   756  H  H22    . DG  B 2 3  ? -17.594 14.364  17.948  1.00 99.81  ? 30  DG  C H22    1 
ATOM   757  P  P      . DA  B 2 4  ? -14.282 19.765  10.452  1.00 131.71 ? 31  DA  C P      1 
ATOM   758  O  OP1    . DA  B 2 4  ? -13.446 20.935  10.108  1.00 131.51 ? 31  DA  C OP1    1 
ATOM   759  O  OP2    . DA  B 2 4  ? -14.773 18.866  9.385   1.00 109.97 ? 31  DA  C OP2    1 
ATOM   760  O  "O5'"  . DA  B 2 4  ? -13.490 18.875  11.521  1.00 113.07 ? 31  DA  C "O5'"  1 
ATOM   761  C  "C5'"  . DA  B 2 4  ? -12.977 19.479  12.699  1.00 108.21 ? 31  DA  C "C5'"  1 
ATOM   762  C  "C4'"  . DA  B 2 4  ? -12.544 18.429  13.705  1.00 108.73 ? 31  DA  C "C4'"  1 
ATOM   763  O  "O4'"  . DA  B 2 4  ? -13.649 17.508  13.950  1.00 96.58  ? 31  DA  C "O4'"  1 
ATOM   764  C  "C3'"  . DA  B 2 4  ? -11.359 17.564  13.266  1.00 100.97 ? 31  DA  C "C3'"  1 
ATOM   765  O  "O3'"  . DA  B 2 4  ? -10.419 17.424  14.332  1.00 103.12 ? 31  DA  C "O3'"  1 
ATOM   766  C  "C2'"  . DA  B 2 4  ? -12.009 16.240  12.879  1.00 85.32  ? 31  DA  C "C2'"  1 
ATOM   767  C  "C1'"  . DA  B 2 4  ? -13.197 16.177  13.821  1.00 81.22  ? 31  DA  C "C1'"  1 
ATOM   768  N  N9     . DA  B 2 4  ? -14.299 15.344  13.340  1.00 73.13  ? 31  DA  C N9     1 
ATOM   769  C  C8     . DA  B 2 4  ? -14.993 15.486  12.171  1.00 73.38  ? 31  DA  C C8     1 
ATOM   770  N  N7     . DA  B 2 4  ? -15.936 14.591  12.001  1.00 58.84  ? 31  DA  C N7     1 
ATOM   771  C  C5     . DA  B 2 4  ? -15.852 13.802  13.135  1.00 56.08  ? 31  DA  C C5     1 
ATOM   772  C  C6     . DA  B 2 4  ? -16.581 12.675  13.560  1.00 54.52  ? 31  DA  C C6     1 
ATOM   773  N  N6     . DA  B 2 4  ? -17.577 12.134  12.853  1.00 62.22  ? 31  DA  C N6     1 
ATOM   774  N  N1     . DA  B 2 4  ? -16.245 12.123  14.746  1.00 50.90  ? 31  DA  C N1     1 
ATOM   775  C  C2     . DA  B 2 4  ? -15.247 12.670  15.450  1.00 67.75  ? 31  DA  C C2     1 
ATOM   776  N  N3     . DA  B 2 4  ? -14.491 13.727  15.154  1.00 67.83  ? 31  DA  C N3     1 
ATOM   777  C  C4     . DA  B 2 4  ? -14.849 14.252  13.972  1.00 65.96  ? 31  DA  C C4     1 
ATOM   778  H  "H5'"  . DA  B 2 4  ? -13.664 20.035  13.097  1.00 130.01 ? 31  DA  C "H5'"  1 
ATOM   779  H  "H5''" . DA  B 2 4  ? -12.214 20.030  12.467  1.00 130.01 ? 31  DA  C "H5''" 1 
ATOM   780  H  "H4'"  . DA  B 2 4  ? -12.316 18.870  14.539  1.00 130.63 ? 31  DA  C "H4'"  1 
ATOM   781  H  "H3'"  . DA  B 2 4  ? -10.929 17.960  12.493  1.00 121.32 ? 31  DA  C "H3'"  1 
ATOM   782  H  "H2'"  . DA  B 2 4  ? -12.303 16.256  11.955  1.00 102.54 ? 31  DA  C "H2'"  1 
ATOM   783  H  "H2''" . DA  B 2 4  ? -11.404 15.498  13.039  1.00 102.54 ? 31  DA  C "H2''" 1 
ATOM   784  H  "H1'"  . DA  B 2 4  ? -12.903 15.853  14.687  1.00 97.62  ? 31  DA  C "H1'"  1 
ATOM   785  H  H8     . DA  B 2 4  ? -14.818 16.161  11.555  1.00 88.22  ? 31  DA  C H8     1 
ATOM   786  H  H61    . DA  B 2 4  ? -17.993 11.445  13.154  1.00 74.82  ? 31  DA  C H61    1 
ATOM   787  H  H62    . DA  B 2 4  ? -17.802 12.476  12.097  1.00 74.82  ? 31  DA  C H62    1 
ATOM   788  H  H2     . DA  B 2 4  ? -15.052 12.253  16.259  1.00 81.45  ? 31  DA  C H2     1 
ATOM   789  P  P      . DG  B 2 5  ? -9.022  16.664  14.100  1.00 105.87 ? 32  DG  C P      1 
ATOM   790  O  OP1    . DG  B 2 5  ? -7.940  17.634  14.383  1.00 107.72 ? 32  DG  C OP1    1 
ATOM   791  O  OP2    . DG  B 2 5  ? -9.078  15.985  12.788  1.00 84.97  ? 32  DG  C OP2    1 
ATOM   792  O  "O5'"  . DG  B 2 5  ? -9.016  15.541  15.239  1.00 85.49  ? 32  DG  C "O5'"  1 
ATOM   793  C  "C5'"  . DG  B 2 5  ? -10.244 14.950  15.635  1.00 73.05  ? 32  DG  C "C5'"  1 
ATOM   794  C  "C4'"  . DG  B 2 5  ? -10.029 13.761  16.551  1.00 76.42  ? 32  DG  C "C4'"  1 
ATOM   795  O  "O4'"  . DG  B 2 5  ? -11.191 12.896  16.461  1.00 80.32  ? 32  DG  C "O4'"  1 
ATOM   796  C  "C3'"  . DG  B 2 5  ? -8.845  12.868  16.203  1.00 83.94  ? 32  DG  C "C3'"  1 
ATOM   797  O  "O3'"  . DG  B 2 5  ? -8.355  12.180  17.369  1.00 93.46  ? 32  DG  C "O3'"  1 
ATOM   798  C  "C2'"  . DG  B 2 5  ? -9.451  11.922  15.182  1.00 75.27  ? 32  DG  C "C2'"  1 
ATOM   799  C  "C1'"  . DG  B 2 5  ? -10.874 11.735  15.709  1.00 72.26  ? 32  DG  C "C1'"  1 
ATOM   800  N  N9     . DG  B 2 5  ? -11.870 11.557  14.657  1.00 54.32  ? 32  DG  C N9     1 
ATOM   801  C  C8     . DG  B 2 5  ? -12.062 12.346  13.548  1.00 58.56  ? 32  DG  C C8     1 
ATOM   802  N  N7     . DG  B 2 5  ? -13.027 11.928  12.774  1.00 58.22  ? 32  DG  C N7     1 
ATOM   803  C  C5     . DG  B 2 5  ? -13.502 10.789  13.410  1.00 50.30  ? 32  DG  C C5     1 
ATOM   804  C  C6     . DG  B 2 5  ? -14.547 9.907   13.044  1.00 60.13  ? 32  DG  C C6     1 
ATOM   805  O  O6     . DG  B 2 5  ? -15.284 9.961   12.049  1.00 60.49  ? 32  DG  C O6     1 
ATOM   806  N  N1     . DG  B 2 5  ? -14.700 8.876   13.972  1.00 65.22  ? 32  DG  C N1     1 
ATOM   807  C  C2     . DG  B 2 5  ? -13.937 8.720   15.109  1.00 63.75  ? 32  DG  C C2     1 
ATOM   808  N  N2     . DG  B 2 5  ? -14.229 7.665   15.885  1.00 61.14  ? 32  DG  C N2     1 
ATOM   809  N  N3     . DG  B 2 5  ? -12.958 9.540   15.460  1.00 54.42  ? 32  DG  C N3     1 
ATOM   810  C  C4     . DG  B 2 5  ? -12.797 10.547  14.569  1.00 50.89  ? 32  DG  C C4     1 
ATOM   811  H  "H5'"  . DG  B 2 5  ? -10.722 14.656  14.844  1.00 87.82  ? 32  DG  C "H5'"  1 
ATOM   812  H  "H5''" . DG  B 2 5  ? -10.779 15.614  16.099  1.00 87.82  ? 32  DG  C "H5''" 1 
ATOM   813  H  "H4'"  . DG  B 2 5  ? -9.935  14.075  17.465  1.00 91.86  ? 32  DG  C "H4'"  1 
ATOM   814  H  "H3'"  . DG  B 2 5  ? -8.137  13.392  15.798  1.00 100.88 ? 32  DG  C "H3'"  1 
ATOM   815  H  "H2'"  . DG  B 2 5  ? -9.461  12.327  14.301  1.00 90.48  ? 32  DG  C "H2'"  1 
ATOM   816  H  "H2''" . DG  B 2 5  ? -8.975  11.077  15.170  1.00 90.48  ? 32  DG  C "H2''" 1 
ATOM   817  H  "H1'"  . DG  B 2 5  ? -10.894 10.964  16.296  1.00 86.86  ? 32  DG  C "H1'"  1 
ATOM   818  H  H8     . DG  B 2 5  ? -11.554 13.103  13.366  1.00 70.43  ? 32  DG  C H8     1 
ATOM   819  H  H1     . DG  B 2 5  ? -15.316 8.295   13.823  1.00 78.42  ? 32  DG  C H1     1 
ATOM   820  H  H21    . DG  B 2 5  ? -13.782 7.525   16.606  1.00 73.52  ? 32  DG  C H21    1 
ATOM   821  H  H22    . DG  B 2 5  ? -14.864 7.130   15.662  1.00 73.52  ? 32  DG  C H22    1 
ATOM   822  P  P      . DT  B 2 6  ? -7.038  11.256  17.289  1.00 94.31  ? 33  DT  C P      1 
ATOM   823  O  OP1    . DT  B 2 6  ? -6.083  11.748  18.306  1.00 82.95  ? 33  DT  C OP1    1 
ATOM   824  O  OP2    . DT  B 2 6  ? -6.625  11.182  15.868  1.00 74.87  ? 33  DT  C OP2    1 
ATOM   825  O  "O5'"  . DT  B 2 6  ? -7.560  9.803   17.725  1.00 69.55  ? 33  DT  C "O5'"  1 
ATOM   826  C  "C5'"  . DT  B 2 6  ? -8.595  9.179   16.976  1.00 59.86  ? 33  DT  C "C5'"  1 
ATOM   827  C  "C4'"  . DT  B 2 6  ? -8.996  7.840   17.571  1.00 59.05  ? 33  DT  C "C4'"  1 
ATOM   828  O  "O4'"  . DT  B 2 6  ? -10.271 7.439   17.008  1.00 70.42  ? 33  DT  C "O4'"  1 
ATOM   829  C  "C3'"  . DT  B 2 6  ? -8.051  6.687   17.276  1.00 63.67  ? 33  DT  C "C3'"  1 
ATOM   830  O  "O3'"  . DT  B 2 6  ? -8.094  5.713   18.317  1.00 61.72  ? 33  DT  C "O3'"  1 
ATOM   831  C  "C2'"  . DT  B 2 6  ? -8.579  6.146   15.955  1.00 61.23  ? 33  DT  C "C2'"  1 
ATOM   832  C  "C1'"  . DT  B 2 6  ? -10.082 6.419   16.037  1.00 61.40  ? 33  DT  C "C1'"  1 
ATOM   833  N  N1     . DT  B 2 6  ? -10.684 6.871   14.740  1.00 52.66  ? 33  DT  C N1     1 
ATOM   834  C  C2     . DT  B 2 6  ? -11.728 6.156   14.195  1.00 55.98  ? 33  DT  C C2     1 
ATOM   835  O  O2     . DT  B 2 6  ? -12.204 5.164   14.716  1.00 48.98  ? 33  DT  C O2     1 
ATOM   836  N  N3     . DT  B 2 6  ? -12.203 6.650   13.010  1.00 56.45  ? 33  DT  C N3     1 
ATOM   837  C  C4     . DT  B 2 6  ? -11.748 7.761   12.327  1.00 55.39  ? 33  DT  C C4     1 
ATOM   838  O  O4     . DT  B 2 6  ? -12.240 8.126   11.265  1.00 56.27  ? 33  DT  C O4     1 
ATOM   839  C  C5     . DT  B 2 6  ? -10.652 8.461   12.948  1.00 50.59  ? 33  DT  C C5     1 
ATOM   840  C  C7     . DT  B 2 6  ? -10.077 9.680   12.296  1.00 52.41  ? 33  DT  C C7     1 
ATOM   841  C  C6     . DT  B 2 6  ? -10.176 7.991   14.112  1.00 47.63  ? 33  DT  C C6     1 
ATOM   842  H  "H5'"  . DT  B 2 6  ? -8.286  9.040   16.067  1.00 71.99  ? 33  DT  C "H5'"  1 
ATOM   843  H  "H5''" . DT  B 2 6  ? -9.370  9.763   16.961  1.00 71.99  ? 33  DT  C "H5''" 1 
ATOM   844  H  "H4'"  . DT  B 2 6  ? -9.090  7.936   18.532  1.00 71.01  ? 33  DT  C "H4'"  1 
ATOM   845  H  "H3'"  . DT  B 2 6  ? -7.146  7.018   17.163  1.00 76.56  ? 33  DT  C "H3'"  1 
ATOM   846  H  "H2'"  . DT  B 2 6  ? -8.186  6.625   15.208  1.00 73.63  ? 33  DT  C "H2'"  1 
ATOM   847  H  "H2''" . DT  B 2 6  ? -8.408  5.194   15.881  1.00 73.63  ? 33  DT  C "H2''" 1 
ATOM   848  H  "H1'"  . DT  B 2 6  ? -10.534 5.614   16.331  1.00 73.83  ? 33  DT  C "H1'"  1 
ATOM   849  H  H3     . DT  B 2 6  ? -12.857 6.222   12.652  1.00 67.89  ? 33  DT  C H3     1 
ATOM   850  H  H71    . DT  B 2 6  ? -10.162 10.438  12.895  1.00 63.05  ? 33  DT  C H71    1 
ATOM   851  H  H72    . DT  B 2 6  ? -9.139  9.529   12.098  1.00 63.05  ? 33  DT  C H72    1 
ATOM   852  H  H73    . DT  B 2 6  ? -10.557 9.862   11.472  1.00 63.05  ? 33  DT  C H73    1 
ATOM   853  H  H6     . DT  B 2 6  ? -9.469  8.439   14.515  1.00 57.30  ? 33  DT  C H6     1 
ATOM   854  P  P      . DC  B 2 7  ? -7.079  4.466   18.301  1.00 72.66  ? 34  DC  C P      1 
ATOM   855  O  OP1    . DC  B 2 7  ? -6.955  3.969   19.690  1.00 61.15  ? 34  DC  C OP1    1 
ATOM   856  O  OP2    . DC  B 2 7  ? -5.870  4.864   17.546  1.00 69.48  ? 34  DC  C OP2    1 
ATOM   857  O  "O5'"  . DC  B 2 7  ? -7.853  3.361   17.450  1.00 62.30  ? 34  DC  C "O5'"  1 
ATOM   858  C  "C5'"  . DC  B 2 7  ? -9.042  2.799   17.964  1.00 52.96  ? 34  DC  C "C5'"  1 
ATOM   859  C  "C4'"  . DC  B 2 7  ? -9.686  1.860   16.959  1.00 49.91  ? 34  DC  C "C4'"  1 
ATOM   860  O  "O4'"  . DC  B 2 7  ? -10.172 2.616   15.831  1.00 51.45  ? 34  DC  C "O4'"  1 
ATOM   861  C  "C3'"  . DC  B 2 7  ? -8.757  0.787   16.387  1.00 49.74  ? 34  DC  C "C3'"  1 
ATOM   862  O  "O3'"  . DC  B 2 7  ? -9.226  -0.497  16.789  1.00 52.01  ? 34  DC  C "O3'"  1 
ATOM   863  C  "C2'"  . DC  B 2 7  ? -8.799  1.007   14.858  1.00 52.47  ? 34  DC  C "C2'"  1 
ATOM   864  C  "C1'"  . DC  B 2 7  ? -10.051 1.842   14.664  1.00 49.57  ? 34  DC  C "C1'"  1 
ATOM   865  N  N1     . DC  B 2 7  ? -10.028 2.789   13.506  1.00 47.06  ? 34  DC  C N1     1 
ATOM   866  C  C2     . DC  B 2 7  ? -10.989 2.669   12.491  1.00 50.67  ? 34  DC  C C2     1 
ATOM   867  O  O2     . DC  B 2 7  ? -11.808 1.743   12.538  1.00 58.19  ? 34  DC  C O2     1 
ATOM   868  N  N3     . DC  B 2 7  ? -10.981 3.564   11.473  1.00 49.10  ? 34  DC  C N3     1 
ATOM   869  C  C4     . DC  B 2 7  ? -10.082 4.549   11.456  1.00 53.59  ? 34  DC  C C4     1 
ATOM   870  N  N4     . DC  B 2 7  ? -10.115 5.406   10.429  1.00 48.83  ? 34  DC  C N4     1 
ATOM   871  C  C5     . DC  B 2 7  ? -9.109  4.699   12.490  1.00 45.54  ? 34  DC  C C5     1 
ATOM   872  C  C6     . DC  B 2 7  ? -9.126  3.811   13.489  1.00 44.71  ? 34  DC  C C6     1 
ATOM   873  H  "H5'"  . DC  B 2 7  ? -9.665  3.511   18.176  1.00 63.70  ? 34  DC  C "H5'"  1 
ATOM   874  H  "H5''" . DC  B 2 7  ? -8.836  2.305   18.773  1.00 63.70  ? 34  DC  C "H5''" 1 
ATOM   875  H  "H4'"  . DC  B 2 7  ? -10.439 1.421   17.386  1.00 60.05  ? 34  DC  C "H4'"  1 
ATOM   876  H  "H3'"  . DC  B 2 7  ? -7.855  0.926   16.714  1.00 59.84  ? 34  DC  C "H3'"  1 
ATOM   877  H  "H2'"  . DC  B 2 7  ? -8.013  1.493   14.561  1.00 63.12  ? 34  DC  C "H2'"  1 
ATOM   878  H  "H2''" . DC  B 2 7  ? -8.877  0.160   14.392  1.00 63.12  ? 34  DC  C "H2''" 1 
ATOM   879  H  "H1'"  . DC  B 2 7  ? -10.819 1.256   14.586  1.00 59.64  ? 34  DC  C "H1'"  1 
ATOM   880  H  H41    . DC  B 2 7  ? -9.543  6.047   10.386  1.00 58.74  ? 34  DC  C H41    1 
ATOM   881  H  H42    . DC  B 2 7  ? -10.708 5.318   9.813   1.00 58.74  ? 34  DC  C H42    1 
ATOM   882  H  H5     . DC  B 2 7  ? -8.488  5.390   12.469  1.00 54.81  ? 34  DC  C H5     1 
ATOM   883  H  H6     . DC  B 2 7  ? -8.505  3.885   14.177  1.00 53.81  ? 34  DC  C H6     1 
ATOM   884  P  P      . DG  B 2 8  ? -8.613  -1.842  16.165  1.00 67.58  ? 35  DG  C P      1 
ATOM   885  O  OP1    . DG  B 2 8  ? -8.876  -2.936  17.126  1.00 68.22  ? 35  DG  C OP1    1 
ATOM   886  O  OP2    . DG  B 2 8  ? -7.228  -1.552  15.725  1.00 51.97  ? 35  DG  C OP2    1 
ATOM   887  O  "O5'"  . DG  B 2 8  ? -9.524  -2.091  14.881  1.00 48.10  ? 35  DG  C "O5'"  1 
ATOM   888  C  "C5'"  . DG  B 2 8  ? -9.395  -3.282  14.143  1.00 58.08  ? 35  DG  C "C5'"  1 
ATOM   889  C  "C4'"  . DG  B 2 8  ? -9.965  -3.105  12.756  1.00 54.05  ? 35  DG  C "C4'"  1 
ATOM   890  O  "O4'"  . DG  B 2 8  ? -9.890  -1.698  12.378  1.00 46.73  ? 35  DG  C "O4'"  1 
ATOM   891  C  "C3'"  . DG  B 2 8  ? -9.230  -3.882  11.664  1.00 50.13  ? 35  DG  C "C3'"  1 
ATOM   892  O  "O3'"  . DG  B 2 8  ? -10.142 -4.614  10.855  1.00 48.60  ? 35  DG  C "O3'"  1 
ATOM   893  C  "C2'"  . DG  B 2 8  ? -8.517  -2.797  10.878  1.00 61.51  ? 35  DG  C "C2'"  1 
ATOM   894  C  "C1'"  . DG  B 2 8  ? -9.451  -1.619  11.048  1.00 47.68  ? 35  DG  C "C1'"  1 
ATOM   895  N  N9     . DG  B 2 8  ? -8.814  -0.331  10.797  1.00 43.71  ? 35  DG  C N9     1 
ATOM   896  C  C8     . DG  B 2 8  ? -7.726  0.202   11.444  1.00 51.41  ? 35  DG  C C8     1 
ATOM   897  N  N7     . DG  B 2 8  ? -7.367  1.366   10.977  1.00 47.84  ? 35  DG  C N7     1 
ATOM   898  C  C5     . DG  B 2 8  ? -8.269  1.614   9.950   1.00 35.92  ? 35  DG  C C5     1 
ATOM   899  C  C6     . DG  B 2 8  ? -8.384  2.725   9.081   1.00 41.69  ? 35  DG  C C6     1 
ATOM   900  O  O6     . DG  B 2 8  ? -7.680  3.744   9.040   1.00 50.49  ? 35  DG  C O6     1 
ATOM   901  N  N1     . DG  B 2 8  ? -9.439  2.573   8.184   1.00 44.19  ? 35  DG  C N1     1 
ATOM   902  C  C2     . DG  B 2 8  ? -10.280 1.486   8.138   1.00 53.71  ? 35  DG  C C2     1 
ATOM   903  N  N2     . DG  B 2 8  ? -11.240 1.517   7.206   1.00 56.28  ? 35  DG  C N2     1 
ATOM   904  N  N3     . DG  B 2 8  ? -10.184 0.441   8.948   1.00 56.37  ? 35  DG  C N3     1 
ATOM   905  C  C4     . DG  B 2 8  ? -9.161  0.575   9.825   1.00 42.16  ? 35  DG  C C4     1 
ATOM   906  H  "H5'"  . DG  B 2 8  ? -9.870  -3.994  14.597  1.00 69.84  ? 35  DG  C "H5'"  1 
ATOM   907  H  "H5''" . DG  B 2 8  ? -8.455  -3.516  14.074  1.00 69.84  ? 35  DG  C "H5''" 1 
ATOM   908  H  "H4'"  . DG  B 2 8  ? -10.896 -3.379  12.764  1.00 65.01  ? 35  DG  C "H4'"  1 
ATOM   909  H  "H3'"  . DG  B 2 8  ? -8.582  -4.484  12.064  1.00 60.31  ? 35  DG  C "H3'"  1 
ATOM   910  H  "HO3'" . DG  B 2 8  ? -10.187 -4.463  10.030  1.00 58.47  ? 35  DG  C "HO3'" 1 
ATOM   911  H  "H2'"  . DG  B 2 8  ? -7.647  -2.607  11.264  1.00 73.97  ? 35  DG  C "H2'"  1 
ATOM   912  H  "H2''" . DG  B 2 8  ? -8.436  -3.044  9.943   1.00 73.97  ? 35  DG  C "H2''" 1 
ATOM   913  H  "H1'"  . DG  B 2 8  ? -10.210 -1.723  10.453  1.00 57.37  ? 35  DG  C "H1'"  1 
ATOM   914  H  H8     . DG  B 2 8  ? -7.291  -0.224  12.147  1.00 61.85  ? 35  DG  C H8     1 
ATOM   915  H  H1     . DG  B 2 8  ? -9.576  3.205   7.619   1.00 53.18  ? 35  DG  C H1     1 
ATOM   916  H  H21    . DG  B 2 8  ? -11.675 0.800   7.013   1.00 67.70  ? 35  DG  C H21    1 
ATOM   917  P  P      . DC  C 3 1  ? 12.902  2.847   -10.602 1.00 86.29  ? 36  DC  D P      1 
ATOM   918  O  OP1    . DC  C 3 1  ? 12.029  2.654   -11.778 1.00 68.06  ? 36  DC  D OP1    1 
ATOM   919  O  OP2    . DC  C 3 1  ? 14.174  3.584   -10.765 1.00 67.92  ? 36  DC  D OP2    1 
ATOM   920  O  "O5'"  . DC  C 3 1  ? 12.031  3.554   -9.461  1.00 48.24  ? 36  DC  D "O5'"  1 
ATOM   921  C  "C5'"  . DC  C 3 1  ? 12.663  4.361   -8.471  1.00 63.80  ? 36  DC  D "C5'"  1 
ATOM   922  C  "C4'"  . DC  C 3 1  ? 12.482  3.757   -7.089  1.00 50.65  ? 36  DC  D "C4'"  1 
ATOM   923  O  "O4'"  . DC  C 3 1  ? 11.105  3.379   -6.915  1.00 46.47  ? 36  DC  D "O4'"  1 
ATOM   924  C  "C3'"  . DC  C 3 1  ? 13.264  2.482   -6.835  1.00 58.08  ? 36  DC  D "C3'"  1 
ATOM   925  O  "O3'"  . DC  C 3 1  ? 14.557  2.785   -6.346  1.00 50.10  ? 36  DC  D "O3'"  1 
ATOM   926  C  "C2'"  . DC  C 3 1  ? 12.413  1.738   -5.807  1.00 60.51  ? 36  DC  D "C2'"  1 
ATOM   927  C  "C1'"  . DC  C 3 1  ? 11.005  2.298   -6.012  1.00 50.08  ? 36  DC  D "C1'"  1 
ATOM   928  N  N1     . DC  C 3 1  ? 10.019  1.320   -6.567  1.00 47.12  ? 36  DC  D N1     1 
ATOM   929  C  C2     . DC  C 3 1  ? 9.633   0.208   -5.808  1.00 51.52  ? 36  DC  D C2     1 
ATOM   930  O  O2     . DC  C 3 1  ? 10.137  0.034   -4.693  1.00 59.30  ? 36  DC  D O2     1 
ATOM   931  N  N3     . DC  C 3 1  ? 8.723   -0.655  -6.325  1.00 59.53  ? 36  DC  D N3     1 
ATOM   932  C  C4     . DC  C 3 1  ? 8.202   -0.434  -7.535  1.00 57.28  ? 36  DC  D C4     1 
ATOM   933  N  N4     . DC  C 3 1  ? 7.310   -1.315  -8.003  1.00 48.96  ? 36  DC  D N4     1 
ATOM   934  C  C5     . DC  C 3 1  ? 8.575   0.698   -8.317  1.00 49.10  ? 36  DC  D C5     1 
ATOM   935  C  C6     . DC  C 3 1  ? 9.473   1.542   -7.799  1.00 53.83  ? 36  DC  D C6     1 
ATOM   936  H  "H5'"  . DC  C 3 1  ? 12.271  5.248   -8.484  1.00 76.72  ? 36  DC  D "H5'"  1 
ATOM   937  H  "H5''" . DC  C 3 1  ? 13.610  4.427   -8.669  1.00 76.72  ? 36  DC  D "H5''" 1 
ATOM   938  H  "H4'"  . DC  C 3 1  ? 12.720  4.416   -6.419  1.00 60.93  ? 36  DC  D "H4'"  1 
ATOM   939  H  "H3'"  . DC  C 3 1  ? 13.329  1.963   -7.652  1.00 69.85  ? 36  DC  D "H3'"  1 
ATOM   940  H  "H2'"  . DC  C 3 1  ? 12.428  0.785   -5.980  1.00 72.77  ? 36  DC  D "H2'"  1 
ATOM   941  H  "H2''" . DC  C 3 1  ? 12.724  1.926   -4.908  1.00 72.77  ? 36  DC  D "H2''" 1 
ATOM   942  H  "H1'"  . DC  C 3 1  ? 10.674  2.629   -5.163  1.00 60.25  ? 36  DC  D "H1'"  1 
ATOM   943  H  H41    . DC  C 3 1  ? 6.949   -1.195  -8.775  1.00 58.91  ? 36  DC  D H41    1 
ATOM   944  H  H42    . DC  C 3 1  ? 7.096   -2.002  -7.531  1.00 58.91  ? 36  DC  D H42    1 
ATOM   945  H  H5     . DC  C 3 1  ? 8.207   0.844   -9.158  1.00 59.07  ? 36  DC  D H5     1 
ATOM   946  H  H6     . DC  C 3 1  ? 9.736   2.288   -8.288  1.00 64.75  ? 36  DC  D H6     1 
ATOM   947  P  P      . DT  C 3 2  ? 15.757  1.748   -6.575  1.00 70.98  ? 37  DT  D P      1 
ATOM   948  O  OP1    . DT  C 3 2  ? 16.997  2.376   -6.062  1.00 44.79  ? 37  DT  D OP1    1 
ATOM   949  O  OP2    . DT  C 3 2  ? 15.678  1.290   -7.981  1.00 53.32  ? 37  DT  D OP2    1 
ATOM   950  O  "O5'"  . DT  C 3 2  ? 15.372  0.516   -5.633  1.00 42.61  ? 37  DT  D "O5'"  1 
ATOM   951  C  "C5'"  . DT  C 3 2  ? 15.335  0.691   -4.226  1.00 52.69  ? 37  DT  D "C5'"  1 
ATOM   952  C  "C4'"  . DT  C 3 2  ? 15.082  -0.630  -3.530  1.00 58.25  ? 37  DT  D "C4'"  1 
ATOM   953  O  "O4'"  . DT  C 3 2  ? 13.812  -1.170  -3.971  1.00 61.44  ? 37  DT  D "O4'"  1 
ATOM   954  C  "C3'"  . DT  C 3 2  ? 16.113  -1.715  -3.811  1.00 61.97  ? 37  DT  D "C3'"  1 
ATOM   955  O  "O3'"  . DT  C 3 2  ? 16.252  -2.542  -2.664  1.00 73.45  ? 37  DT  D "O3'"  1 
ATOM   956  C  "C2'"  . DT  C 3 2  ? 15.489  -2.471  -4.981  1.00 57.56  ? 37  DT  D "C2'"  1 
ATOM   957  C  "C1'"  . DT  C 3 2  ? 14.010  -2.406  -4.626  1.00 55.32  ? 37  DT  D "C1'"  1 
ATOM   958  N  N1     . DT  C 3 2  ? 13.101  -2.451  -5.801  1.00 50.02  ? 37  DT  D N1     1 
ATOM   959  C  C2     . DT  C 3 2  ? 12.107  -3.396  -5.844  1.00 53.99  ? 37  DT  D C2     1 
ATOM   960  O  O2     . DT  C 3 2  ? 11.932  -4.220  -4.964  1.00 59.55  ? 37  DT  D O2     1 
ATOM   961  N  N3     . DT  C 3 2  ? 11.318  -3.347  -6.961  1.00 54.95  ? 37  DT  D N3     1 
ATOM   962  C  C4     . DT  C 3 2  ? 11.420  -2.462  -8.017  1.00 48.03  ? 37  DT  D C4     1 
ATOM   963  O  O4     . DT  C 3 2  ? 10.658  -2.497  -8.979  1.00 44.89  ? 37  DT  D O4     1 
ATOM   964  C  C5     . DT  C 3 2  ? 12.482  -1.492  -7.908  1.00 44.41  ? 37  DT  D C5     1 
ATOM   965  C  C7     . DT  C 3 2  ? 12.690  -0.480  -8.994  1.00 47.84  ? 37  DT  D C7     1 
ATOM   966  C  C6     . DT  C 3 2  ? 13.263  -1.533  -6.818  1.00 50.65  ? 37  DT  D C6     1 
ATOM   967  P  P      . DG  C 3 3  ? 17.385  -3.679  -2.605  1.00 92.54  ? 38  DG  D P      1 
ATOM   968  O  OP1    . DG  C 3 3  ? 18.191  -3.440  -1.387  1.00 94.70  ? 38  DG  D OP1    1 
ATOM   969  O  OP2    . DG  C 3 3  ? 18.038  -3.748  -3.932  1.00 63.70  ? 38  DG  D OP2    1 
ATOM   970  O  "O5'"  . DG  C 3 3  ? 16.549  -5.024  -2.404  1.00 71.04  ? 38  DG  D "O5'"  1 
ATOM   971  C  "C5'"  . DG  C 3 3  ? 15.505  -5.350  -3.306  1.00 62.78  ? 38  DG  D "C5'"  1 
ATOM   972  C  "C4'"  . DG  C 3 3  ? 14.753  -6.573  -2.830  1.00 59.09  ? 38  DG  D "C4'"  1 
ATOM   973  O  "O4'"  . DG  C 3 3  ? 13.561  -6.759  -3.628  1.00 64.41  ? 38  DG  D "O4'"  1 
ATOM   974  C  "C3'"  . DG  C 3 3  ? 15.512  -7.872  -2.960  1.00 77.46  ? 38  DG  D "C3'"  1 
ATOM   975  O  "O3'"  . DG  C 3 3  ? 15.069  -8.798  -1.973  1.00 85.52  ? 38  DG  D "O3'"  1 
ATOM   976  C  "C2'"  . DG  C 3 3  ? 15.189  -8.313  -4.389  1.00 72.15  ? 38  DG  D "C2'"  1 
ATOM   977  C  "C1'"  . DG  C 3 3  ? 13.798  -7.721  -4.643  1.00 60.62  ? 38  DG  D "C1'"  1 
ATOM   978  N  N9     . DG  C 3 3  ? 13.646  -7.052  -5.938  1.00 62.72  ? 38  DG  D N9     1 
ATOM   979  C  C8     . DG  C 3 3  ? 14.367  -5.980  -6.409  1.00 62.44  ? 38  DG  D C8     1 
ATOM   980  N  N7     . DG  C 3 3  ? 13.992  -5.579  -7.593  1.00 59.74  ? 38  DG  D N7     1 
ATOM   981  C  C5     . DG  C 3 3  ? 12.949  -6.432  -7.928  1.00 50.25  ? 38  DG  D C5     1 
ATOM   982  C  C6     . DG  C 3 3  ? 12.150  -6.480  -9.095  1.00 48.02  ? 38  DG  D C6     1 
ATOM   983  O  O6     . DG  C 3 3  ? 12.208  -5.752  -10.097 1.00 49.77  ? 38  DG  D O6     1 
ATOM   984  N  N1     . DG  C 3 3  ? 11.204  -7.497  -9.031  1.00 46.23  ? 38  DG  D N1     1 
ATOM   985  C  C2     . DG  C 3 3  ? 11.056  -8.365  -7.977  1.00 54.45  ? 38  DG  D C2     1 
ATOM   986  N  N2     . DG  C 3 3  ? 10.084  -9.279  -8.095  1.00 60.76  ? 38  DG  D N2     1 
ATOM   987  N  N3     . DG  C 3 3  ? 11.794  -8.330  -6.873  1.00 47.73  ? 38  DG  D N3     1 
ATOM   988  C  C4     . DG  C 3 3  ? 12.719  -7.342  -6.918  1.00 50.31  ? 38  DG  D C4     1 
ATOM   989  H  "H5'"  . DG  C 3 3  ? 15.882  -5.528  -4.181  1.00 75.49  ? 38  DG  D "H5'"  1 
ATOM   990  H  "H5''" . DG  C 3 3  ? 14.891  -4.602  -3.369  1.00 75.49  ? 38  DG  D "H5''" 1 
ATOM   991  H  "H4'"  . DG  C 3 3  ? 14.498  -6.446  -1.903  1.00 71.06  ? 38  DG  D "H4'"  1 
ATOM   992  H  "H3'"  . DG  C 3 3  ? 16.465  -7.712  -2.866  1.00 93.10  ? 38  DG  D "H3'"  1 
ATOM   993  H  "H2'"  . DG  C 3 3  ? 15.835  -7.946  -5.014  1.00 86.74  ? 38  DG  D "H2'"  1 
ATOM   994  H  "H2''" . DG  C 3 3  ? 15.164  -9.281  -4.451  1.00 86.74  ? 38  DG  D "H2''" 1 
ATOM   995  H  "H1'"  . DG  C 3 3  ? 13.136  -8.427  -4.572  1.00 72.89  ? 38  DG  D "H1'"  1 
ATOM   996  H  H8     . DG  C 3 3  ? 15.060  -5.584  -5.932  1.00 75.08  ? 38  DG  D H8     1 
ATOM   997  H  H1     . DG  C 3 3  ? 10.677  -7.594  -9.704  1.00 55.63  ? 38  DG  D H1     1 
ATOM   998  H  H21    . DG  C 3 3  ? 9.942   -9.842  -7.460  1.00 73.07  ? 38  DG  D H21    1 
ATOM   999  H  H22    . DG  C 3 3  ? 9.601   -9.305  -8.807  1.00 73.07  ? 38  DG  D H22    1 
ATOM   1000 P  P      . DT  C 3 4  ? 15.618  -10.305 -1.964  1.00 93.72  ? 39  DT  D P      1 
ATOM   1001 O  OP1    . DT  C 3 4  ? 15.547  -10.804 -0.571  1.00 84.34  ? 39  DT  D OP1    1 
ATOM   1002 O  OP2    . DT  C 3 4  ? 16.908  -10.311 -2.690  1.00 80.95  ? 39  DT  D OP2    1 
ATOM   1003 O  "O5'"  . DT  C 3 4  ? 14.551  -11.091 -2.854  1.00 65.08  ? 39  DT  D "O5'"  1 
ATOM   1004 C  "C5'"  . DT  C 3 4  ? 14.919  -12.283 -3.522  1.00 80.91  ? 39  DT  D "C5'"  1 
ATOM   1005 C  "C4'"  . DT  C 3 4  ? 13.791  -12.759 -4.414  1.00 79.67  ? 39  DT  D "C4'"  1 
ATOM   1006 O  "O4'"  . DT  C 3 4  ? 13.454  -11.715 -5.363  1.00 76.74  ? 39  DT  D "O4'"  1 
ATOM   1007 C  "C3'"  . DT  C 3 4  ? 14.105  -14.007 -5.242  1.00 96.44  ? 39  DT  D "C3'"  1 
ATOM   1008 O  "O3'"  . DT  C 3 4  ? 13.128  -15.009 -5.007  1.00 110.52 ? 39  DT  D "O3'"  1 
ATOM   1009 C  "C2'"  . DT  C 3 4  ? 14.084  -13.525 -6.688  1.00 95.10  ? 39  DT  D "C2'"  1 
ATOM   1010 C  "C1'"  . DT  C 3 4  ? 13.217  -12.289 -6.629  1.00 80.47  ? 39  DT  D "C1'"  1 
ATOM   1011 N  N1     . DT  C 3 4  ? 13.528  -11.273 -7.677  1.00 63.68  ? 39  DT  D N1     1 
ATOM   1012 C  C2     . DT  C 3 4  ? 12.688  -11.143 -8.759  1.00 66.58  ? 39  DT  D C2     1 
ATOM   1013 O  O2     . DT  C 3 4  ? 11.696  -11.831 -8.922  1.00 79.74  ? 39  DT  D O2     1 
ATOM   1014 N  N3     . DT  C 3 4  ? 13.054  -10.170 -9.653  1.00 52.52  ? 39  DT  D N3     1 
ATOM   1015 C  C4     . DT  C 3 4  ? 14.151  -9.332  -9.571  1.00 54.62  ? 39  DT  D C4     1 
ATOM   1016 O  O4     . DT  C 3 4  ? 14.397  -8.487  -10.425 1.00 55.55  ? 39  DT  D O4     1 
ATOM   1017 C  C5     . DT  C 3 4  ? 14.987  -9.521  -8.408  1.00 53.60  ? 39  DT  D C5     1 
ATOM   1018 C  C7     . DT  C 3 4  ? 16.209  -8.674  -8.211  1.00 54.18  ? 39  DT  D C7     1 
ATOM   1019 C  C6     . DT  C 3 4  ? 14.639  -10.471 -7.527  1.00 57.33  ? 39  DT  D C6     1 
ATOM   1020 H  "H5'"  . DT  C 3 4  ? 15.120  -12.968 -2.866  1.00 97.24  ? 39  DT  D "H5'"  1 
ATOM   1021 H  "H5''" . DT  C 3 4  ? 15.707  -12.118 -4.063  1.00 97.24  ? 39  DT  D "H5''" 1 
ATOM   1022 H  "H4'"  . DT  C 3 4  ? 13.015  -12.941 -3.862  1.00 95.76  ? 39  DT  D "H4'"  1 
ATOM   1023 H  "H3'"  . DT  C 3 4  ? 14.987  -14.342 -5.015  1.00 115.88 ? 39  DT  D "H3'"  1 
ATOM   1024 H  "H2'"  . DT  C 3 4  ? 14.979  -13.301 -6.987  1.00 114.27 ? 39  DT  D "H2'"  1 
ATOM   1025 H  "H2''" . DT  C 3 4  ? 13.684  -14.195 -7.265  1.00 114.27 ? 39  DT  D "H2''" 1 
ATOM   1026 H  "H1'"  . DT  C 3 4  ? 12.285  -12.546 -6.696  1.00 96.71  ? 39  DT  D "H1'"  1 
ATOM   1027 H  H3     . DT  C 3 4  ? 12.544  -10.067 -10.338 1.00 63.18  ? 39  DT  D H3     1 
ATOM   1028 H  H71    . DT  C 3 4  ? 16.137  -8.195  -7.371  1.00 65.17  ? 39  DT  D H71    1 
ATOM   1029 H  H72    . DT  C 3 4  ? 16.996  -9.239  -8.195  1.00 65.17  ? 39  DT  D H72    1 
ATOM   1030 H  H73    . DT  C 3 4  ? 16.283  -8.038  -8.941  1.00 65.17  ? 39  DT  D H73    1 
ATOM   1031 H  H6     . DT  C 3 4  ? 15.176  -10.596 -6.778  1.00 68.94  ? 39  DT  D H6     1 
ATOM   1032 P  P      . DC  C 3 5  ? 13.556  -16.499 -4.592  1.00 115.03 ? 40  DC  D P      1 
ATOM   1033 O  OP1    . DC  C 3 5  ? 12.618  -16.933 -3.532  1.00 121.71 ? 40  DC  D OP1    1 
ATOM   1034 O  OP2    . DC  C 3 5  ? 15.017  -16.504 -4.339  1.00 96.14  ? 40  DC  D OP2    1 
ATOM   1035 O  "O5'"  . DC  C 3 5  ? 13.240  -17.369 -5.899  1.00 103.51 ? 40  DC  D "O5'"  1 
ATOM   1036 C  "C5'"  . DC  C 3 5  ? 14.013  -17.199 -7.086  1.00 104.93 ? 40  DC  D "C5'"  1 
ATOM   1037 C  "C4'"  . DC  C 3 5  ? 13.174  -17.476 -8.321  1.00 106.98 ? 40  DC  D "C4'"  1 
ATOM   1038 O  "O4'"  . DC  C 3 5  ? 12.515  -16.249 -8.741  1.00 91.73  ? 40  DC  D "O4'"  1 
ATOM   1039 C  "C3'"  . DC  C 3 5  ? 13.961  -17.957 -9.535  1.00 112.05 ? 40  DC  D "C3'"  1 
ATOM   1040 O  "O3'"  . DC  C 3 5  ? 14.009  -19.395 -9.561  1.00 112.21 ? 40  DC  D "O3'"  1 
ATOM   1041 C  "C2'"  . DC  C 3 5  ? 13.151  -17.391 -10.693 1.00 107.65 ? 40  DC  D "C2'"  1 
ATOM   1042 C  "C1'"  . DC  C 3 5  ? 12.707  -16.050 -10.129 1.00 98.79  ? 40  DC  D "C1'"  1 
ATOM   1043 N  N1     . DC  C 3 5  ? 13.700  -14.933 -10.317 1.00 96.04  ? 40  DC  D N1     1 
ATOM   1044 C  C2     . DC  C 3 5  ? 13.514  -14.003 -11.349 1.00 87.67  ? 40  DC  D C2     1 
ATOM   1045 O  O2     . DC  C 3 5  ? 12.541  -14.128 -12.108 1.00 79.60  ? 40  DC  D O2     1 
ATOM   1046 N  N3     . DC  C 3 5  ? 14.412  -12.991 -11.492 1.00 72.15  ? 40  DC  D N3     1 
ATOM   1047 C  C4     . DC  C 3 5  ? 15.448  -12.890 -10.652 1.00 77.75  ? 40  DC  D C4     1 
ATOM   1048 N  N4     . DC  C 3 5  ? 16.305  -11.877 -10.828 1.00 59.86  ? 40  DC  D N4     1 
ATOM   1049 C  C5     . DC  C 3 5  ? 15.649  -13.825 -9.594  1.00 73.90  ? 40  DC  D C5     1 
ATOM   1050 C  C6     . DC  C 3 5  ? 14.764  -14.821 -9.469  1.00 83.12  ? 40  DC  D C6     1 
ATOM   1051 P  P      . DG  C 3 6  ? 12.734  -20.256 -10.038 1.00 119.49 ? 41  DG  D P      1 
ATOM   1052 O  OP1    . DG  C 3 6  ? 11.527  -19.700 -9.386  1.00 122.71 ? 41  DG  D OP1    1 
ATOM   1053 O  OP2    . DG  C 3 6  ? 13.070  -21.687 -9.862  1.00 122.15 ? 41  DG  D OP2    1 
ATOM   1054 O  "O5'"  . DG  C 3 6  ? 12.639  -19.977 -11.610 1.00 97.87  ? 41  DG  D "O5'"  1 
ATOM   1055 C  "C5'"  . DG  C 3 6  ? 11.368  -19.906 -12.248 1.00 94.19  ? 41  DG  D "C5'"  1 
ATOM   1056 C  "C4'"  . DG  C 3 6  ? 11.503  -19.337 -13.647 1.00 105.73 ? 41  DG  D "C4'"  1 
ATOM   1057 O  "O4'"  . DG  C 3 6  ? 12.281  -18.106 -13.590 1.00 94.61  ? 41  DG  D "O4'"  1 
ATOM   1058 C  "C3'"  . DG  C 3 6  ? 12.218  -20.254 -14.637 1.00 103.79 ? 41  DG  D "C3'"  1 
ATOM   1059 O  "O3'"  . DG  C 3 6  ? 11.550  -20.264 -15.891 1.00 110.20 ? 41  DG  D "O3'"  1 
ATOM   1060 C  "C2'"  . DG  C 3 6  ? 13.618  -19.662 -14.728 1.00 97.61  ? 41  DG  D "C2'"  1 
ATOM   1061 C  "C1'"  . DG  C 3 6  ? 13.374  -18.180 -14.482 1.00 96.24  ? 41  DG  D "C1'"  1 
ATOM   1062 N  N9     . DG  C 3 6  ? 14.515  -17.479 -13.892 1.00 97.08  ? 41  DG  D N9     1 
ATOM   1063 C  C8     . DG  C 3 6  ? 15.264  -17.874 -12.807 1.00 98.18  ? 41  DG  D C8     1 
ATOM   1064 N  N7     . DG  C 3 6  ? 16.224  -17.043 -12.507 1.00 91.39  ? 41  DG  D N7     1 
ATOM   1065 C  C5     . DG  C 3 6  ? 16.112  -16.036 -13.456 1.00 81.96  ? 41  DG  D C5     1 
ATOM   1066 C  C6     . DG  C 3 6  ? 16.884  -14.862 -13.636 1.00 77.86  ? 41  DG  D C6     1 
ATOM   1067 O  O6     . DG  C 3 6  ? 17.853  -14.470 -12.969 1.00 73.90  ? 41  DG  D O6     1 
ATOM   1068 N  N1     . DG  C 3 6  ? 16.432  -14.111 -14.720 1.00 71.69  ? 41  DG  D N1     1 
ATOM   1069 C  C2     . DG  C 3 6  ? 15.370  -14.451 -15.526 1.00 70.86  ? 41  DG  D C2     1 
ATOM   1070 N  N2     . DG  C 3 6  ? 15.083  -13.601 -16.524 1.00 62.23  ? 41  DG  D N2     1 
ATOM   1071 N  N3     . DG  C 3 6  ? 14.638  -15.547 -15.368 1.00 68.59  ? 41  DG  D N3     1 
ATOM   1072 C  C4     . DG  C 3 6  ? 15.064  -16.290 -14.317 1.00 84.91  ? 41  DG  D C4     1 
ATOM   1073 H  "H5'"  . DG  C 3 6  ? 10.780  -19.337 -11.727 1.00 113.18 ? 41  DG  D "H5'"  1 
ATOM   1074 H  "H5''" . DG  C 3 6  ? 10.986  -20.796 -12.301 1.00 113.18 ? 41  DG  D "H5''" 1 
ATOM   1075 H  "H4'"  . DG  C 3 6  ? 10.618  -19.133 -13.989 1.00 127.03 ? 41  DG  D "H4'"  1 
ATOM   1076 H  "H3'"  . DG  C 3 6  ? 12.263  -21.154 -14.279 1.00 124.70 ? 41  DG  D "H3'"  1 
ATOM   1077 H  "H2'"  . DG  C 3 6  ? 14.193  -20.034 -14.041 1.00 117.29 ? 41  DG  D "H2'"  1 
ATOM   1078 H  "H2''" . DG  C 3 6  ? 13.996  -19.806 -15.610 1.00 117.29 ? 41  DG  D "H2''" 1 
ATOM   1079 H  "H1'"  . DG  C 3 6  ? 13.133  -17.753 -15.318 1.00 115.64 ? 41  DG  D "H1'"  1 
ATOM   1080 H  H8     . DG  C 3 6  ? 15.097  -18.653 -12.329 1.00 117.97 ? 41  DG  D H8     1 
ATOM   1081 H  H1     . DG  C 3 6  ? 16.849  -13.381 -14.899 1.00 86.18  ? 41  DG  D H1     1 
ATOM   1082 H  H21    . DG  C 3 6  ? 14.427  -13.767 -17.054 1.00 74.84  ? 41  DG  D H21    1 
ATOM   1083 H  H22    . DG  C 3 6  ? 15.556  -12.892 -16.632 1.00 74.84  ? 41  DG  D H22    1 
ATOM   1084 P  P      . DT  C 3 7  ? 11.976  -21.324 -17.021 1.00 117.99 ? 42  DT  D P      1 
ATOM   1085 O  OP1    . DT  C 3 7  ? 10.734  -21.835 -17.644 1.00 113.32 ? 42  DT  D OP1    1 
ATOM   1086 O  OP2    . DT  C 3 7  ? 12.940  -22.265 -16.410 1.00 117.67 ? 42  DT  D OP2    1 
ATOM   1087 O  "O5'"  . DT  C 3 7  ? 12.762  -20.439 -18.096 1.00 108.69 ? 42  DT  D "O5'"  1 
ATOM   1088 C  "C5'"  . DT  C 3 7  ? 12.060  -19.471 -18.870 1.00 109.53 ? 42  DT  D "C5'"  1 
ATOM   1089 C  "C4'"  . DT  C 3 7  ? 13.018  -18.468 -19.488 1.00 105.05 ? 42  DT  D "C4'"  1 
ATOM   1090 O  "O4'"  . DT  C 3 7  ? 13.859  -17.909 -18.456 1.00 104.50 ? 42  DT  D "O4'"  1 
ATOM   1091 C  "C3'"  . DT  C 3 7  ? 13.973  -19.049 -20.532 1.00 90.97  ? 42  DT  D "C3'"  1 
ATOM   1092 O  "O3'"  . DT  C 3 7  ? 13.575  -18.665 -21.843 1.00 87.70  ? 42  DT  D "O3'"  1 
ATOM   1093 C  "C2'"  . DT  C 3 7  ? 15.355  -18.487 -20.161 1.00 87.92  ? 42  DT  D "C2'"  1 
ATOM   1094 C  "C1'"  . DT  C 3 7  ? 15.068  -17.498 -19.036 1.00 87.28  ? 42  DT  D "C1'"  1 
ATOM   1095 N  N1     . DT  C 3 7  ? 16.125  -17.465 -17.979 1.00 85.34  ? 42  DT  D N1     1 
ATOM   1096 C  C2     . DT  C 3 7  ? 17.016  -16.416 -17.951 1.00 88.10  ? 42  DT  D C2     1 
ATOM   1097 O  O2     . DT  C 3 7  ? 16.991  -15.494 -18.749 1.00 90.23  ? 42  DT  D O2     1 
ATOM   1098 N  N3     . DT  C 3 7  ? 17.946  -16.480 -16.947 1.00 78.27  ? 42  DT  D N3     1 
ATOM   1099 C  C4     . DT  C 3 7  ? 18.074  -17.469 -15.989 1.00 85.29  ? 42  DT  D C4     1 
ATOM   1100 O  O4     . DT  C 3 7  ? 18.945  -17.438 -15.124 1.00 80.84  ? 42  DT  D O4     1 
ATOM   1101 C  C5     . DT  C 3 7  ? 17.109  -18.540 -16.075 1.00 81.24  ? 42  DT  D C5     1 
ATOM   1102 C  C7     . DT  C 3 7  ? 17.150  -19.670 -15.091 1.00 89.20  ? 42  DT  D C7     1 
ATOM   1103 C  C6     . DT  C 3 7  ? 16.190  -18.487 -17.054 1.00 72.78  ? 42  DT  D C6     1 
ATOM   1104 H  "H5'"  . DT  C 3 7  ? 11.431  -19.003 -18.299 1.00 131.59 ? 42  DT  D "H5'"  1 
ATOM   1105 H  "H5''" . DT  C 3 7  ? 11.573  -19.923 -19.576 1.00 131.59 ? 42  DT  D "H5''" 1 
ATOM   1106 H  "H4'"  . DT  C 3 7  ? 12.503  -17.752 -19.895 1.00 126.22 ? 42  DT  D "H4'"  1 
ATOM   1107 H  "H3'"  . DT  C 3 7  ? 13.984  -20.016 -20.462 1.00 109.32 ? 42  DT  D "H3'"  1 
ATOM   1108 H  "HO3'" . DT  C 3 7  ? 14.097  -18.219 -22.327 1.00 105.39 ? 42  DT  D "HO3'" 1 
ATOM   1109 H  "H2'"  . DT  C 3 7  ? 15.936  -19.197 -19.848 1.00 105.65 ? 42  DT  D "H2'"  1 
ATOM   1110 H  "H2''" . DT  C 3 7  ? 15.750  -18.032 -20.920 1.00 105.65 ? 42  DT  D "H2''" 1 
ATOM   1111 H  "H1'"  . DT  C 3 7  ? 14.960  -16.609 -19.410 1.00 104.89 ? 42  DT  D "H1'"  1 
ATOM   1112 H  H3     . DT  C 3 7  ? 18.513  -15.835 -16.908 1.00 94.08  ? 42  DT  D H3     1 
ATOM   1113 H  H71    . DT  C 3 7  ? 16.312  -19.707 -14.605 1.00 107.19 ? 42  DT  D H71    1 
ATOM   1114 H  H72    . DT  C 3 7  ? 17.287  -20.506 -15.563 1.00 107.19 ? 42  DT  D H72    1 
ATOM   1115 H  H73    . DT  C 3 7  ? 17.879  -19.528 -14.467 1.00 107.19 ? 42  DT  D H73    1 
ATOM   1116 H  H6     . DT  C 3 7  ? 15.570  -19.178 -17.115 1.00 87.49  ? 42  DT  D H6     1 
ATOM   1117 P  P      . DG  D 4 1  ? -4.252  -4.682  7.795   1.00 77.76  ? 1   DG  A P      1 
ATOM   1118 O  OP1    . DG  D 4 1  ? -4.169  -5.874  8.666   1.00 51.79  ? 1   DG  A OP1    1 
ATOM   1119 O  OP2    . DG  D 4 1  ? -3.232  -3.617  7.904   1.00 59.41  ? 1   DG  A OP2    1 
ATOM   1120 O  "O5'"  . DG  D 4 1  ? -5.683  -4.015  8.035   1.00 63.62  ? 1   DG  A "O5'"  1 
ATOM   1121 C  "C5'"  . DG  D 4 1  ? -6.856  -4.799  7.896   1.00 62.78  ? 1   DG  A "C5'"  1 
ATOM   1122 C  "C4'"  . DG  D 4 1  ? -7.928  -4.042  7.134   1.00 51.13  ? 1   DG  A "C4'"  1 
ATOM   1123 O  "O4'"  . DG  D 4 1  ? -8.177  -2.778  7.781   1.00 43.36  ? 1   DG  A "O4'"  1 
ATOM   1124 C  "C3'"  . DG  D 4 1  ? -7.566  -3.679  5.708   1.00 54.92  ? 1   DG  A "C3'"  1 
ATOM   1125 O  "O3'"  . DG  D 4 1  ? -7.856  -4.744  4.833   1.00 57.24  ? 1   DG  A "O3'"  1 
ATOM   1126 C  "C2'"  . DG  D 4 1  ? -8.428  -2.453  5.443   1.00 40.73  ? 1   DG  A "C2'"  1 
ATOM   1127 C  "C1'"  . DG  D 4 1  ? -8.519  -1.796  6.817   1.00 46.46  ? 1   DG  A "C1'"  1 
ATOM   1128 N  N9     . DG  D 4 1  ? -7.630  -0.656  6.997   1.00 46.74  ? 1   DG  A N9     1 
ATOM   1129 C  C8     . DG  D 4 1  ? -6.642  -0.526  7.942   1.00 50.84  ? 1   DG  A C8     1 
ATOM   1130 N  N7     . DG  D 4 1  ? -6.015  0.614   7.883   1.00 43.36  ? 1   DG  A N7     1 
ATOM   1131 C  C5     . DG  D 4 1  ? -6.628  1.284   6.833   1.00 40.19  ? 1   DG  A C5     1 
ATOM   1132 C  C6     . DG  D 4 1  ? -6.373  2.567   6.304   1.00 41.25  ? 1   DG  A C6     1 
ATOM   1133 O  O6     . DG  D 4 1  ? -5.524  3.392   6.670   1.00 40.63  ? 1   DG  A O6     1 
ATOM   1134 N  N1     . DG  D 4 1  ? -7.226  2.867   5.242   1.00 42.66  ? 1   DG  A N1     1 
ATOM   1135 C  C2     . DG  D 4 1  ? -8.201  2.026   4.758   1.00 51.60  ? 1   DG  A C2     1 
ATOM   1136 N  N2     . DG  D 4 1  ? -8.925  2.487   3.727   1.00 55.12  ? 1   DG  A N2     1 
ATOM   1137 N  N3     . DG  D 4 1  ? -8.450  0.818   5.248   1.00 48.27  ? 1   DG  A N3     1 
ATOM   1138 C  C4     . DG  D 4 1  ? -7.629  0.517   6.281   1.00 43.05  ? 1   DG  A C4     1 
ATOM   1139 H  "H5'"  . DG  D 4 1  ? -7.193  -5.028  8.777   1.00 75.49  ? 1   DG  A "H5'"  1 
ATOM   1140 H  "H5''" . DG  D 4 1  ? -6.639  -5.614  7.417   1.00 75.49  ? 1   DG  A "H5''" 1 
ATOM   1141 H  "H4'"  . DG  D 4 1  ? -8.745  -4.564  7.131   1.00 61.51  ? 1   DG  A "H4'"  1 
ATOM   1142 H  "H3'"  . DG  D 4 1  ? -6.626  -3.444  5.652   1.00 66.06  ? 1   DG  A "H3'"  1 
ATOM   1143 H  "H2'"  . DG  D 4 1  ? -7.996  -1.862  4.808   1.00 49.02  ? 1   DG  A "H2'"  1 
ATOM   1144 H  "H2''" . DG  D 4 1  ? -9.307  -2.714  5.129   1.00 49.02  ? 1   DG  A "H2''" 1 
ATOM   1145 H  "H1'"  . DG  D 4 1  ? -9.434  -1.509  6.968   1.00 55.90  ? 1   DG  A "H1'"  1 
ATOM   1146 H  H8     . DG  D 4 1  ? -6.439  -1.189  8.562   1.00 61.16  ? 1   DG  A H8     1 
ATOM   1147 H  H1     . DG  D 4 1  ? -7.135  3.633   4.862   1.00 51.34  ? 1   DG  A H1     1 
ATOM   1148 H  H21    . DG  D 4 1  ? -9.546  1.998   3.386   1.00 66.29  ? 1   DG  A H21    1 
ATOM   1149 H  H22    . DG  D 4 1  ? -8.770  3.270   3.408   1.00 66.29  ? 1   DG  A H22    1 
ATOM   1150 P  P      . DC  D 4 2  ? -6.794  -5.152  3.706   1.00 57.34  ? 2   DC  A P      1 
ATOM   1151 O  OP1    . DC  D 4 2  ? -7.117  -6.527  3.264   1.00 57.13  ? 2   DC  A OP1    1 
ATOM   1152 O  OP2    . DC  D 4 2  ? -5.447  -4.827  4.232   1.00 44.61  ? 2   DC  A OP2    1 
ATOM   1153 O  "O5'"  . DC  D 4 2  ? -7.113  -4.141  2.515   1.00 38.19  ? 2   DC  A "O5'"  1 
ATOM   1154 C  "C5'"  . DC  D 4 2  ? -8.447  -4.008  2.055   1.00 53.00  ? 2   DC  A "C5'"  1 
ATOM   1155 C  "C4'"  . DC  D 4 2  ? -8.589  -2.790  1.170   1.00 60.02  ? 2   DC  A "C4'"  1 
ATOM   1156 O  "O4'"  . DC  D 4 2  ? -8.458  -1.602  1.977   1.00 48.57  ? 2   DC  A "O4'"  1 
ATOM   1157 C  "C3'"  . DC  D 4 2  ? -7.532  -2.676  0.084   1.00 52.25  ? 2   DC  A "C3'"  1 
ATOM   1158 O  "O3'"  . DC  D 4 2  ? -7.999  -3.264  -1.116  1.00 50.08  ? 2   DC  A "O3'"  1 
ATOM   1159 C  "C2'"  . DC  D 4 2  ? -7.307  -1.173  -0.060  1.00 58.58  ? 2   DC  A "C2'"  1 
ATOM   1160 C  "C1'"  . DC  D 4 2  ? -7.784  -0.584  1.262   1.00 49.88  ? 2   DC  A "C1'"  1 
ATOM   1161 N  N1     . DC  D 4 2  ? -6.696  -0.055  2.132   1.00 44.83  ? 2   DC  A N1     1 
ATOM   1162 C  C2     . DC  D 4 2  ? -6.287  1.274   1.996   1.00 46.25  ? 2   DC  A C2     1 
ATOM   1163 O  O2     . DC  D 4 2  ? -6.814  1.983   1.130   1.00 53.85  ? 2   DC  A O2     1 
ATOM   1164 N  N3     . DC  D 4 2  ? -5.315  1.746   2.815   1.00 41.30  ? 2   DC  A N3     1 
ATOM   1165 C  C4     . DC  D 4 2  ? -4.771  0.950   3.737   1.00 45.60  ? 2   DC  A C4     1 
ATOM   1166 N  N4     . DC  D 4 2  ? -3.814  1.461   4.521   1.00 41.83  ? 2   DC  A N4     1 
ATOM   1167 C  C5     . DC  D 4 2  ? -5.182  -0.406  3.894   1.00 46.35  ? 2   DC  A C5     1 
ATOM   1168 C  C6     . DC  D 4 2  ? -6.139  -0.861  3.081   1.00 48.12  ? 2   DC  A C6     1 
ATOM   1169 H  "H5'"  . DC  D 4 2  ? -9.039  -3.920  2.817   1.00 63.75  ? 2   DC  A "H5'"  1 
ATOM   1170 H  "H5''" . DC  D 4 2  ? -8.690  -4.800  1.550   1.00 63.75  ? 2   DC  A "H5''" 1 
ATOM   1171 H  "H4'"  . DC  D 4 2  ? -9.467  -2.799  0.757   1.00 72.18  ? 2   DC  A "H4'"  1 
ATOM   1172 H  "H3'"  . DC  D 4 2  ? -6.713  -3.108  0.371   1.00 62.85  ? 2   DC  A "H3'"  1 
ATOM   1173 H  "H2'"  . DC  D 4 2  ? -6.365  -0.984  -0.194  1.00 70.45  ? 2   DC  A "H2'"  1 
ATOM   1174 H  "H2''" . DC  D 4 2  ? -7.832  -0.822  -0.797  1.00 70.45  ? 2   DC  A "H2''" 1 
ATOM   1175 H  "H1'"  . DC  D 4 2  ? -8.411  0.133   1.074   1.00 60.01  ? 2   DC  A "H1'"  1 
ATOM   1176 H  H41    . DC  D 4 2  ? -3.436  0.967   5.115   1.00 50.35  ? 2   DC  A H41    1 
ATOM   1177 H  H42    . DC  D 4 2  ? -3.578  2.283   4.430   1.00 50.35  ? 2   DC  A H42    1 
ATOM   1178 H  H5     . DC  D 4 2  ? -4.797  -0.954  4.541   1.00 55.77  ? 2   DC  A H5     1 
ATOM   1179 H  H6     . DC  D 4 2  ? -6.430  -1.740  3.163   1.00 57.89  ? 2   DC  A H6     1 
ATOM   1180 P  P      . DG  D 4 3  ? -6.958  -3.736  -2.240  1.00 76.67  ? 3   DG  A P      1 
ATOM   1181 O  OP1    . DG  D 4 3  ? -7.698  -4.559  -3.224  1.00 77.57  ? 3   DG  A OP1    1 
ATOM   1182 O  OP2    . DG  D 4 3  ? -5.775  -4.298  -1.550  1.00 62.53  ? 3   DG  A OP2    1 
ATOM   1183 O  "O5'"  . DG  D 4 3  ? -6.517  -2.370  -2.938  1.00 58.45  ? 3   DG  A "O5'"  1 
ATOM   1184 C  "C5'"  . DG  D 4 3  ? -7.499  -1.512  -3.497  1.00 56.39  ? 3   DG  A "C5'"  1 
ATOM   1185 C  "C4'"  . DG  D 4 3  ? -6.879  -0.192  -3.910  1.00 62.56  ? 3   DG  A "C4'"  1 
ATOM   1186 O  "O4'"  . DG  D 4 3  ? -6.302  0.447   -2.738  1.00 64.75  ? 3   DG  A "O4'"  1 
ATOM   1187 C  "C3'"  . DG  D 4 3  ? -5.754  -0.312  -4.939  1.00 53.23  ? 3   DG  A "C3'"  1 
ATOM   1188 O  "O3'"  . DG  D 4 3  ? -5.912  0.643   -5.981  1.00 72.37  ? 3   DG  A "O3'"  1 
ATOM   1189 C  "C2'"  . DG  D 4 3  ? -4.486  -0.078  -4.131  1.00 55.46  ? 3   DG  A "C2'"  1 
ATOM   1190 C  "C1'"  . DG  D 4 3  ? -4.959  0.800   -2.984  1.00 49.86  ? 3   DG  A "C1'"  1 
ATOM   1191 N  N9     . DG  D 4 3  ? -4.189  0.616   -1.758  1.00 46.29  ? 3   DG  A N9     1 
ATOM   1192 C  C8     . DG  D 4 3  ? -4.013  -0.552  -1.059  1.00 44.44  ? 3   DG  A C8     1 
ATOM   1193 N  N7     . DG  D 4 3  ? -3.265  -0.417  -0.001  1.00 48.52  ? 3   DG  A N7     1 
ATOM   1194 C  C5     . DG  D 4 3  ? -2.912  0.925   -0.005  1.00 44.94  ? 3   DG  A C5     1 
ATOM   1195 C  C6     . DG  D 4 3  ? -2.109  1.656   0.899   1.00 51.68  ? 3   DG  A C6     1 
ATOM   1196 O  O6     . DG  D 4 3  ? -1.530  1.246   1.915   1.00 55.49  ? 3   DG  A O6     1 
ATOM   1197 N  N1     . DG  D 4 3  ? -2.006  2.996   0.530   1.00 52.03  ? 3   DG  A N1     1 
ATOM   1198 C  C2     . DG  D 4 3  ? -2.605  3.554   -0.575  1.00 56.10  ? 3   DG  A C2     1 
ATOM   1199 N  N2     . DG  D 4 3  ? -2.391  4.863   -0.769  1.00 65.47  ? 3   DG  A N2     1 
ATOM   1200 N  N3     . DG  D 4 3  ? -3.361  2.879   -1.431  1.00 41.17  ? 3   DG  A N3     1 
ATOM   1201 C  C4     . DG  D 4 3  ? -3.469  1.575   -1.083  1.00 42.00  ? 3   DG  A C4     1 
ATOM   1202 H  "H5'"  . DG  D 4 3  ? -8.192  -1.347  -2.838  1.00 67.82  ? 3   DG  A "H5'"  1 
ATOM   1203 H  "H5''" . DG  D 4 3  ? -7.892  -1.938  -4.274  1.00 67.82  ? 3   DG  A "H5''" 1 
ATOM   1204 H  "H4'"  . DG  D 4 3  ? -7.574  0.382   -4.270  1.00 75.23  ? 3   DG  A "H4'"  1 
ATOM   1205 H  "H3'"  . DG  D 4 3  ? -5.745  -1.207  -5.312  1.00 64.03  ? 3   DG  A "H3'"  1 
ATOM   1206 H  "H2'"  . DG  D 4 3  ? -4.134  -0.917  -3.796  1.00 66.70  ? 3   DG  A "H2'"  1 
ATOM   1207 H  "H2''" . DG  D 4 3  ? -3.821  0.386   -4.663  1.00 66.70  ? 3   DG  A "H2''" 1 
ATOM   1208 H  "H1'"  . DG  D 4 3  ? -4.918  1.730   -3.254  1.00 59.99  ? 3   DG  A "H1'"  1 
ATOM   1209 H  H8     . DG  D 4 3  ? -4.398  -1.360  -1.311  1.00 53.48  ? 3   DG  A H8     1 
ATOM   1210 H  H1     . DG  D 4 3  ? -1.532  3.511   1.030   1.00 62.59  ? 3   DG  A H1     1 
ATOM   1211 H  H21    . DG  D 4 3  ? -2.742  5.261   -1.445  1.00 78.72  ? 3   DG  A H21    1 
ATOM   1212 H  H22    . DG  D 4 3  ? -1.902  5.305   -0.216  1.00 78.72  ? 3   DG  A H22    1 
ATOM   1213 P  P      . DT  D 4 4  ? -4.872  0.677   -7.206  1.00 94.53  ? 4   DT  A P      1 
ATOM   1214 O  OP1    . DT  D 4 4  ? -5.622  1.055   -8.424  1.00 69.06  ? 4   DT  A OP1    1 
ATOM   1215 O  OP2    . DT  D 4 4  ? -4.094  -0.581  -7.169  1.00 75.87  ? 4   DT  A OP2    1 
ATOM   1216 O  "O5'"  . DT  D 4 4  ? -3.882  1.873   -6.830  1.00 76.75  ? 4   DT  A "O5'"  1 
ATOM   1217 C  "C5'"  . DT  D 4 4  ? -4.411  3.164   -6.578  1.00 67.13  ? 4   DT  A "C5'"  1 
ATOM   1218 C  "C4'"  . DT  D 4 4  ? -3.308  4.163   -6.286  1.00 69.05  ? 4   DT  A "C4'"  1 
ATOM   1219 O  "O4'"  . DT  D 4 4  ? -2.727  3.882   -4.983  1.00 71.11  ? 4   DT  A "O4'"  1 
ATOM   1220 C  "C3'"  . DT  D 4 4  ? -2.148  4.155   -7.284  1.00 58.30  ? 4   DT  A "C3'"  1 
ATOM   1221 O  "O3'"  . DT  D 4 4  ? -1.836  5.489   -7.683  1.00 70.16  ? 4   DT  A "O3'"  1 
ATOM   1222 C  "C2'"  . DT  D 4 4  ? -1.008  3.491   -6.512  1.00 57.62  ? 4   DT  A "C2'"  1 
ATOM   1223 C  "C1'"  . DT  D 4 4  ? -1.319  3.884   -5.080  1.00 66.55  ? 4   DT  A "C1'"  1 
ATOM   1224 N  N1     . DT  D 4 4  ? -0.774  2.959   -4.035  1.00 58.61  ? 4   DT  A N1     1 
ATOM   1225 C  C2     . DT  D 4 4  ? 0.025   3.470   -3.034  1.00 56.16  ? 4   DT  A C2     1 
ATOM   1226 O  O2     . DT  D 4 4  ? 0.341   4.645   -2.965  1.00 59.92  ? 4   DT  A O2     1 
ATOM   1227 N  N3     . DT  D 4 4  ? 0.453   2.549   -2.115  1.00 54.22  ? 4   DT  A N3     1 
ATOM   1228 C  C4     . DT  D 4 4  ? 0.161   1.197   -2.090  1.00 61.22  ? 4   DT  A C4     1 
ATOM   1229 O  O4     . DT  D 4 4  ? 0.595   0.448   -1.219  1.00 59.60  ? 4   DT  A O4     1 
ATOM   1230 C  C5     . DT  D 4 4  ? -0.688  0.728   -3.160  1.00 51.22  ? 4   DT  A C5     1 
ATOM   1231 C  C7     . DT  D 4 4  ? -1.070  -0.720  -3.236  1.00 41.39  ? 4   DT  A C7     1 
ATOM   1232 C  C6     . DT  D 4 4  ? -1.115  1.622   -4.067  1.00 54.83  ? 4   DT  A C6     1 
ATOM   1233 H  "H5'"  . DT  D 4 4  ? -5.007  3.118   -5.814  1.00 80.71  ? 4   DT  A "H5'"  1 
ATOM   1234 H  "H5''" . DT  D 4 4  ? -4.912  3.459   -7.354  1.00 80.71  ? 4   DT  A "H5''" 1 
ATOM   1235 H  "H4'"  . DT  D 4 4  ? -3.694  5.053   -6.268  1.00 83.02  ? 4   DT  A "H4'"  1 
ATOM   1236 H  "H3'"  . DT  D 4 4  ? -2.380  3.621   -8.059  1.00 70.11  ? 4   DT  A "H3'"  1 
ATOM   1237 H  "H2'"  . DT  D 4 4  ? -1.037  2.526   -6.618  1.00 69.30  ? 4   DT  A "H2'"  1 
ATOM   1238 H  "H2''" . DT  D 4 4  ? -0.150  3.847   -6.789  1.00 69.30  ? 4   DT  A "H2''" 1 
ATOM   1239 H  "H1'"  . DT  D 4 4  ? -0.989  4.781   -4.916  1.00 80.01  ? 4   DT  A "H1'"  1 
ATOM   1240 H  H3     . DT  D 4 4  ? 0.956   2.844   -1.484  1.00 65.22  ? 4   DT  A H3     1 
ATOM   1241 H  H71    . DT  D 4 4  ? -0.660  -1.201  -2.499  1.00 49.83  ? 4   DT  A H71    1 
ATOM   1242 H  H72    . DT  D 4 4  ? -2.034  -0.803  -3.181  1.00 49.83  ? 4   DT  A H72    1 
ATOM   1243 H  H73    . DT  D 4 4  ? -0.760  -1.092  -4.076  1.00 49.83  ? 4   DT  A H73    1 
ATOM   1244 H  H6     . DT  D 4 4  ? -1.661  1.322   -4.759  1.00 65.95  ? 4   DT  A H6     1 
ATOM   1245 P  P      . DC  D 4 5  ? -0.917  5.764   -8.971  1.00 84.89  ? 5   DC  A P      1 
ATOM   1246 O  OP1    . DC  D 4 5  ? -1.440  6.974   -9.644  1.00 54.93  ? 5   DC  A OP1    1 
ATOM   1247 O  OP2    . DC  D 4 5  ? -0.796  4.494   -9.721  1.00 85.66  ? 5   DC  A OP2    1 
ATOM   1248 O  "O5'"  . DC  D 4 5  ? 0.512   6.113   -8.346  1.00 69.07  ? 5   DC  A "O5'"  1 
ATOM   1249 C  "C5'"  . DC  D 4 5  ? 0.667   7.299   -7.586  1.00 60.56  ? 5   DC  A "C5'"  1 
ATOM   1250 C  "C4'"  . DC  D 4 5  ? 1.925   7.249   -6.736  1.00 60.38  ? 5   DC  A "C4'"  1 
ATOM   1251 O  "O4'"  . DC  D 4 5  ? 1.880   6.095   -5.861  1.00 64.21  ? 5   DC  A "O4'"  1 
ATOM   1252 C  "C3'"  . DC  D 4 5  ? 3.241   7.135   -7.515  1.00 44.23  ? 5   DC  A "C3'"  1 
ATOM   1253 O  "O3'"  . DC  D 4 5  ? 4.096   8.215   -7.177  1.00 35.27  ? 5   DC  A "O3'"  1 
ATOM   1254 C  "C2'"  . DC  D 4 5  ? 3.820   5.782   -7.084  1.00 60.19  ? 5   DC  A "C2'"  1 
ATOM   1255 C  "C1'"  . DC  D 4 5  ? 3.181   5.578   -5.728  1.00 56.32  ? 5   DC  A "C1'"  1 
ATOM   1256 N  N1     . DC  D 4 5  ? 3.075   4.159   -5.266  1.00 59.74  ? 5   DC  A N1     1 
ATOM   1257 C  C2     . DC  D 4 5  ? 3.629   3.791   -4.033  1.00 61.01  ? 5   DC  A C2     1 
ATOM   1258 O  O2     . DC  D 4 5  ? 4.230   4.642   -3.363  1.00 52.15  ? 5   DC  A O2     1 
ATOM   1259 N  N3     . DC  D 4 5  ? 3.501   2.511   -3.609  1.00 57.89  ? 5   DC  A N3     1 
ATOM   1260 C  C4     . DC  D 4 5  ? 2.846   1.622   -4.356  1.00 54.44  ? 5   DC  A C4     1 
ATOM   1261 N  N4     . DC  D 4 5  ? 2.747   0.370   -3.895  1.00 51.27  ? 5   DC  A N4     1 
ATOM   1262 C  C5     . DC  D 4 5  ? 2.265   1.978   -5.610  1.00 51.09  ? 5   DC  A C5     1 
ATOM   1263 C  C6     . DC  D 4 5  ? 2.397   3.246   -6.019  1.00 54.03  ? 5   DC  A C6     1 
ATOM   1264 H  "H5'"  . DC  D 4 5  ? -0.103  7.408   -7.007  1.00 72.83  ? 5   DC  A "H5'"  1 
ATOM   1265 H  "H5''" . DC  D 4 5  ? 0.721   8.057   -8.189  1.00 72.83  ? 5   DC  A "H5''" 1 
ATOM   1266 H  "H4'"  . DC  D 4 5  ? 1.960   8.050   -6.189  1.00 72.61  ? 5   DC  A "H4'"  1 
ATOM   1267 H  "H3'"  . DC  D 4 5  ? 3.064   7.133   -8.469  1.00 53.22  ? 5   DC  A "H3'"  1 
ATOM   1268 H  "H2'"  . DC  D 4 5  ? 3.554   5.080   -7.699  1.00 72.39  ? 5   DC  A "H2'"  1 
ATOM   1269 H  "H2''" . DC  D 4 5  ? 4.786   5.828   -7.006  1.00 72.39  ? 5   DC  A "H2''" 1 
ATOM   1270 H  "H1'"  . DC  D 4 5  ? 3.664   6.095   -5.065  1.00 67.74  ? 5   DC  A "H1'"  1 
ATOM   1271 H  H41    . DC  D 4 5  ? 2.328   -0.225  -4.354  1.00 61.67  ? 5   DC  A H41    1 
ATOM   1272 H  H42    . DC  D 4 5  ? 3.103   0.160   -3.141  1.00 61.67  ? 5   DC  A H42    1 
ATOM   1273 H  H5     . DC  D 4 5  ? 1.808   1.351   -6.124  1.00 61.46  ? 5   DC  A H5     1 
ATOM   1274 H  H6     . DC  D 4 5  ? 2.026   3.507   -6.831  1.00 64.99  ? 5   DC  A H6     1 
ATOM   1275 P  P      . DA  D 4 6  ? 4.993   8.928   -8.300  1.00 72.74  ? 6   DA  A P      1 
ATOM   1276 O  OP1    . DA  D 4 6  ? 5.272   10.308  -7.841  1.00 22.38  ? 6   DA  A OP1    1 
ATOM   1277 O  OP2    . DA  D 4 6  ? 4.356   8.702   -9.617  1.00 60.31  ? 6   DA  A OP2    1 
ATOM   1278 O  "O5'"  . DA  D 4 6  ? 6.365   8.115   -8.257  1.00 52.86  ? 6   DA  A "O5'"  1 
ATOM   1279 C  "C5'"  . DA  D 4 6  ? 7.395   8.555   -7.404  1.00 54.64  ? 6   DA  A "C5'"  1 
ATOM   1280 C  "C4'"  . DA  D 4 6  ? 8.084   7.389   -6.724  1.00 58.07  ? 6   DA  A "C4'"  1 
ATOM   1281 O  "O4'"  . DA  D 4 6  ? 7.120   6.408   -6.282  1.00 60.24  ? 6   DA  A "O4'"  1 
ATOM   1282 C  "C3'"  . DA  D 4 6  ? 9.006   6.578   -7.600  1.00 56.37  ? 6   DA  A "C3'"  1 
ATOM   1283 O  "O3'"  . DA  D 4 6  ? 10.241  7.232   -7.794  1.00 54.91  ? 6   DA  A "O3'"  1 
ATOM   1284 C  "C2'"  . DA  D 4 6  ? 9.146   5.295   -6.795  1.00 55.88  ? 6   DA  A "C2'"  1 
ATOM   1285 C  "C1'"  . DA  D 4 6  ? 7.838   5.216   -6.002  1.00 53.65  ? 6   DA  A "C1'"  1 
ATOM   1286 N  N9     . DA  D 4 6  ? 7.049   4.045   -6.359  1.00 63.06  ? 6   DA  A N9     1 
ATOM   1287 C  C8     . DA  D 4 6  ? 6.393   3.811   -7.534  1.00 54.62  ? 6   DA  A C8     1 
ATOM   1288 N  N7     . DA  D 4 6  ? 5.794   2.643   -7.582  1.00 51.40  ? 6   DA  A N7     1 
ATOM   1289 C  C5     . DA  D 4 6  ? 6.103   2.062   -6.363  1.00 53.52  ? 6   DA  A C5     1 
ATOM   1290 C  C6     . DA  D 4 6  ? 5.772   0.817   -5.790  1.00 53.63  ? 6   DA  A C6     1 
ATOM   1291 N  N6     . DA  D 4 6  ? 5.023   -0.103  -6.407  1.00 57.65  ? 6   DA  A N6     1 
ATOM   1292 N  N1     . DA  D 4 6  ? 6.245   0.551   -4.556  1.00 50.37  ? 6   DA  A N1     1 
ATOM   1293 C  C2     . DA  D 4 6  ? 6.995   1.474   -3.942  1.00 62.35  ? 6   DA  A C2     1 
ATOM   1294 N  N3     . DA  D 4 6  ? 7.371   2.675   -4.377  1.00 56.80  ? 6   DA  A N3     1 
ATOM   1295 C  C4     . DA  D 4 6  ? 6.887   2.908   -5.604  1.00 59.35  ? 6   DA  A C4     1 
ATOM   1296 H  "H5'"  . DA  D 4 6  ? 7.019   9.140   -6.728  1.00 65.73  ? 6   DA  A "H5'"  1 
ATOM   1297 H  "H5''" . DA  D 4 6  ? 8.048   9.049   -7.924  1.00 65.73  ? 6   DA  A "H5''" 1 
ATOM   1298 H  "H4'"  . DA  D 4 6  ? 8.579   7.716   -5.956  1.00 69.84  ? 6   DA  A "H4'"  1 
ATOM   1299 H  "H3'"  . DA  D 4 6  ? 8.583   6.394   -8.453  1.00 67.80  ? 6   DA  A "H3'"  1 
ATOM   1300 H  "HO3'" . DA  D 4 6  ? 10.485  7.448   -8.568  1.00 66.05  ? 6   DA  A "HO3'" 1 
ATOM   1301 H  "H2'"  . DA  D 4 6  ? 9.232   4.531   -7.385  1.00 67.21  ? 6   DA  A "H2'"  1 
ATOM   1302 H  "H2''" . DA  D 4 6  ? 9.905   5.352   -6.193  1.00 67.21  ? 6   DA  A "H2''" 1 
ATOM   1303 H  "H1'"  . DA  D 4 6  ? 8.043   5.184   -5.055  1.00 64.54  ? 6   DA  A "H1'"  1 
ATOM   1304 H  H8     . DA  D 4 6  ? 6.354   4.430   -8.226  1.00 65.69  ? 6   DA  A H8     1 
ATOM   1305 H  H61    . DA  D 4 6  ? 4.852   -0.850  -6.018  1.00 69.33  ? 6   DA  A H61    1 
ATOM   1306 H  H62    . DA  D 4 6  ? 4.713   0.053   -7.194  1.00 69.33  ? 6   DA  A H62    1 
ATOM   1307 H  H2     . DA  D 4 6  ? 7.296   1.243   -3.093  1.00 74.97  ? 6   DA  A H2     1 
HETATM 1308 AS AS     . CAC E 5 .  ? -4.085  4.591   10.557  1.00 123.67 ? 101 CAC C AS     1 
HETATM 1309 AS AS     . CAC F 5 .  ? -1.042  -3.430  2.618   1.00 124.77 ? 101 CAC A AS     1 
# 
loop_
_pdbx_poly_seq_scheme.asym_id 
_pdbx_poly_seq_scheme.entity_id 
_pdbx_poly_seq_scheme.seq_id 
_pdbx_poly_seq_scheme.mon_id 
_pdbx_poly_seq_scheme.ndb_seq_num 
_pdbx_poly_seq_scheme.pdb_seq_num 
_pdbx_poly_seq_scheme.auth_seq_num 
_pdbx_poly_seq_scheme.pdb_mon_id 
_pdbx_poly_seq_scheme.auth_mon_id 
_pdbx_poly_seq_scheme.pdb_strand_id 
_pdbx_poly_seq_scheme.pdb_ins_code 
_pdbx_poly_seq_scheme.hetero 
A 1 1  DG 1  7  7  DG DG B . n 
A 1 2  DA 2  8  8  DA DA B . n 
A 1 3  DA 3  9  9  DA DA B . n 
A 1 4  DC 4  10 10 DC DC B . n 
A 1 5  DG 5  11 11 DG DG B . n 
A 1 6  DA 6  12 12 DA DA B . n 
A 1 7  DC 7  13 13 DC DC B . n 
A 1 8  DA 8  14 14 DA DA B . n 
A 1 9  DG 9  15 15 DG DG B . n 
A 1 10 DT 10 16 16 DT DT B . n 
A 1 11 DG 11 17 17 DG DG B . n 
A 1 12 DA 12 18 18 DA DA B . n 
A 1 13 DC 13 19 19 DC DC B . n 
A 1 14 DG 14 20 20 DG DG B . n 
A 1 15 DC 15 21 21 DC DC B . n 
A 1 16 DC 16 22 22 DC DC B . n 
A 1 17 DG 17 23 23 DG DG B . n 
A 1 18 DA 18 24 24 DA DA B . n 
A 1 19 DC 19 25 25 DC DC B . n 
A 1 20 DT 20 26 26 DT DT B . n 
A 1 21 DC 21 27 27 DC DC B . n 
B 2 1  DT 1  28 28 DT DT C . n 
B 2 2  DC 2  29 29 DC DC C . n 
B 2 3  DG 3  30 30 DG DG C . n 
B 2 4  DA 4  31 31 DA DA C . n 
B 2 5  DG 5  32 32 DG DG C . n 
B 2 6  DT 6  33 33 DT DT C . n 
B 2 7  DC 7  34 34 DC DC C . n 
B 2 8  DG 8  35 35 DG DG C . n 
C 3 1  DC 1  36 36 DC DC D . n 
C 3 2  DT 2  37 37 DT DT D . n 
C 3 3  DG 3  38 38 DG DG D . n 
C 3 4  DT 4  39 39 DT DT D . n 
C 3 5  DC 5  40 40 DC DC D . n 
C 3 6  DG 6  41 41 DG DG D . n 
C 3 7  DT 7  42 42 DT DT D . n 
D 4 1  DG 1  1  1  DG DG A . n 
D 4 2  DC 2  2  2  DC DC A . n 
D 4 3  DG 3  3  3  DG DG A . n 
D 4 4  DT 4  4  4  DT DT A . n 
D 4 5  DC 5  5  5  DC DC A . n 
D 4 6  DA 6  6  6  DA DA A . n 
# 
loop_
_pdbx_nonpoly_scheme.asym_id 
_pdbx_nonpoly_scheme.entity_id 
_pdbx_nonpoly_scheme.mon_id 
_pdbx_nonpoly_scheme.ndb_seq_num 
_pdbx_nonpoly_scheme.pdb_seq_num 
_pdbx_nonpoly_scheme.auth_seq_num 
_pdbx_nonpoly_scheme.pdb_mon_id 
_pdbx_nonpoly_scheme.auth_mon_id 
_pdbx_nonpoly_scheme.pdb_strand_id 
_pdbx_nonpoly_scheme.pdb_ins_code 
E 5 CAC 1 101 2 CAC AS C . 
F 5 CAC 1 101 1 CAC AS A . 
# 
_pdbx_struct_assembly.id                   1 
_pdbx_struct_assembly.details              author_defined_assembly 
_pdbx_struct_assembly.method_details       ? 
_pdbx_struct_assembly.oligomeric_details   tetrameric 
_pdbx_struct_assembly.oligomeric_count     4 
# 
_pdbx_struct_assembly_gen.assembly_id       1 
_pdbx_struct_assembly_gen.oper_expression   1 
_pdbx_struct_assembly_gen.asym_id_list      A,B,C,D,E,F 
# 
_pdbx_struct_oper_list.id                   1 
_pdbx_struct_oper_list.type                 'identity operation' 
_pdbx_struct_oper_list.name                 1_555 
_pdbx_struct_oper_list.symmetry_operation   x,y,z 
_pdbx_struct_oper_list.matrix[1][1]         1.0000000000 
_pdbx_struct_oper_list.matrix[1][2]         0.0000000000 
_pdbx_struct_oper_list.matrix[1][3]         0.0000000000 
_pdbx_struct_oper_list.vector[1]            0.0000000000 
_pdbx_struct_oper_list.matrix[2][1]         0.0000000000 
_pdbx_struct_oper_list.matrix[2][2]         1.0000000000 
_pdbx_struct_oper_list.matrix[2][3]         0.0000000000 
_pdbx_struct_oper_list.vector[2]            0.0000000000 
_pdbx_struct_oper_list.matrix[3][1]         0.0000000000 
_pdbx_struct_oper_list.matrix[3][2]         0.0000000000 
_pdbx_struct_oper_list.matrix[3][3]         1.0000000000 
_pdbx_struct_oper_list.vector[3]            0.0000000000 
# 
loop_
_pdbx_audit_revision_history.ordinal 
_pdbx_audit_revision_history.data_content_type 
_pdbx_audit_revision_history.major_revision 
_pdbx_audit_revision_history.minor_revision 
_pdbx_audit_revision_history.revision_date 
1 'Structure model' 1 0 2021-07-14 
2 'Structure model' 1 1 2022-07-06 
3 'Structure model' 1 2 2023-10-18 
# 
_pdbx_audit_revision_details.ordinal             1 
_pdbx_audit_revision_details.revision_ordinal    1 
_pdbx_audit_revision_details.data_content_type   'Structure model' 
_pdbx_audit_revision_details.provider            repository 
_pdbx_audit_revision_details.type                'Initial release' 
_pdbx_audit_revision_details.description         ? 
_pdbx_audit_revision_details.details             ? 
# 
loop_
_pdbx_audit_revision_group.ordinal 
_pdbx_audit_revision_group.revision_ordinal 
_pdbx_audit_revision_group.data_content_type 
_pdbx_audit_revision_group.group 
1 2 'Structure model' 'Database references'    
2 3 'Structure model' 'Data collection'        
3 3 'Structure model' 'Refinement description' 
# 
loop_
_pdbx_audit_revision_category.ordinal 
_pdbx_audit_revision_category.revision_ordinal 
_pdbx_audit_revision_category.data_content_type 
_pdbx_audit_revision_category.category 
1 2 'Structure model' citation                      
2 2 'Structure model' citation_author               
3 2 'Structure model' database_2                    
4 3 'Structure model' chem_comp_atom                
5 3 'Structure model' chem_comp_bond                
6 3 'Structure model' pdbx_initial_refinement_model 
# 
loop_
_pdbx_audit_revision_item.ordinal 
_pdbx_audit_revision_item.revision_ordinal 
_pdbx_audit_revision_item.data_content_type 
_pdbx_audit_revision_item.item 
1  2 'Structure model' '_citation.country'                   
2  2 'Structure model' '_citation.journal_abbrev'            
3  2 'Structure model' '_citation.journal_id_CSD'            
4  2 'Structure model' '_citation.journal_id_ISSN'           
5  2 'Structure model' '_citation.journal_volume'            
6  2 'Structure model' '_citation.page_first'                
7  2 'Structure model' '_citation.page_last'                 
8  2 'Structure model' '_citation.pdbx_database_id_DOI'      
9  2 'Structure model' '_citation.pdbx_database_id_PubMed'   
10 2 'Structure model' '_citation.title'                     
11 2 'Structure model' '_citation.year'                      
12 2 'Structure model' '_database_2.pdbx_DOI'                
13 2 'Structure model' '_database_2.pdbx_database_accession' 
# 
loop_
_software.citation_id 
_software.classification 
_software.compiler_name 
_software.compiler_version 
_software.contact_author 
_software.contact_author_email 
_software.date 
_software.description 
_software.dependencies 
_software.hardware 
_software.language 
_software.location 
_software.mods 
_software.name 
_software.os 
_software.os_version 
_software.type 
_software.version 
_software.pdbx_ordinal 
? refinement        ? ? ? ? ? ? ? ? ? ? ? PHENIX      ? ? ? 1.11.1_2575 1 
? 'data reduction'  ? ? ? ? ? ? ? ? ? ? ? HKL-2000    ? ? ? .           2 
? 'data scaling'    ? ? ? ? ? ? ? ? ? ? ? HKL-2000    ? ? ? .           3 
? 'data extraction' ? ? ? ? ? ? ? ? ? ? ? PDB_EXTRACT ? ? ? 3.25        4 
? phasing           ? ? ? ? ? ? ? ? ? ? ? PHASER      ? ? ? .           5 
# 
_pdbx_entry_details.entry_id                 7JLA 
_pdbx_entry_details.nonpolymer_details       ? 
_pdbx_entry_details.sequence_details         ? 
_pdbx_entry_details.compound_details         ? 
_pdbx_entry_details.source_details           ? 
_pdbx_entry_details.has_ligand_of_interest   N 
# 
loop_
_pdbx_validate_rmsd_angle.id 
_pdbx_validate_rmsd_angle.PDB_model_num 
_pdbx_validate_rmsd_angle.auth_atom_id_1 
_pdbx_validate_rmsd_angle.auth_asym_id_1 
_pdbx_validate_rmsd_angle.auth_comp_id_1 
_pdbx_validate_rmsd_angle.auth_seq_id_1 
_pdbx_validate_rmsd_angle.PDB_ins_code_1 
_pdbx_validate_rmsd_angle.label_alt_id_1 
_pdbx_validate_rmsd_angle.auth_atom_id_2 
_pdbx_validate_rmsd_angle.auth_asym_id_2 
_pdbx_validate_rmsd_angle.auth_comp_id_2 
_pdbx_validate_rmsd_angle.auth_seq_id_2 
_pdbx_validate_rmsd_angle.PDB_ins_code_2 
_pdbx_validate_rmsd_angle.label_alt_id_2 
_pdbx_validate_rmsd_angle.auth_atom_id_3 
_pdbx_validate_rmsd_angle.auth_asym_id_3 
_pdbx_validate_rmsd_angle.auth_comp_id_3 
_pdbx_validate_rmsd_angle.auth_seq_id_3 
_pdbx_validate_rmsd_angle.PDB_ins_code_3 
_pdbx_validate_rmsd_angle.label_alt_id_3 
_pdbx_validate_rmsd_angle.angle_value 
_pdbx_validate_rmsd_angle.angle_target_value 
_pdbx_validate_rmsd_angle.angle_deviation 
_pdbx_validate_rmsd_angle.angle_standard_deviation 
_pdbx_validate_rmsd_angle.linker_flag 
1 1 "O4'" C DG 35 ? ? "C1'" C DG 35 ? ? N9 C DG 35 ? ? 110.46 108.30 2.16 0.30 N 
2 1 "O4'" A DA 6  ? ? "C1'" A DA 6  ? ? N9 A DA 6  ? ? 110.67 108.30 2.37 0.30 N 
# 
loop_
_pdbx_unobs_or_zero_occ_atoms.id 
_pdbx_unobs_or_zero_occ_atoms.PDB_model_num 
_pdbx_unobs_or_zero_occ_atoms.polymer_flag 
_pdbx_unobs_or_zero_occ_atoms.occupancy_flag 
_pdbx_unobs_or_zero_occ_atoms.auth_asym_id 
_pdbx_unobs_or_zero_occ_atoms.auth_comp_id 
_pdbx_unobs_or_zero_occ_atoms.auth_seq_id 
_pdbx_unobs_or_zero_occ_atoms.PDB_ins_code 
_pdbx_unobs_or_zero_occ_atoms.auth_atom_id 
_pdbx_unobs_or_zero_occ_atoms.label_alt_id 
_pdbx_unobs_or_zero_occ_atoms.label_asym_id 
_pdbx_unobs_or_zero_occ_atoms.label_comp_id 
_pdbx_unobs_or_zero_occ_atoms.label_seq_id 
_pdbx_unobs_or_zero_occ_atoms.label_atom_id 
1 1 N 1 C CAC 101 ? O1 ? E CAC 1 O1 
2 1 N 1 C CAC 101 ? O2 ? E CAC 1 O2 
3 1 N 1 C CAC 101 ? C1 ? E CAC 1 C1 
4 1 N 1 C CAC 101 ? C2 ? E CAC 1 C2 
5 1 N 1 A CAC 101 ? O1 ? F CAC 1 O1 
6 1 N 1 A CAC 101 ? O2 ? F CAC 1 O2 
7 1 N 1 A CAC 101 ? C1 ? F CAC 1 C1 
8 1 N 1 A CAC 101 ? C2 ? F CAC 1 C2 
# 
loop_
_chem_comp_atom.comp_id 
_chem_comp_atom.atom_id 
_chem_comp_atom.type_symbol 
_chem_comp_atom.pdbx_aromatic_flag 
_chem_comp_atom.pdbx_stereo_config 
_chem_comp_atom.pdbx_ordinal 
CAC AS     AS N N 1   
CAC O1     O  N N 2   
CAC O2     O  N N 3   
CAC C1     C  N N 4   
CAC C2     C  N N 5   
CAC H11    H  N N 6   
CAC H12    H  N N 7   
CAC H13    H  N N 8   
CAC H21    H  N N 9   
CAC H22    H  N N 10  
CAC H23    H  N N 11  
DA  OP3    O  N N 12  
DA  P      P  N N 13  
DA  OP1    O  N N 14  
DA  OP2    O  N N 15  
DA  "O5'"  O  N N 16  
DA  "C5'"  C  N N 17  
DA  "C4'"  C  N R 18  
DA  "O4'"  O  N N 19  
DA  "C3'"  C  N S 20  
DA  "O3'"  O  N N 21  
DA  "C2'"  C  N N 22  
DA  "C1'"  C  N R 23  
DA  N9     N  Y N 24  
DA  C8     C  Y N 25  
DA  N7     N  Y N 26  
DA  C5     C  Y N 27  
DA  C6     C  Y N 28  
DA  N6     N  N N 29  
DA  N1     N  Y N 30  
DA  C2     C  Y N 31  
DA  N3     N  Y N 32  
DA  C4     C  Y N 33  
DA  HOP3   H  N N 34  
DA  HOP2   H  N N 35  
DA  "H5'"  H  N N 36  
DA  "H5''" H  N N 37  
DA  "H4'"  H  N N 38  
DA  "H3'"  H  N N 39  
DA  "HO3'" H  N N 40  
DA  "H2'"  H  N N 41  
DA  "H2''" H  N N 42  
DA  "H1'"  H  N N 43  
DA  H8     H  N N 44  
DA  H61    H  N N 45  
DA  H62    H  N N 46  
DA  H2     H  N N 47  
DC  OP3    O  N N 48  
DC  P      P  N N 49  
DC  OP1    O  N N 50  
DC  OP2    O  N N 51  
DC  "O5'"  O  N N 52  
DC  "C5'"  C  N N 53  
DC  "C4'"  C  N R 54  
DC  "O4'"  O  N N 55  
DC  "C3'"  C  N S 56  
DC  "O3'"  O  N N 57  
DC  "C2'"  C  N N 58  
DC  "C1'"  C  N R 59  
DC  N1     N  N N 60  
DC  C2     C  N N 61  
DC  O2     O  N N 62  
DC  N3     N  N N 63  
DC  C4     C  N N 64  
DC  N4     N  N N 65  
DC  C5     C  N N 66  
DC  C6     C  N N 67  
DC  HOP3   H  N N 68  
DC  HOP2   H  N N 69  
DC  "H5'"  H  N N 70  
DC  "H5''" H  N N 71  
DC  "H4'"  H  N N 72  
DC  "H3'"  H  N N 73  
DC  "HO3'" H  N N 74  
DC  "H2'"  H  N N 75  
DC  "H2''" H  N N 76  
DC  "H1'"  H  N N 77  
DC  H41    H  N N 78  
DC  H42    H  N N 79  
DC  H5     H  N N 80  
DC  H6     H  N N 81  
DG  OP3    O  N N 82  
DG  P      P  N N 83  
DG  OP1    O  N N 84  
DG  OP2    O  N N 85  
DG  "O5'"  O  N N 86  
DG  "C5'"  C  N N 87  
DG  "C4'"  C  N R 88  
DG  "O4'"  O  N N 89  
DG  "C3'"  C  N S 90  
DG  "O3'"  O  N N 91  
DG  "C2'"  C  N N 92  
DG  "C1'"  C  N R 93  
DG  N9     N  Y N 94  
DG  C8     C  Y N 95  
DG  N7     N  Y N 96  
DG  C5     C  Y N 97  
DG  C6     C  N N 98  
DG  O6     O  N N 99  
DG  N1     N  N N 100 
DG  C2     C  N N 101 
DG  N2     N  N N 102 
DG  N3     N  N N 103 
DG  C4     C  Y N 104 
DG  HOP3   H  N N 105 
DG  HOP2   H  N N 106 
DG  "H5'"  H  N N 107 
DG  "H5''" H  N N 108 
DG  "H4'"  H  N N 109 
DG  "H3'"  H  N N 110 
DG  "HO3'" H  N N 111 
DG  "H2'"  H  N N 112 
DG  "H2''" H  N N 113 
DG  "H1'"  H  N N 114 
DG  H8     H  N N 115 
DG  H1     H  N N 116 
DG  H21    H  N N 117 
DG  H22    H  N N 118 
DT  OP3    O  N N 119 
DT  P      P  N N 120 
DT  OP1    O  N N 121 
DT  OP2    O  N N 122 
DT  "O5'"  O  N N 123 
DT  "C5'"  C  N N 124 
DT  "C4'"  C  N R 125 
DT  "O4'"  O  N N 126 
DT  "C3'"  C  N S 127 
DT  "O3'"  O  N N 128 
DT  "C2'"  C  N N 129 
DT  "C1'"  C  N R 130 
DT  N1     N  N N 131 
DT  C2     C  N N 132 
DT  O2     O  N N 133 
DT  N3     N  N N 134 
DT  C4     C  N N 135 
DT  O4     O  N N 136 
DT  C5     C  N N 137 
DT  C7     C  N N 138 
DT  C6     C  N N 139 
DT  HOP3   H  N N 140 
DT  HOP2   H  N N 141 
DT  "H5'"  H  N N 142 
DT  "H5''" H  N N 143 
DT  "H4'"  H  N N 144 
DT  "H3'"  H  N N 145 
DT  "HO3'" H  N N 146 
DT  "H2'"  H  N N 147 
DT  "H2''" H  N N 148 
DT  "H1'"  H  N N 149 
DT  H3     H  N N 150 
DT  H71    H  N N 151 
DT  H72    H  N N 152 
DT  H73    H  N N 153 
DT  H6     H  N N 154 
# 
loop_
_chem_comp_bond.comp_id 
_chem_comp_bond.atom_id_1 
_chem_comp_bond.atom_id_2 
_chem_comp_bond.value_order 
_chem_comp_bond.pdbx_aromatic_flag 
_chem_comp_bond.pdbx_stereo_config 
_chem_comp_bond.pdbx_ordinal 
CAC AS    O1     doub N N 1   
CAC AS    O2     sing N N 2   
CAC AS    C1     sing N N 3   
CAC AS    C2     sing N N 4   
CAC C1    H11    sing N N 5   
CAC C1    H12    sing N N 6   
CAC C1    H13    sing N N 7   
CAC C2    H21    sing N N 8   
CAC C2    H22    sing N N 9   
CAC C2    H23    sing N N 10  
DA  OP3   P      sing N N 11  
DA  OP3   HOP3   sing N N 12  
DA  P     OP1    doub N N 13  
DA  P     OP2    sing N N 14  
DA  P     "O5'"  sing N N 15  
DA  OP2   HOP2   sing N N 16  
DA  "O5'" "C5'"  sing N N 17  
DA  "C5'" "C4'"  sing N N 18  
DA  "C5'" "H5'"  sing N N 19  
DA  "C5'" "H5''" sing N N 20  
DA  "C4'" "O4'"  sing N N 21  
DA  "C4'" "C3'"  sing N N 22  
DA  "C4'" "H4'"  sing N N 23  
DA  "O4'" "C1'"  sing N N 24  
DA  "C3'" "O3'"  sing N N 25  
DA  "C3'" "C2'"  sing N N 26  
DA  "C3'" "H3'"  sing N N 27  
DA  "O3'" "HO3'" sing N N 28  
DA  "C2'" "C1'"  sing N N 29  
DA  "C2'" "H2'"  sing N N 30  
DA  "C2'" "H2''" sing N N 31  
DA  "C1'" N9     sing N N 32  
DA  "C1'" "H1'"  sing N N 33  
DA  N9    C8     sing Y N 34  
DA  N9    C4     sing Y N 35  
DA  C8    N7     doub Y N 36  
DA  C8    H8     sing N N 37  
DA  N7    C5     sing Y N 38  
DA  C5    C6     sing Y N 39  
DA  C5    C4     doub Y N 40  
DA  C6    N6     sing N N 41  
DA  C6    N1     doub Y N 42  
DA  N6    H61    sing N N 43  
DA  N6    H62    sing N N 44  
DA  N1    C2     sing Y N 45  
DA  C2    N3     doub Y N 46  
DA  C2    H2     sing N N 47  
DA  N3    C4     sing Y N 48  
DC  OP3   P      sing N N 49  
DC  OP3   HOP3   sing N N 50  
DC  P     OP1    doub N N 51  
DC  P     OP2    sing N N 52  
DC  P     "O5'"  sing N N 53  
DC  OP2   HOP2   sing N N 54  
DC  "O5'" "C5'"  sing N N 55  
DC  "C5'" "C4'"  sing N N 56  
DC  "C5'" "H5'"  sing N N 57  
DC  "C5'" "H5''" sing N N 58  
DC  "C4'" "O4'"  sing N N 59  
DC  "C4'" "C3'"  sing N N 60  
DC  "C4'" "H4'"  sing N N 61  
DC  "O4'" "C1'"  sing N N 62  
DC  "C3'" "O3'"  sing N N 63  
DC  "C3'" "C2'"  sing N N 64  
DC  "C3'" "H3'"  sing N N 65  
DC  "O3'" "HO3'" sing N N 66  
DC  "C2'" "C1'"  sing N N 67  
DC  "C2'" "H2'"  sing N N 68  
DC  "C2'" "H2''" sing N N 69  
DC  "C1'" N1     sing N N 70  
DC  "C1'" "H1'"  sing N N 71  
DC  N1    C2     sing N N 72  
DC  N1    C6     sing N N 73  
DC  C2    O2     doub N N 74  
DC  C2    N3     sing N N 75  
DC  N3    C4     doub N N 76  
DC  C4    N4     sing N N 77  
DC  C4    C5     sing N N 78  
DC  N4    H41    sing N N 79  
DC  N4    H42    sing N N 80  
DC  C5    C6     doub N N 81  
DC  C5    H5     sing N N 82  
DC  C6    H6     sing N N 83  
DG  OP3   P      sing N N 84  
DG  OP3   HOP3   sing N N 85  
DG  P     OP1    doub N N 86  
DG  P     OP2    sing N N 87  
DG  P     "O5'"  sing N N 88  
DG  OP2   HOP2   sing N N 89  
DG  "O5'" "C5'"  sing N N 90  
DG  "C5'" "C4'"  sing N N 91  
DG  "C5'" "H5'"  sing N N 92  
DG  "C5'" "H5''" sing N N 93  
DG  "C4'" "O4'"  sing N N 94  
DG  "C4'" "C3'"  sing N N 95  
DG  "C4'" "H4'"  sing N N 96  
DG  "O4'" "C1'"  sing N N 97  
DG  "C3'" "O3'"  sing N N 98  
DG  "C3'" "C2'"  sing N N 99  
DG  "C3'" "H3'"  sing N N 100 
DG  "O3'" "HO3'" sing N N 101 
DG  "C2'" "C1'"  sing N N 102 
DG  "C2'" "H2'"  sing N N 103 
DG  "C2'" "H2''" sing N N 104 
DG  "C1'" N9     sing N N 105 
DG  "C1'" "H1'"  sing N N 106 
DG  N9    C8     sing Y N 107 
DG  N9    C4     sing Y N 108 
DG  C8    N7     doub Y N 109 
DG  C8    H8     sing N N 110 
DG  N7    C5     sing Y N 111 
DG  C5    C6     sing N N 112 
DG  C5    C4     doub Y N 113 
DG  C6    O6     doub N N 114 
DG  C6    N1     sing N N 115 
DG  N1    C2     sing N N 116 
DG  N1    H1     sing N N 117 
DG  C2    N2     sing N N 118 
DG  C2    N3     doub N N 119 
DG  N2    H21    sing N N 120 
DG  N2    H22    sing N N 121 
DG  N3    C4     sing N N 122 
DT  OP3   P      sing N N 123 
DT  OP3   HOP3   sing N N 124 
DT  P     OP1    doub N N 125 
DT  P     OP2    sing N N 126 
DT  P     "O5'"  sing N N 127 
DT  OP2   HOP2   sing N N 128 
DT  "O5'" "C5'"  sing N N 129 
DT  "C5'" "C4'"  sing N N 130 
DT  "C5'" "H5'"  sing N N 131 
DT  "C5'" "H5''" sing N N 132 
DT  "C4'" "O4'"  sing N N 133 
DT  "C4'" "C3'"  sing N N 134 
DT  "C4'" "H4'"  sing N N 135 
DT  "O4'" "C1'"  sing N N 136 
DT  "C3'" "O3'"  sing N N 137 
DT  "C3'" "C2'"  sing N N 138 
DT  "C3'" "H3'"  sing N N 139 
DT  "O3'" "HO3'" sing N N 140 
DT  "C2'" "C1'"  sing N N 141 
DT  "C2'" "H2'"  sing N N 142 
DT  "C2'" "H2''" sing N N 143 
DT  "C1'" N1     sing N N 144 
DT  "C1'" "H1'"  sing N N 145 
DT  N1    C2     sing N N 146 
DT  N1    C6     sing N N 147 
DT  C2    O2     doub N N 148 
DT  C2    N3     sing N N 149 
DT  N3    C4     sing N N 150 
DT  N3    H3     sing N N 151 
DT  C4    O4     doub N N 152 
DT  C4    C5     sing N N 153 
DT  C5    C7     sing N N 154 
DT  C5    C6     doub N N 155 
DT  C7    H71    sing N N 156 
DT  C7    H72    sing N N 157 
DT  C7    H73    sing N N 158 
DT  C6    H6     sing N N 159 
# 
loop_
_ndb_struct_conf_na.entry_id 
_ndb_struct_conf_na.feature 
7JLA 'double helix'        
7JLA 'b-form double helix' 
# 
loop_
_ndb_struct_na_base_pair.model_number 
_ndb_struct_na_base_pair.i_label_asym_id 
_ndb_struct_na_base_pair.i_label_comp_id 
_ndb_struct_na_base_pair.i_label_seq_id 
_ndb_struct_na_base_pair.i_symmetry 
_ndb_struct_na_base_pair.j_label_asym_id 
_ndb_struct_na_base_pair.j_label_comp_id 
_ndb_struct_na_base_pair.j_label_seq_id 
_ndb_struct_na_base_pair.j_symmetry 
_ndb_struct_na_base_pair.shear 
_ndb_struct_na_base_pair.stretch 
_ndb_struct_na_base_pair.stagger 
_ndb_struct_na_base_pair.buckle 
_ndb_struct_na_base_pair.propeller 
_ndb_struct_na_base_pair.opening 
_ndb_struct_na_base_pair.pair_number 
_ndb_struct_na_base_pair.pair_name 
_ndb_struct_na_base_pair.i_auth_asym_id 
_ndb_struct_na_base_pair.i_auth_seq_id 
_ndb_struct_na_base_pair.i_PDB_ins_code 
_ndb_struct_na_base_pair.j_auth_asym_id 
_ndb_struct_na_base_pair.j_auth_seq_id 
_ndb_struct_na_base_pair.j_PDB_ins_code 
_ndb_struct_na_base_pair.hbond_type_28 
_ndb_struct_na_base_pair.hbond_type_12 
1 A DA 3  1_555 C DT 7 1_555 0.125  0.202  0.275  2.536   -12.931 6.692   1  B_DA9:DT42_D  B 9  ? D 42 ? 20 1 
1 A DC 4  1_555 C DG 6 1_555 -0.926 0.271  -0.165 -1.727  -10.560 -1.043  2  B_DC10:DG41_D B 10 ? D 41 ? 19 1 
1 A DG 5  1_555 C DC 5 1_555 0.385  0.213  -0.156 -2.527  -12.703 5.924   3  B_DG11:DC40_D B 11 ? D 40 ? 19 1 
1 A DA 6  1_555 C DT 4 1_555 0.198  -0.242 -0.399 4.970   -12.150 -5.337  4  B_DA12:DT39_D B 12 ? D 39 ? 20 1 
1 A DC 7  1_555 C DG 3 1_555 -0.789 0.095  0.007  9.526   -11.937 1.010   5  B_DC13:DG38_D B 13 ? D 38 ? 19 1 
1 A DA 8  1_555 C DT 2 1_555 -0.443 0.072  0.139  -6.653  -14.577 -2.926  6  B_DA14:DT37_D B 14 ? D 37 ? 20 1 
1 A DG 9  1_555 C DC 1 1_555 -0.083 -0.022 0.301  -12.109 -15.180 -8.154  7  B_DG15:DC36_D B 15 ? D 36 ? 19 1 
1 A DT 10 1_555 D DA 6 1_555 -1.885 0.233  0.398  -7.754  -13.768 0.079   8  B_DT16:DA6_A  B 16 ? A 6  ? 20 1 
1 A DG 11 1_555 D DC 5 1_555 -0.104 -0.229 0.241  -1.886  -7.897  1.902   9  B_DG17:DC5_A  B 17 ? A 5  ? 19 1 
1 A DA 12 1_555 D DT 4 1_555 0.212  -0.156 0.333  -0.112  -8.695  -2.035  10 B_DA18:DT4_A  B 18 ? A 4  ? 20 1 
1 A DC 13 1_555 D DG 3 1_555 0.181  -0.253 0.104  -2.407  -6.971  -0.642  11 B_DC19:DG3_A  B 19 ? A 3  ? 19 1 
1 A DG 14 1_555 D DC 2 1_555 -0.211 -0.441 0.089  3.544   -12.581 -2.261  12 B_DG20:DC2_A  B 20 ? A 2  ? 19 1 
1 A DC 15 1_555 D DG 1 1_555 -0.333 -0.178 0.458  -0.708  -14.160 -11.147 13 B_DC21:DG1_A  B 21 ? A 1  ? 19 1 
1 A DC 16 1_555 B DG 8 1_555 -0.795 -0.043 0.458  -4.777  -10.571 -1.469  14 B_DC22:DG35_C B 22 ? C 35 ? 19 1 
1 A DG 17 1_555 B DC 7 1_555 0.585  -0.134 0.583  3.495   -10.032 -4.793  15 B_DG23:DC34_C B 23 ? C 34 ? 19 1 
1 A DA 18 1_555 B DT 6 1_555 0.319  -0.286 0.389  4.015   -5.478  -0.565  16 B_DA24:DT33_C B 24 ? C 33 ? 20 1 
1 A DC 19 1_555 B DG 5 1_555 0.486  -0.265 -0.234 9.575   -3.236  4.423   17 B_DC25:DG32_C B 25 ? C 32 ? 19 1 
1 A DT 20 1_555 B DA 4 1_555 -0.945 0.216  -1.027 17.230  -4.071  -6.344  18 B_DT26:DA31_C B 26 ? C 31 ? 20 1 
1 A DC 21 1_555 B DG 3 1_555 0.393  0.081  -0.968 24.838  -14.578 10.117  19 B_DC27:DG30_C B 27 ? C 30 ? 19 1 
# 
loop_
_ndb_struct_na_base_pair_step.model_number 
_ndb_struct_na_base_pair_step.i_label_asym_id_1 
_ndb_struct_na_base_pair_step.i_label_comp_id_1 
_ndb_struct_na_base_pair_step.i_label_seq_id_1 
_ndb_struct_na_base_pair_step.i_symmetry_1 
_ndb_struct_na_base_pair_step.j_label_asym_id_1 
_ndb_struct_na_base_pair_step.j_label_comp_id_1 
_ndb_struct_na_base_pair_step.j_label_seq_id_1 
_ndb_struct_na_base_pair_step.j_symmetry_1 
_ndb_struct_na_base_pair_step.i_label_asym_id_2 
_ndb_struct_na_base_pair_step.i_label_comp_id_2 
_ndb_struct_na_base_pair_step.i_label_seq_id_2 
_ndb_struct_na_base_pair_step.i_symmetry_2 
_ndb_struct_na_base_pair_step.j_label_asym_id_2 
_ndb_struct_na_base_pair_step.j_label_comp_id_2 
_ndb_struct_na_base_pair_step.j_label_seq_id_2 
_ndb_struct_na_base_pair_step.j_symmetry_2 
_ndb_struct_na_base_pair_step.shift 
_ndb_struct_na_base_pair_step.slide 
_ndb_struct_na_base_pair_step.rise 
_ndb_struct_na_base_pair_step.tilt 
_ndb_struct_na_base_pair_step.roll 
_ndb_struct_na_base_pair_step.twist 
_ndb_struct_na_base_pair_step.x_displacement 
_ndb_struct_na_base_pair_step.y_displacement 
_ndb_struct_na_base_pair_step.helical_rise 
_ndb_struct_na_base_pair_step.inclination 
_ndb_struct_na_base_pair_step.tip 
_ndb_struct_na_base_pair_step.helical_twist 
_ndb_struct_na_base_pair_step.step_number 
_ndb_struct_na_base_pair_step.step_name 
_ndb_struct_na_base_pair_step.i_auth_asym_id_1 
_ndb_struct_na_base_pair_step.i_auth_seq_id_1 
_ndb_struct_na_base_pair_step.i_PDB_ins_code_1 
_ndb_struct_na_base_pair_step.j_auth_asym_id_1 
_ndb_struct_na_base_pair_step.j_auth_seq_id_1 
_ndb_struct_na_base_pair_step.j_PDB_ins_code_1 
_ndb_struct_na_base_pair_step.i_auth_asym_id_2 
_ndb_struct_na_base_pair_step.i_auth_seq_id_2 
_ndb_struct_na_base_pair_step.i_PDB_ins_code_2 
_ndb_struct_na_base_pair_step.j_auth_asym_id_2 
_ndb_struct_na_base_pair_step.j_auth_seq_id_2 
_ndb_struct_na_base_pair_step.j_PDB_ins_code_2 
1 A DA 3  1_555 C DT 7 1_555 A DC 4  1_555 C DG 6 1_555 -0.427 -0.621 3.274 1.261  1.296  28.953 -1.524 1.129  3.223 2.590  -2.519 
29.008 1  BB_DA9DC10:DG41DT42_DD  B 9  ? D 42 ? B 10 ? D 41 ? 
1 A DC 4  1_555 C DG 6 1_555 A DG 5  1_555 C DC 5 1_555 0.308  0.584  3.693 -0.578 2.480  36.274 0.544  -0.585 3.718 3.978  0.926 
36.360 2  BB_DC10DG11:DC40DG41_DD B 10 ? D 41 ? B 11 ? D 40 ? 
1 A DG 5  1_555 C DC 5 1_555 A DA 6  1_555 C DT 4 1_555 -0.807 0.477  3.152 -0.157 3.645  38.352 0.284  1.205  3.186 5.534  0.238 
38.519 3  BB_DG11DA12:DT39DC40_DD B 11 ? D 40 ? B 12 ? D 39 ? 
1 A DA 6  1_555 C DT 4 1_555 A DC 7  1_555 C DG 3 1_555 0.408  -0.606 3.155 -2.137 -0.905 29.136 -1.013 -1.254 3.134 -1.795 4.240 
29.227 4  BB_DA12DC13:DG38DT39_DD B 12 ? D 39 ? B 13 ? D 38 ? 
1 A DC 7  1_555 C DG 3 1_555 A DA 8  1_555 C DT 2 1_555 0.188  -1.074 3.619 -0.696 -2.666 38.738 -1.253 -0.378 3.678 -4.012 1.048 
38.832 5  BB_DC13DA14:DT37DG38_DD B 13 ? D 38 ? B 14 ? D 37 ? 
1 A DA 8  1_555 C DT 2 1_555 A DG 9  1_555 C DC 1 1_555 -0.007 -0.747 3.372 -5.592 0.777  40.588 -1.155 -0.619 3.330 1.114  8.015 
40.962 6  BB_DA14DG15:DC36DT37_DD B 14 ? D 37 ? B 15 ? D 36 ? 
1 A DG 9  1_555 C DC 1 1_555 A DT 10 1_555 D DA 6 1_555 -0.839 -1.496 2.975 -2.742 4.654  19.113 -6.264 1.299  2.632 13.667 8.051 
19.854 7  BB_DG15DT16:DA6DC36_AD  B 15 ? D 36 ? B 16 ? A 6  ? 
1 A DT 10 1_555 D DA 6 1_555 A DG 11 1_555 D DC 5 1_555 -0.527 0.413  3.282 -1.746 6.465  41.486 -0.107 0.551  3.326 9.055  2.446 
42.000 8  BB_DT16DG17:DC5DA6_AA   B 16 ? A 6  ? B 17 ? A 5  ? 
1 A DG 11 1_555 D DC 5 1_555 A DA 12 1_555 D DT 4 1_555 -0.567 0.059  3.157 -2.748 2.073  38.049 -0.163 0.530  3.188 3.172  4.204 
38.198 9  BB_DG17DA18:DT4DC5_AA   B 17 ? A 5  ? B 18 ? A 4  ? 
1 A DA 12 1_555 D DT 4 1_555 A DC 13 1_555 D DG 3 1_555 0.476  -0.914 3.405 0.750  -1.180 32.370 -1.420 -0.714 3.445 -2.116 -1.344 
32.399 10 BB_DA18DC19:DG3DT4_AA   B 18 ? A 4  ? B 19 ? A 3  ? 
1 A DC 13 1_555 D DG 3 1_555 A DG 14 1_555 D DC 2 1_555 -0.081 -0.204 3.353 -2.854 3.000  29.814 -1.021 -0.441 3.310 5.795  5.514 
30.094 11 BB_DC19DG20:DC2DG3_AA   B 19 ? A 3  ? B 20 ? A 2  ? 
1 A DG 14 1_555 D DC 2 1_555 A DC 15 1_555 D DG 1 1_555 0.205  -1.182 3.290 -4.707 0.481  34.855 -2.028 -1.042 3.220 0.799  7.813 
35.165 12 BB_DG20DC21:DG1DC2_AA   B 20 ? A 2  ? B 21 ? A 1  ? 
1 A DC 15 1_555 D DG 1 1_555 A DC 16 1_555 B DG 8 1_555 -0.564 -1.712 3.160 -1.042 4.703  26.475 -4.796 0.964  2.838 10.163 2.251 
26.902 13 BB_DC21DC22:DG35DG1_CA  B 21 ? A 1  ? B 22 ? C 35 ? 
1 A DC 16 1_555 B DG 8 1_555 A DG 17 1_555 B DC 7 1_555 -0.685 0.236  3.332 -2.187 5.228  40.252 -0.258 0.737  3.366 7.552  3.159 
40.633 14 BB_DC22DG23:DC34DG35_CC B 22 ? C 35 ? B 23 ? C 34 ? 
1 A DG 17 1_555 B DC 7 1_555 A DA 18 1_555 B DT 6 1_555 0.008  -0.416 3.191 1.111  3.036  34.466 -1.152 0.153  3.143 5.110  -1.869 
34.613 15 BB_DG23DA24:DT33DC34_CC B 23 ? C 34 ? B 24 ? C 33 ? 
1 A DA 18 1_555 B DT 6 1_555 A DC 19 1_555 B DG 5 1_555 0.621  -0.889 3.098 3.538  1.945  34.227 -1.788 -0.525 3.091 3.290  -5.985 
34.457 16 BB_DA24DC25:DG32DT33_CC B 24 ? C 33 ? B 25 ? C 32 ? 
1 A DC 19 1_555 B DG 5 1_555 A DT 20 1_555 B DA 4 1_555 -0.451 -0.704 2.987 6.990  5.662  28.289 -2.422 2.175  2.616 11.232 
-13.866 29.657 17 BB_DC25DT26:DA31DG32_CC B 25 ? C 32 ? B 26 ? C 31 ? 
1 A DT 20 1_555 B DA 4 1_555 A DC 21 1_555 B DG 3 1_555 0.967  0.822  3.418 5.640  6.049  34.474 0.382  -0.686 3.615 10.028 -9.350 
35.423 18 BB_DT26DC27:DG30DA31_CC B 26 ? C 31 ? B 27 ? C 30 ? 
# 
loop_
_pdbx_audit_support.funding_organization 
_pdbx_audit_support.country 
_pdbx_audit_support.grant_number 
_pdbx_audit_support.ordinal 
'National Science Foundation (NSF, United States)'                                         'United States' 1360635     1 
'National Institutes of Health/National Institute of General Medical Sciences (NIH/NIGMS)' 'United States' R01GM104960 2 
'National Science Foundation (NSF, United States)'                                         'United States' NSF2004250  3 
# 
_pdbx_entity_nonpoly.entity_id   5 
_pdbx_entity_nonpoly.name        'CACODYLATE ION' 
_pdbx_entity_nonpoly.comp_id     CAC 
# 
_pdbx_initial_refinement_model.id               1 
_pdbx_initial_refinement_model.entity_id_list   ? 
_pdbx_initial_refinement_model.type             'experimental model' 
_pdbx_initial_refinement_model.source_name      PDB 
_pdbx_initial_refinement_model.accession_code   5VY6 
_pdbx_initial_refinement_model.details          ? 
# 
_pdbx_struct_assembly_auth_evidence.id                     1 
_pdbx_struct_assembly_auth_evidence.assembly_id            1 
_pdbx_struct_assembly_auth_evidence.experimental_support   none 
_pdbx_struct_assembly_auth_evidence.details                ? 
# 
